data_1OXR
# 
_entry.id   1OXR 
# 
_audit_conform.dict_name       mmcif_pdbx.dic 
_audit_conform.dict_version    5.397 
_audit_conform.dict_location   http://mmcif.pdb.org/dictionaries/ascii/mmcif_pdbx.dic 
# 
loop_
_database_2.database_id 
_database_2.database_code 
_database_2.pdbx_database_accession 
_database_2.pdbx_DOI 
PDB   1OXR         pdb_00001oxr 10.2210/pdb1oxr/pdb 
RCSB  RCSB018779   ?            ?                   
WWPDB D_1000018779 ?            ?                   
# 
loop_
_pdbx_audit_revision_history.ordinal 
_pdbx_audit_revision_history.data_content_type 
_pdbx_audit_revision_history.major_revision 
_pdbx_audit_revision_history.minor_revision 
_pdbx_audit_revision_history.revision_date 
1 'Structure model' 1 0 2004-04-27 
2 'Structure model' 1 1 2008-04-29 
3 'Structure model' 1 2 2011-07-13 
4 'Structure model' 1 3 2017-10-11 
5 'Structure model' 1 4 2023-08-16 
6 'Structure model' 1 5 2024-10-30 
# 
_pdbx_audit_revision_details.ordinal             1 
_pdbx_audit_revision_details.revision_ordinal    1 
_pdbx_audit_revision_details.data_content_type   'Structure model' 
_pdbx_audit_revision_details.provider            repository 
_pdbx_audit_revision_details.type                'Initial release' 
_pdbx_audit_revision_details.description         ? 
_pdbx_audit_revision_details.details             ? 
# 
loop_
_pdbx_audit_revision_group.ordinal 
_pdbx_audit_revision_group.revision_ordinal 
_pdbx_audit_revision_group.data_content_type 
_pdbx_audit_revision_group.group 
1 2 'Structure model' 'Version format compliance' 
2 3 'Structure model' 'Version format compliance' 
3 4 'Structure model' 'Refinement description'    
4 5 'Structure model' 'Data collection'           
5 5 'Structure model' 'Database references'       
6 5 'Structure model' 'Derived calculations'      
7 5 'Structure model' 'Refinement description'    
8 5 'Structure model' 'Structure summary'         
9 6 'Structure model' 'Structure summary'         
# 
loop_
_pdbx_audit_revision_category.ordinal 
_pdbx_audit_revision_category.revision_ordinal 
_pdbx_audit_revision_category.data_content_type 
_pdbx_audit_revision_category.category 
1  4 'Structure model' software                      
2  5 'Structure model' chem_comp                     
3  5 'Structure model' chem_comp_atom                
4  5 'Structure model' chem_comp_bond                
5  5 'Structure model' database_2                    
6  5 'Structure model' pdbx_initial_refinement_model 
7  5 'Structure model' pdbx_struct_conn_angle        
8  5 'Structure model' struct_conn                   
9  5 'Structure model' struct_site                   
10 6 'Structure model' pdbx_entry_details            
11 6 'Structure model' pdbx_modification_feature     
# 
loop_
_pdbx_audit_revision_item.ordinal 
_pdbx_audit_revision_item.revision_ordinal 
_pdbx_audit_revision_item.data_content_type 
_pdbx_audit_revision_item.item 
1  4 'Structure model' '_software.classification'                    
2  4 'Structure model' '_software.name'                              
3  5 'Structure model' '_chem_comp.pdbx_synonyms'                    
4  5 'Structure model' '_database_2.pdbx_DOI'                        
5  5 'Structure model' '_database_2.pdbx_database_accession'         
6  5 'Structure model' '_pdbx_struct_conn_angle.ptnr1_auth_comp_id'  
7  5 'Structure model' '_pdbx_struct_conn_angle.ptnr1_auth_seq_id'   
8  5 'Structure model' '_pdbx_struct_conn_angle.ptnr1_label_comp_id' 
9  5 'Structure model' '_pdbx_struct_conn_angle.ptnr1_label_seq_id'  
10 5 'Structure model' '_pdbx_struct_conn_angle.ptnr3_auth_comp_id'  
11 5 'Structure model' '_pdbx_struct_conn_angle.ptnr3_auth_seq_id'   
12 5 'Structure model' '_pdbx_struct_conn_angle.ptnr3_label_comp_id' 
13 5 'Structure model' '_pdbx_struct_conn_angle.ptnr3_label_seq_id'  
14 5 'Structure model' '_pdbx_struct_conn_angle.value'               
15 5 'Structure model' '_struct_conn.pdbx_dist_value'                
16 5 'Structure model' '_struct_conn.ptnr1_auth_comp_id'             
17 5 'Structure model' '_struct_conn.ptnr1_auth_seq_id'              
18 5 'Structure model' '_struct_conn.ptnr1_label_asym_id'            
19 5 'Structure model' '_struct_conn.ptnr1_label_atom_id'            
20 5 'Structure model' '_struct_conn.ptnr1_label_comp_id'            
21 5 'Structure model' '_struct_conn.ptnr1_label_seq_id'             
22 5 'Structure model' '_struct_conn.ptnr2_auth_comp_id'             
23 5 'Structure model' '_struct_conn.ptnr2_auth_seq_id'              
24 5 'Structure model' '_struct_conn.ptnr2_label_asym_id'            
25 5 'Structure model' '_struct_conn.ptnr2_label_atom_id'            
26 5 'Structure model' '_struct_conn.ptnr2_label_comp_id'            
27 5 'Structure model' '_struct_conn.ptnr2_label_seq_id'             
28 5 'Structure model' '_struct_site.pdbx_auth_asym_id'              
29 5 'Structure model' '_struct_site.pdbx_auth_comp_id'              
30 5 'Structure model' '_struct_site.pdbx_auth_seq_id'               
# 
_pdbx_database_status.status_code                     REL 
_pdbx_database_status.entry_id                        1OXR 
_pdbx_database_status.recvd_initial_deposition_date   2003-04-03 
_pdbx_database_status.deposit_site                    RCSB 
_pdbx_database_status.process_site                    RCSB 
_pdbx_database_status.status_code_sf                  ? 
_pdbx_database_status.status_code_mr                  ? 
_pdbx_database_status.SG_entry                        ? 
_pdbx_database_status.pdb_format_compatible           Y 
_pdbx_database_status.status_code_cs                  ? 
_pdbx_database_status.methods_development_category    ? 
_pdbx_database_status.status_code_nmr_data            ? 
# 
loop_
_pdbx_database_related.db_name 
_pdbx_database_related.db_id 
_pdbx_database_related.details 
_pdbx_database_related.content_type 
PDB 1LFF 'CRYSTAL STRUCTURE OF AN ACIDIC PHOSPHOLIPASE A2 FROM NAJA NAJA SAGITTIFERA AT 1.5 A RESOLUTION'        unspecified 
PDB 1LN8 'CRYSTAL STRUCTURE OF A NEW ISOFORM OF PHOSPHOLIPASE A2 FROM NAJA NAJA SAGITTIFERA AT 1.6 A RESOLUTION' unspecified 
# 
loop_
_audit_author.name 
_audit_author.pdbx_ordinal 
'Singh, R.K.'        1 
'Ethayathulla, A.S.' 2 
'Jabeen, T.'         3 
'Sharma, S.'         4 
'Kaur, P.'           5 
'Srinivasan, A.'     6 
'Singh, T.P.'        7 
# 
_citation.id                        primary 
_citation.title                     
;Aspirin induces its anti-inflammatory effects through its specific binding to phospholipase A2: crystal structure of the complex formed between phospholipase A2 and aspirin at 1.9 angstroms resolution.
;
_citation.journal_abbrev            'J.Drug Target.' 
_citation.journal_volume            13 
_citation.page_first                113 
_citation.page_last                 119 
_citation.year                      2005 
_citation.journal_id_ASTM           ? 
_citation.country                   UK 
_citation.journal_id_ISSN           1061-186X 
_citation.journal_id_CSD            ? 
_citation.book_publisher            ? 
_citation.pdbx_database_id_PubMed   15823962 
_citation.pdbx_database_id_DOI      10.1080/10611860400024078 
# 
loop_
_citation_author.citation_id 
_citation_author.name 
_citation_author.ordinal 
_citation_author.identifier_ORCID 
primary 'Singh, R.K.'        1 ? 
primary 'Ethayathulla, A.S.' 2 ? 
primary 'Jabeen, T.'         3 ? 
primary 'Sharma, S.'         4 ? 
primary 'Kaur, P.'           5 ? 
primary 'Singh, T.P.'        6 ? 
# 
loop_
_entity.id 
_entity.type 
_entity.src_method 
_entity.pdbx_description 
_entity.formula_weight 
_entity.pdbx_number_of_molecules 
_entity.pdbx_ec 
_entity.pdbx_mutation 
_entity.pdbx_fragment 
_entity.details 
1 polymer     nat 'Phospholipase A2 isoform 3' 13183.592 1   3.1.1.4 ? ? ? 
2 non-polymer syn '2-(ACETYLOXY)BENZOIC ACID'  180.157   1   ?       ? ? ? 
3 non-polymer syn 'CALCIUM ION'                40.078    1   ?       ? ? ? 
4 water       nat water                        18.015    105 ?       ? ? ? 
# 
_entity_name_com.entity_id   1 
_entity_name_com.name        'Phosphatidylcholine 2-acylhydrolase' 
# 
_entity_poly.entity_id                      1 
_entity_poly.type                           'polypeptide(L)' 
_entity_poly.nstd_linkage                   no 
_entity_poly.nstd_monomer                   no 
_entity_poly.pdbx_seq_one_letter_code       
;NLYQFKNMIQCTVPSRSWQDFADYGCYCGKGGSGTPVDDLDRCCQVHDNCYNEAENISGCRPYFKTYSYECTQGTLTCKG
DNNACAASVCDCDRLAAICFAGAPYNDANYNIDLKARCN
;
_entity_poly.pdbx_seq_one_letter_code_can   
;NLYQFKNMIQCTVPSRSWQDFADYGCYCGKGGSGTPVDDLDRCCQVHDNCYNEAENISGCRPYFKTYSYECTQGTLTCKG
DNNACAASVCDCDRLAAICFAGAPYNDANYNIDLKARCN
;
_entity_poly.pdbx_strand_id                 A 
_entity_poly.pdbx_target_identifier         ? 
# 
loop_
_pdbx_entity_nonpoly.entity_id 
_pdbx_entity_nonpoly.name 
_pdbx_entity_nonpoly.comp_id 
2 '2-(ACETYLOXY)BENZOIC ACID' AIN 
3 'CALCIUM ION'               CA  
4 water                       HOH 
# 
loop_
_entity_poly_seq.entity_id 
_entity_poly_seq.num 
_entity_poly_seq.mon_id 
_entity_poly_seq.hetero 
1 1   ASN n 
1 2   LEU n 
1 3   TYR n 
1 4   GLN n 
1 5   PHE n 
1 6   LYS n 
1 7   ASN n 
1 8   MET n 
1 9   ILE n 
1 10  GLN n 
1 11  CYS n 
1 12  THR n 
1 13  VAL n 
1 14  PRO n 
1 15  SER n 
1 16  ARG n 
1 17  SER n 
1 18  TRP n 
1 19  GLN n 
1 20  ASP n 
1 21  PHE n 
1 22  ALA n 
1 23  ASP n 
1 24  TYR n 
1 25  GLY n 
1 26  CYS n 
1 27  TYR n 
1 28  CYS n 
1 29  GLY n 
1 30  LYS n 
1 31  GLY n 
1 32  GLY n 
1 33  SER n 
1 34  GLY n 
1 35  THR n 
1 36  PRO n 
1 37  VAL n 
1 38  ASP n 
1 39  ASP n 
1 40  LEU n 
1 41  ASP n 
1 42  ARG n 
1 43  CYS n 
1 44  CYS n 
1 45  GLN n 
1 46  VAL n 
1 47  HIS n 
1 48  ASP n 
1 49  ASN n 
1 50  CYS n 
1 51  TYR n 
1 52  ASN n 
1 53  GLU n 
1 54  ALA n 
1 55  GLU n 
1 56  ASN n 
1 57  ILE n 
1 58  SER n 
1 59  GLY n 
1 60  CYS n 
1 61  ARG n 
1 62  PRO n 
1 63  TYR n 
1 64  PHE n 
1 65  LYS n 
1 66  THR n 
1 67  TYR n 
1 68  SER n 
1 69  TYR n 
1 70  GLU n 
1 71  CYS n 
1 72  THR n 
1 73  GLN n 
1 74  GLY n 
1 75  THR n 
1 76  LEU n 
1 77  THR n 
1 78  CYS n 
1 79  LYS n 
1 80  GLY n 
1 81  ASP n 
1 82  ASN n 
1 83  ASN n 
1 84  ALA n 
1 85  CYS n 
1 86  ALA n 
1 87  ALA n 
1 88  SER n 
1 89  VAL n 
1 90  CYS n 
1 91  ASP n 
1 92  CYS n 
1 93  ASP n 
1 94  ARG n 
1 95  LEU n 
1 96  ALA n 
1 97  ALA n 
1 98  ILE n 
1 99  CYS n 
1 100 PHE n 
1 101 ALA n 
1 102 GLY n 
1 103 ALA n 
1 104 PRO n 
1 105 TYR n 
1 106 ASN n 
1 107 ASP n 
1 108 ALA n 
1 109 ASN n 
1 110 TYR n 
1 111 ASN n 
1 112 ILE n 
1 113 ASP n 
1 114 LEU n 
1 115 LYS n 
1 116 ALA n 
1 117 ARG n 
1 118 CYS n 
1 119 ASN n 
# 
_entity_src_nat.entity_id                  1 
_entity_src_nat.pdbx_src_id                1 
_entity_src_nat.pdbx_alt_source_flag       sample 
_entity_src_nat.pdbx_beg_seq_num           ? 
_entity_src_nat.pdbx_end_seq_num           ? 
_entity_src_nat.common_name                ? 
_entity_src_nat.pdbx_organism_scientific   'Naja sagittifera' 
_entity_src_nat.pdbx_ncbi_taxonomy_id      195058 
_entity_src_nat.genus                      Naja 
_entity_src_nat.species                    ? 
_entity_src_nat.strain                     ? 
_entity_src_nat.tissue                     ? 
_entity_src_nat.tissue_fraction            ? 
_entity_src_nat.pdbx_secretion             VENOM 
_entity_src_nat.pdbx_fragment              ? 
_entity_src_nat.pdbx_variant               ? 
_entity_src_nat.pdbx_cell_line             ? 
_entity_src_nat.pdbx_atcc                  ? 
_entity_src_nat.pdbx_cellular_location     ? 
_entity_src_nat.pdbx_organ                 ? 
_entity_src_nat.pdbx_organelle             ? 
_entity_src_nat.pdbx_cell                  ? 
_entity_src_nat.pdbx_plasmid_name          ? 
_entity_src_nat.pdbx_plasmid_details       ? 
_entity_src_nat.details                    ? 
# 
loop_
_chem_comp.id 
_chem_comp.type 
_chem_comp.mon_nstd_flag 
_chem_comp.name 
_chem_comp.pdbx_synonyms 
_chem_comp.formula 
_chem_comp.formula_weight 
AIN non-polymer         . '2-(ACETYLOXY)BENZOIC ACID' 'ACETYLSALICYLIC ACID; ASPIRIN' 'C9 H8 O4'       180.157 
ALA 'L-peptide linking' y ALANINE                     ?                               'C3 H7 N O2'     89.093  
ARG 'L-peptide linking' y ARGININE                    ?                               'C6 H15 N4 O2 1' 175.209 
ASN 'L-peptide linking' y ASPARAGINE                  ?                               'C4 H8 N2 O3'    132.118 
ASP 'L-peptide linking' y 'ASPARTIC ACID'             ?                               'C4 H7 N O4'     133.103 
CA  non-polymer         . 'CALCIUM ION'               ?                               'Ca 2'           40.078  
CYS 'L-peptide linking' y CYSTEINE                    ?                               'C3 H7 N O2 S'   121.158 
GLN 'L-peptide linking' y GLUTAMINE                   ?                               'C5 H10 N2 O3'   146.144 
GLU 'L-peptide linking' y 'GLUTAMIC ACID'             ?                               'C5 H9 N O4'     147.129 
GLY 'peptide linking'   y GLYCINE                     ?                               'C2 H5 N O2'     75.067  
HIS 'L-peptide linking' y HISTIDINE                   ?                               'C6 H10 N3 O2 1' 156.162 
HOH non-polymer         . WATER                       ?                               'H2 O'           18.015  
ILE 'L-peptide linking' y ISOLEUCINE                  ?                               'C6 H13 N O2'    131.173 
LEU 'L-peptide linking' y LEUCINE                     ?                               'C6 H13 N O2'    131.173 
LYS 'L-peptide linking' y LYSINE                      ?                               'C6 H15 N2 O2 1' 147.195 
MET 'L-peptide linking' y METHIONINE                  ?                               'C5 H11 N O2 S'  149.211 
PHE 'L-peptide linking' y PHENYLALANINE               ?                               'C9 H11 N O2'    165.189 
PRO 'L-peptide linking' y PROLINE                     ?                               'C5 H9 N O2'     115.130 
SER 'L-peptide linking' y SERINE                      ?                               'C3 H7 N O3'     105.093 
THR 'L-peptide linking' y THREONINE                   ?                               'C4 H9 N O3'     119.119 
TRP 'L-peptide linking' y TRYPTOPHAN                  ?                               'C11 H12 N2 O2'  204.225 
TYR 'L-peptide linking' y TYROSINE                    ?                               'C9 H11 N O3'    181.189 
VAL 'L-peptide linking' y VALINE                      ?                               'C5 H11 N O2'    117.146 
# 
loop_
_pdbx_poly_seq_scheme.asym_id 
_pdbx_poly_seq_scheme.entity_id 
_pdbx_poly_seq_scheme.seq_id 
_pdbx_poly_seq_scheme.mon_id 
_pdbx_poly_seq_scheme.ndb_seq_num 
_pdbx_poly_seq_scheme.pdb_seq_num 
_pdbx_poly_seq_scheme.auth_seq_num 
_pdbx_poly_seq_scheme.pdb_mon_id 
_pdbx_poly_seq_scheme.auth_mon_id 
_pdbx_poly_seq_scheme.pdb_strand_id 
_pdbx_poly_seq_scheme.pdb_ins_code 
_pdbx_poly_seq_scheme.hetero 
A 1 1   ASN 1   1   1   ASN ASN A . n 
A 1 2   LEU 2   2   2   LEU LEU A . n 
A 1 3   TYR 3   3   3   TYR TYR A . n 
A 1 4   GLN 4   4   4   GLN GLN A . n 
A 1 5   PHE 5   5   5   PHE PHE A . n 
A 1 6   LYS 6   6   6   LYS LYS A . n 
A 1 7   ASN 7   7   7   ASN ASN A . n 
A 1 8   MET 8   8   8   MET MET A . n 
A 1 9   ILE 9   9   9   ILE ILE A . n 
A 1 10  GLN 10  10  10  GLN GLN A . n 
A 1 11  CYS 11  11  11  CYS CYS A . n 
A 1 12  THR 12  12  12  THR THR A . n 
A 1 13  VAL 13  13  13  VAL VAL A . n 
A 1 14  PRO 14  14  14  PRO PRO A . n 
A 1 15  SER 15  15  15  SER SER A . n 
A 1 16  ARG 16  17  17  ARG ARG A . n 
A 1 17  SER 17  18  18  SER SER A . n 
A 1 18  TRP 18  19  19  TRP TRP A . n 
A 1 19  GLN 19  20  20  GLN GLN A . n 
A 1 20  ASP 20  21  21  ASP ASP A . n 
A 1 21  PHE 21  22  22  PHE PHE A . n 
A 1 22  ALA 22  23  23  ALA ALA A . n 
A 1 23  ASP 23  24  24  ASP ASP A . n 
A 1 24  TYR 24  25  25  TYR TYR A . n 
A 1 25  GLY 25  26  26  GLY GLY A . n 
A 1 26  CYS 26  27  27  CYS CYS A . n 
A 1 27  TYR 27  28  28  TYR TYR A . n 
A 1 28  CYS 28  29  29  CYS CYS A . n 
A 1 29  GLY 29  30  30  GLY GLY A . n 
A 1 30  LYS 30  31  31  LYS LYS A . n 
A 1 31  GLY 31  32  32  GLY GLY A . n 
A 1 32  GLY 32  33  33  GLY GLY A . n 
A 1 33  SER 33  34  34  SER SER A . n 
A 1 34  GLY 34  35  35  GLY GLY A . n 
A 1 35  THR 35  36  36  THR THR A . n 
A 1 36  PRO 36  37  37  PRO PRO A . n 
A 1 37  VAL 37  38  38  VAL VAL A . n 
A 1 38  ASP 38  39  39  ASP ASP A . n 
A 1 39  ASP 39  40  40  ASP ASP A . n 
A 1 40  LEU 40  41  41  LEU LEU A . n 
A 1 41  ASP 41  42  42  ASP ASP A . n 
A 1 42  ARG 42  43  43  ARG ARG A . n 
A 1 43  CYS 43  44  44  CYS CYS A . n 
A 1 44  CYS 44  45  45  CYS CYS A . n 
A 1 45  GLN 45  46  46  GLN GLN A . n 
A 1 46  VAL 46  47  47  VAL VAL A . n 
A 1 47  HIS 47  48  48  HIS HIS A . n 
A 1 48  ASP 48  49  49  ASP ASP A . n 
A 1 49  ASN 49  50  50  ASN ASN A . n 
A 1 50  CYS 50  51  51  CYS CYS A . n 
A 1 51  TYR 51  52  52  TYR TYR A . n 
A 1 52  ASN 52  53  53  ASN ASN A . n 
A 1 53  GLU 53  54  54  GLU GLU A . n 
A 1 54  ALA 54  55  55  ALA ALA A . n 
A 1 55  GLU 55  56  56  GLU GLU A . n 
A 1 56  ASN 56  57  57  ASN ASN A . n 
A 1 57  ILE 57  58  58  ILE ILE A . n 
A 1 58  SER 58  59  59  SER SER A . n 
A 1 59  GLY 59  60  60  GLY GLY A . n 
A 1 60  CYS 60  61  61  CYS CYS A . n 
A 1 61  ARG 61  62  62  ARG ARG A . n 
A 1 62  PRO 62  63  63  PRO PRO A . n 
A 1 63  TYR 63  64  64  TYR TYR A . n 
A 1 64  PHE 64  65  65  PHE PHE A . n 
A 1 65  LYS 65  66  66  LYS LYS A . n 
A 1 66  THR 66  67  67  THR THR A . n 
A 1 67  TYR 67  68  68  TYR TYR A . n 
A 1 68  SER 68  69  69  SER SER A . n 
A 1 69  TYR 69  70  70  TYR TYR A . n 
A 1 70  GLU 70  71  71  GLU GLU A . n 
A 1 71  CYS 71  72  72  CYS CYS A . n 
A 1 72  THR 72  73  73  THR THR A . n 
A 1 73  GLN 73  74  74  GLN GLN A . n 
A 1 74  GLY 74  75  75  GLY GLY A . n 
A 1 75  THR 75  76  76  THR THR A . n 
A 1 76  LEU 76  77  77  LEU LEU A . n 
A 1 77  THR 77  78  78  THR THR A . n 
A 1 78  CYS 78  79  79  CYS CYS A . n 
A 1 79  LYS 79  80  80  LYS LYS A . n 
A 1 80  GLY 80  81  81  GLY GLY A . n 
A 1 81  ASP 81  82  82  ASP ASP A . n 
A 1 82  ASN 82  83  83  ASN ASN A . n 
A 1 83  ASN 83  84  84  ASN ASN A . n 
A 1 84  ALA 84  85  85  ALA ALA A . n 
A 1 85  CYS 85  86  86  CYS CYS A . n 
A 1 86  ALA 86  87  87  ALA ALA A . n 
A 1 87  ALA 87  88  88  ALA ALA A . n 
A 1 88  SER 88  89  89  SER SER A . n 
A 1 89  VAL 89  90  90  VAL VAL A . n 
A 1 90  CYS 90  91  91  CYS CYS A . n 
A 1 91  ASP 91  92  92  ASP ASP A . n 
A 1 92  CYS 92  93  93  CYS CYS A . n 
A 1 93  ASP 93  94  94  ASP ASP A . n 
A 1 94  ARG 94  95  95  ARG ARG A . n 
A 1 95  LEU 95  96  96  LEU LEU A . n 
A 1 96  ALA 96  97  97  ALA ALA A . n 
A 1 97  ALA 97  98  98  ALA ALA A . n 
A 1 98  ILE 98  99  99  ILE ILE A . n 
A 1 99  CYS 99  100 100 CYS CYS A . n 
A 1 100 PHE 100 101 101 PHE PHE A . n 
A 1 101 ALA 101 102 102 ALA ALA A . n 
A 1 102 GLY 102 103 103 GLY GLY A . n 
A 1 103 ALA 103 104 104 ALA ALA A . n 
A 1 104 PRO 104 105 105 PRO PRO A . n 
A 1 105 TYR 105 106 106 TYR TYR A . n 
A 1 106 ASN 106 107 107 ASN ASN A . n 
A 1 107 ASP 107 108 108 ASP ASP A . n 
A 1 108 ALA 108 109 109 ALA ALA A . n 
A 1 109 ASN 109 110 110 ASN ASN A . n 
A 1 110 TYR 110 111 111 TYR TYR A . n 
A 1 111 ASN 111 112 112 ASN ASN A . n 
A 1 112 ILE 112 113 113 ILE ILE A . n 
A 1 113 ASP 113 114 114 ASP ASP A . n 
A 1 114 LEU 114 115 115 LEU LEU A . n 
A 1 115 LYS 115 116 116 LYS LYS A . n 
A 1 116 ALA 116 117 117 ALA ALA A . n 
A 1 117 ARG 117 118 118 ARG ARG A . n 
A 1 118 CYS 118 119 119 CYS CYS A . n 
A 1 119 ASN 119 120 120 ASN ASN A . n 
# 
loop_
_pdbx_nonpoly_scheme.asym_id 
_pdbx_nonpoly_scheme.entity_id 
_pdbx_nonpoly_scheme.mon_id 
_pdbx_nonpoly_scheme.ndb_seq_num 
_pdbx_nonpoly_scheme.pdb_seq_num 
_pdbx_nonpoly_scheme.auth_seq_num 
_pdbx_nonpoly_scheme.pdb_mon_id 
_pdbx_nonpoly_scheme.auth_mon_id 
_pdbx_nonpoly_scheme.pdb_strand_id 
_pdbx_nonpoly_scheme.pdb_ins_code 
B 2 AIN 1   141 141 AIN AIN A . 
C 3 CA  1   201 201 CA  CA  A . 
D 4 HOH 1   202 1   HOH HOH A . 
D 4 HOH 2   203 2   HOH HOH A . 
D 4 HOH 3   204 3   HOH HOH A . 
D 4 HOH 4   205 4   HOH HOH A . 
D 4 HOH 5   206 5   HOH HOH A . 
D 4 HOH 6   207 6   HOH HOH A . 
D 4 HOH 7   208 7   HOH HOH A . 
D 4 HOH 8   209 8   HOH HOH A . 
D 4 HOH 9   210 10  HOH HOH A . 
D 4 HOH 10  211 12  HOH HOH A . 
D 4 HOH 11  212 13  HOH HOH A . 
D 4 HOH 12  213 14  HOH HOH A . 
D 4 HOH 13  214 15  HOH HOH A . 
D 4 HOH 14  215 16  HOH HOH A . 
D 4 HOH 15  216 17  HOH HOH A . 
D 4 HOH 16  217 18  HOH HOH A . 
D 4 HOH 17  218 19  HOH HOH A . 
D 4 HOH 18  219 21  HOH HOH A . 
D 4 HOH 19  220 22  HOH HOH A . 
D 4 HOH 20  221 23  HOH HOH A . 
D 4 HOH 21  222 24  HOH HOH A . 
D 4 HOH 22  223 25  HOH HOH A . 
D 4 HOH 23  224 26  HOH HOH A . 
D 4 HOH 24  225 27  HOH HOH A . 
D 4 HOH 25  226 30  HOH HOH A . 
D 4 HOH 26  227 31  HOH HOH A . 
D 4 HOH 27  228 32  HOH HOH A . 
D 4 HOH 28  229 34  HOH HOH A . 
D 4 HOH 29  230 36  HOH HOH A . 
D 4 HOH 30  231 37  HOH HOH A . 
D 4 HOH 31  232 38  HOH HOH A . 
D 4 HOH 32  233 39  HOH HOH A . 
D 4 HOH 33  234 41  HOH HOH A . 
D 4 HOH 34  235 43  HOH HOH A . 
D 4 HOH 35  236 44  HOH HOH A . 
D 4 HOH 36  237 45  HOH HOH A . 
D 4 HOH 37  238 46  HOH HOH A . 
D 4 HOH 38  239 47  HOH HOH A . 
D 4 HOH 39  240 48  HOH HOH A . 
D 4 HOH 40  241 49  HOH HOH A . 
D 4 HOH 41  242 51  HOH HOH A . 
D 4 HOH 42  243 52  HOH HOH A . 
D 4 HOH 43  244 53  HOH HOH A . 
D 4 HOH 44  245 54  HOH HOH A . 
D 4 HOH 45  246 58  HOH HOH A . 
D 4 HOH 46  247 59  HOH HOH A . 
D 4 HOH 47  248 61  HOH HOH A . 
D 4 HOH 48  249 62  HOH HOH A . 
D 4 HOH 49  250 63  HOH HOH A . 
D 4 HOH 50  251 64  HOH HOH A . 
D 4 HOH 51  252 65  HOH HOH A . 
D 4 HOH 52  253 66  HOH HOH A . 
D 4 HOH 53  254 67  HOH HOH A . 
D 4 HOH 54  255 68  HOH HOH A . 
D 4 HOH 55  256 69  HOH HOH A . 
D 4 HOH 56  257 70  HOH HOH A . 
D 4 HOH 57  258 73  HOH HOH A . 
D 4 HOH 58  259 74  HOH HOH A . 
D 4 HOH 59  260 75  HOH HOH A . 
D 4 HOH 60  261 76  HOH HOH A . 
D 4 HOH 61  262 77  HOH HOH A . 
D 4 HOH 62  263 78  HOH HOH A . 
D 4 HOH 63  264 79  HOH HOH A . 
D 4 HOH 64  265 80  HOH HOH A . 
D 4 HOH 65  266 81  HOH HOH A . 
D 4 HOH 66  267 82  HOH HOH A . 
D 4 HOH 67  268 83  HOH HOH A . 
D 4 HOH 68  269 84  HOH HOH A . 
D 4 HOH 69  270 85  HOH HOH A . 
D 4 HOH 70  271 86  HOH HOH A . 
D 4 HOH 71  272 88  HOH HOH A . 
D 4 HOH 72  273 89  HOH HOH A . 
D 4 HOH 73  274 91  HOH HOH A . 
D 4 HOH 74  275 92  HOH HOH A . 
D 4 HOH 75  276 93  HOH HOH A . 
D 4 HOH 76  277 94  HOH HOH A . 
D 4 HOH 77  278 96  HOH HOH A . 
D 4 HOH 78  279 97  HOH HOH A . 
D 4 HOH 79  280 98  HOH HOH A . 
D 4 HOH 80  281 99  HOH HOH A . 
D 4 HOH 81  282 100 HOH HOH A . 
D 4 HOH 82  283 102 HOH HOH A . 
D 4 HOH 83  284 104 HOH HOH A . 
D 4 HOH 84  285 106 HOH HOH A . 
D 4 HOH 85  286 108 HOH HOH A . 
D 4 HOH 86  287 111 HOH HOH A . 
D 4 HOH 87  288 112 HOH HOH A . 
D 4 HOH 88  289 113 HOH HOH A . 
D 4 HOH 89  290 114 HOH HOH A . 
D 4 HOH 90  291 116 HOH HOH A . 
D 4 HOH 91  292 117 HOH HOH A . 
D 4 HOH 92  293 118 HOH HOH A . 
D 4 HOH 93  294 119 HOH HOH A . 
D 4 HOH 94  295 120 HOH HOH A . 
D 4 HOH 95  296 121 HOH HOH A . 
D 4 HOH 96  297 122 HOH HOH A . 
D 4 HOH 97  298 123 HOH HOH A . 
D 4 HOH 98  299 124 HOH HOH A . 
D 4 HOH 99  300 125 HOH HOH A . 
D 4 HOH 100 301 126 HOH HOH A . 
D 4 HOH 101 302 127 HOH HOH A . 
D 4 HOH 102 303 128 HOH HOH A . 
D 4 HOH 103 304 129 HOH HOH A . 
D 4 HOH 104 305 130 HOH HOH A . 
D 4 HOH 105 306 131 HOH HOH A . 
# 
loop_
_software.name 
_software.classification 
_software.version 
_software.citation_id 
_software.pdbx_ordinal 
REFMAC    refinement        5.0 ? 1 
MAR345    'data collection' .   ? 2 
SCALEPACK 'data scaling'    .   ? 3 
AMoRE     phasing           .   ? 4 
# 
_cell.entry_id           1OXR 
_cell.length_a           42.627 
_cell.length_b           42.627 
_cell.length_c           65.137 
_cell.angle_alpha        90.00 
_cell.angle_beta         90.00 
_cell.angle_gamma        90.00 
_cell.Z_PDB              4 
_cell.pdbx_unique_axis   ? 
# 
_symmetry.entry_id                         1OXR 
_symmetry.space_group_name_H-M             'P 41' 
_symmetry.pdbx_full_space_group_name_H-M   ? 
_symmetry.cell_setting                     ? 
_symmetry.Int_Tables_number                76 
_symmetry.space_group_name_Hall            ? 
# 
_exptl.entry_id          1OXR 
_exptl.method            'X-RAY DIFFRACTION' 
_exptl.crystals_number   1 
# 
_exptl_crystal.id                    1 
_exptl_crystal.density_meas          ? 
_exptl_crystal.density_Matthews      2.2 
_exptl_crystal.density_percent_sol   45.30 
_exptl_crystal.description           ? 
_exptl_crystal.F_000                 ? 
_exptl_crystal.preparation           ? 
# 
_exptl_crystal_grow.crystal_id      1 
_exptl_crystal_grow.method          'VAPOR DIFFUSION, HANGING DROP' 
_exptl_crystal_grow.temp            293 
_exptl_crystal_grow.temp_details    ? 
_exptl_crystal_grow.pH              6.0 
_exptl_crystal_grow.pdbx_details    
'10mm Sodium Phosphate buffer, 2mm Calciun chloride, 35% ethanol, pH 6.0, VAPOR DIFFUSION, HANGING DROP, temperature 293K' 
_exptl_crystal_grow.pdbx_pH_range   . 
# 
_diffrn.id                     1 
_diffrn.ambient_temp           290 
_diffrn.ambient_temp_details   ? 
_diffrn.crystal_id             1 
# 
_diffrn_detector.diffrn_id              1 
_diffrn_detector.detector               'IMAGE PLATE' 
_diffrn_detector.type                   MARRESEARCH 
_diffrn_detector.pdbx_collection_date   2003-02-19 
_diffrn_detector.details                Mirrors 
# 
_diffrn_radiation.diffrn_id                        1 
_diffrn_radiation.wavelength_id                    1 
_diffrn_radiation.pdbx_monochromatic_or_laue_m_l   M 
_diffrn_radiation.monochromator                    Mirror 
_diffrn_radiation.pdbx_diffrn_protocol             'SINGLE WAVELENGTH' 
_diffrn_radiation.pdbx_scattering_type             x-ray 
# 
_diffrn_radiation_wavelength.id           1 
_diffrn_radiation_wavelength.wavelength   1.5418 
_diffrn_radiation_wavelength.wt           1.0 
# 
_diffrn_source.diffrn_id                   1 
_diffrn_source.source                      'ROTATING ANODE' 
_diffrn_source.type                        'RIGAKU RU300' 
_diffrn_source.pdbx_synchrotron_site       ? 
_diffrn_source.pdbx_synchrotron_beamline   ? 
_diffrn_source.pdbx_wavelength             ? 
_diffrn_source.pdbx_wavelength_list        1.5418 
# 
_reflns.entry_id                     1OXR 
_reflns.observed_criterion_sigma_I   0.0 
_reflns.observed_criterion_sigma_F   0.0 
_reflns.d_resolution_low             20.0 
_reflns.d_resolution_high            1.9 
_reflns.number_obs                   8708 
_reflns.number_all                   ? 
_reflns.percent_possible_obs         97.1 
_reflns.pdbx_Rmerge_I_obs            ? 
_reflns.pdbx_Rsym_value              0.099 
_reflns.pdbx_netI_over_sigmaI        16.7 
_reflns.B_iso_Wilson_estimate        22.10 
_reflns.pdbx_redundancy              7.8 
_reflns.R_free_details               ? 
_reflns.limit_h_max                  ? 
_reflns.limit_h_min                  ? 
_reflns.limit_k_max                  ? 
_reflns.limit_k_min                  ? 
_reflns.limit_l_max                  ? 
_reflns.limit_l_min                  ? 
_reflns.observed_criterion_F_max     ? 
_reflns.observed_criterion_F_min     ? 
_reflns.pdbx_chi_squared             ? 
_reflns.pdbx_scaling_rejects         ? 
_reflns.pdbx_diffrn_id               1 
_reflns.pdbx_ordinal                 1 
# 
_reflns_shell.d_res_high             1.9 
_reflns_shell.d_res_low              1.95 
_reflns_shell.percent_possible_all   75.6 
_reflns_shell.Rmerge_I_obs           ? 
_reflns_shell.pdbx_Rsym_value        0.223 
_reflns_shell.meanI_over_sigI_obs    2.1 
_reflns_shell.pdbx_redundancy        ? 
_reflns_shell.percent_possible_obs   ? 
_reflns_shell.number_unique_all      ? 
_reflns_shell.number_measured_all    ? 
_reflns_shell.number_measured_obs    ? 
_reflns_shell.number_unique_obs      ? 
_reflns_shell.pdbx_chi_squared       ? 
_reflns_shell.pdbx_diffrn_id         ? 
_reflns_shell.pdbx_ordinal           1 
# 
_refine.entry_id                                 1OXR 
_refine.ls_number_reflns_obs                     7842 
_refine.ls_number_reflns_all                     8708 
_refine.pdbx_ls_sigma_I                          ? 
_refine.pdbx_ls_sigma_F                          ? 
_refine.pdbx_data_cutoff_high_absF               ? 
_refine.pdbx_data_cutoff_low_absF                ? 
_refine.pdbx_data_cutoff_high_rms_absF           ? 
_refine.ls_d_res_low                             19.35 
_refine.ls_d_res_high                            1.93 
_refine.ls_percent_reflns_obs                    100.00 
_refine.ls_R_factor_obs                          0.17748 
_refine.ls_R_factor_all                          ? 
_refine.ls_R_factor_R_work                       0.175 
_refine.ls_R_factor_R_free                       0.204 
_refine.ls_R_factor_R_free_error                 ? 
_refine.ls_R_factor_R_free_error_details         ? 
_refine.ls_percent_reflns_R_free                 9.9 
_refine.ls_number_reflns_R_free                  866 
_refine.ls_number_parameters                     ? 
_refine.ls_number_restraints                     ? 
_refine.occupancy_min                            ? 
_refine.occupancy_max                            ? 
_refine.correlation_coeff_Fo_to_Fc               0.959 
_refine.correlation_coeff_Fo_to_Fc_free          0.943 
_refine.B_iso_mean                               22.277 
_refine.aniso_B[1][1]                            0.20 
_refine.aniso_B[2][2]                            0.20 
_refine.aniso_B[3][3]                            -0.41 
_refine.aniso_B[1][2]                            0.00 
_refine.aniso_B[1][3]                            0.00 
_refine.aniso_B[2][3]                            0.00 
_refine.solvent_model_details                    'BABINET MODEL WITH MASK' 
_refine.solvent_model_param_ksol                 ? 
_refine.solvent_model_param_bsol                 ? 
_refine.pdbx_solvent_vdw_probe_radii             1.40 
_refine.pdbx_solvent_ion_probe_radii             0.80 
_refine.pdbx_solvent_shrinkage_radii             0.80 
_refine.pdbx_ls_cross_valid_method               THROUGHOUT 
_refine.details                                  'HYDROGENS HAVE BEEN ADDED IN THE RIDING POSITIONS' 
_refine.pdbx_starting_model                      'PDB entry 1LFF' 
_refine.pdbx_method_to_determine_struct          'MOLECULAR REPLACEMENT' 
_refine.pdbx_isotropic_thermal_model             ? 
_refine.pdbx_stereochemistry_target_values       'MAXIMUM LIKELIHOOD' 
_refine.pdbx_stereochem_target_val_spec_case     ? 
_refine.pdbx_R_Free_selection_details            RANDOM 
_refine.pdbx_overall_ESU_R                       0.179 
_refine.pdbx_overall_ESU_R_Free                  0.147 
_refine.overall_SU_ML                            0.128 
_refine.overall_SU_B                             4.276 
_refine.ls_redundancy_reflns_obs                 ? 
_refine.B_iso_min                                ? 
_refine.B_iso_max                                ? 
_refine.overall_SU_R_Cruickshank_DPI             ? 
_refine.overall_SU_R_free                        ? 
_refine.ls_wR_factor_R_free                      ? 
_refine.ls_wR_factor_R_work                      ? 
_refine.overall_FOM_free_R_set                   ? 
_refine.overall_FOM_work_R_set                   ? 
_refine.pdbx_refine_id                           'X-RAY DIFFRACTION' 
_refine.pdbx_diffrn_id                           1 
_refine.pdbx_TLS_residual_ADP_flag               ? 
_refine.pdbx_overall_phase_error                 ? 
_refine.pdbx_overall_SU_R_free_Cruickshank_DPI   ? 
_refine.pdbx_overall_SU_R_Blow_DPI               ? 
_refine.pdbx_overall_SU_R_free_Blow_DPI          ? 
# 
_refine_analyze.entry_id                        1OXR 
_refine_analyze.Luzzati_coordinate_error_obs    0.2 
_refine_analyze.Luzzati_sigma_a_obs             0.22 
_refine_analyze.Luzzati_d_res_low_obs           ? 
_refine_analyze.Luzzati_coordinate_error_free   ? 
_refine_analyze.Luzzati_sigma_a_free            ? 
_refine_analyze.Luzzati_d_res_low_free          ? 
_refine_analyze.number_disordered_residues      ? 
_refine_analyze.occupancy_sum_hydrogen          ? 
_refine_analyze.occupancy_sum_non_hydrogen      ? 
_refine_analyze.pdbx_Luzzati_d_res_high_obs     ? 
_refine_analyze.pdbx_refine_id                  'X-RAY DIFFRACTION' 
# 
_refine_hist.pdbx_refine_id                   'X-RAY DIFFRACTION' 
_refine_hist.cycle_id                         LAST 
_refine_hist.pdbx_number_atoms_protein        913 
_refine_hist.pdbx_number_atoms_nucleic_acid   0 
_refine_hist.pdbx_number_atoms_ligand         14 
_refine_hist.number_atoms_solvent             105 
_refine_hist.number_atoms_total               1032 
_refine_hist.d_res_high                       1.93 
_refine_hist.d_res_low                        19.35 
# 
loop_
_refine_ls_restr.type 
_refine_ls_restr.dev_ideal 
_refine_ls_restr.dev_ideal_target 
_refine_ls_restr.weight 
_refine_ls_restr.number 
_refine_ls_restr.pdbx_refine_id 
_refine_ls_restr.pdbx_restraint_function 
r_bond_refined_d         0.011  0.021  ? 952  'X-RAY DIFFRACTION' ? 
r_bond_other_d           0.001  0.020  ? 749  'X-RAY DIFFRACTION' ? 
r_angle_refined_deg      1.543  1.950  ? 1292 'X-RAY DIFFRACTION' ? 
r_angle_other_deg        0.821  3.000  ? 1758 'X-RAY DIFFRACTION' ? 
r_dihedral_angle_1_deg   2.958  3.000  ? 117  'X-RAY DIFFRACTION' ? 
r_dihedral_angle_2_deg   17.627 15.000 ? 141  'X-RAY DIFFRACTION' ? 
r_dihedral_angle_3_deg   17.509 15.000 ? 145  'X-RAY DIFFRACTION' ? 
r_dihedral_angle_4_deg   ?      ?      ? ?    'X-RAY DIFFRACTION' ? 
r_chiral_restr           0.122  0.200  ? 131  'X-RAY DIFFRACTION' ? 
r_gen_planes_refined     0.005  0.020  ? 1098 'X-RAY DIFFRACTION' ? 
r_gen_planes_other       0.003  0.020  ? 200  'X-RAY DIFFRACTION' ? 
r_nbd_refined            0.308  0.300  ? 228  'X-RAY DIFFRACTION' ? 
r_nbd_other              0.203  0.300  ? 695  'X-RAY DIFFRACTION' ? 
r_nbtor_refined          ?      ?      ? ?    'X-RAY DIFFRACTION' ? 
r_nbtor_other            ?      ?      ? ?    'X-RAY DIFFRACTION' ? 
r_xyhbond_nbd_refined    0.145  0.500  ? 59   'X-RAY DIFFRACTION' ? 
r_xyhbond_nbd_other      ?      ?      ? ?    'X-RAY DIFFRACTION' ? 
r_metal_ion_refined      ?      ?      ? ?    'X-RAY DIFFRACTION' ? 
r_metal_ion_other        ?      ?      ? ?    'X-RAY DIFFRACTION' ? 
r_symmetry_vdw_refined   0.206  0.300  ? 12   'X-RAY DIFFRACTION' ? 
r_symmetry_vdw_other     0.292  0.300  ? 25   'X-RAY DIFFRACTION' ? 
r_symmetry_hbond_refined 0.107  0.500  ? 12   'X-RAY DIFFRACTION' ? 
r_symmetry_hbond_other   ?      ?      ? ?    'X-RAY DIFFRACTION' ? 
r_mcbond_it              0.832  1.500  ? 588  'X-RAY DIFFRACTION' ? 
r_mcbond_other           ?      ?      ? ?    'X-RAY DIFFRACTION' ? 
r_mcangle_it             1.635  2.000  ? 934  'X-RAY DIFFRACTION' ? 
r_scbond_it              2.413  3.000  ? 364  'X-RAY DIFFRACTION' ? 
r_scangle_it             3.767  4.500  ? 358  'X-RAY DIFFRACTION' ? 
r_rigid_bond_restr       ?      ?      ? ?    'X-RAY DIFFRACTION' ? 
r_sphericity_free        ?      ?      ? ?    'X-RAY DIFFRACTION' ? 
r_sphericity_bonded      ?      ?      ? ?    'X-RAY DIFFRACTION' ? 
# 
_refine_ls_shell.pdbx_total_number_of_bins_used   20 
_refine_ls_shell.d_res_high                       1.932 
_refine_ls_shell.d_res_low                        1.982 
_refine_ls_shell.number_reflns_R_work             554 
_refine_ls_shell.R_factor_R_work                  0.2 
_refine_ls_shell.percent_reflns_obs               ? 
_refine_ls_shell.R_factor_R_free                  0.274 
_refine_ls_shell.R_factor_R_free_error            ? 
_refine_ls_shell.percent_reflns_R_free            ? 
_refine_ls_shell.number_reflns_R_free             60 
_refine_ls_shell.redundancy_reflns_obs            ? 
_refine_ls_shell.number_reflns_all                ? 
_refine_ls_shell.number_reflns_obs                ? 
_refine_ls_shell.pdbx_refine_id                   'X-RAY DIFFRACTION' 
_refine_ls_shell.R_factor_all                     ? 
# 
_struct.entry_id                  1OXR 
_struct.title                     
;Aspirin induces its Anti-inflammatory effects through its specific binding to Phospholipase A2: Crystal structure of the complex formed between Phospholipase A2 and Aspirin at 1.9A resolution
;
_struct.pdbx_model_details        ? 
_struct.pdbx_CASP_flag            ? 
_struct.pdbx_model_type_details   ? 
# 
_struct_keywords.entry_id        1OXR 
_struct_keywords.pdbx_keywords   HYDROLASE 
_struct_keywords.text            'O-acetyl-oxy Phenol, complex, PLA2, Naja Naja Sagittifera, HYDROLASE' 
# 
loop_
_struct_asym.id 
_struct_asym.pdbx_blank_PDB_chainid_flag 
_struct_asym.pdbx_modified 
_struct_asym.entity_id 
_struct_asym.details 
A N N 1 ? 
B N N 2 ? 
C N N 3 ? 
D N N 4 ? 
# 
_struct_ref.id                         1 
_struct_ref.db_name                    UNP 
_struct_ref.db_code                    PA23_NAJSG 
_struct_ref.pdbx_db_accession          P60045 
_struct_ref.entity_id                  1 
_struct_ref.pdbx_seq_one_letter_code   
;NLYQFKNMIQCTVPSRSWQDFADYGCYCGKGGSGTPVDDLDRCCQVHDNCYNEAENISGCRPYFKTYSYECTQGTLTCKG
DNNACAASVCDCDRLAAICFAGAPYNDANYNIDLKARCN
;
_struct_ref.pdbx_align_begin           8 
_struct_ref.pdbx_db_isoform            ? 
# 
_struct_ref_seq.align_id                      1 
_struct_ref_seq.ref_id                        1 
_struct_ref_seq.pdbx_PDB_id_code              1OXR 
_struct_ref_seq.pdbx_strand_id                A 
_struct_ref_seq.seq_align_beg                 1 
_struct_ref_seq.pdbx_seq_align_beg_ins_code   ? 
_struct_ref_seq.seq_align_end                 118 
_struct_ref_seq.pdbx_seq_align_end_ins_code   ? 
_struct_ref_seq.pdbx_db_accession             P60045 
_struct_ref_seq.db_align_beg                  8 
_struct_ref_seq.pdbx_db_align_beg_ins_code    ? 
_struct_ref_seq.db_align_end                  126 
_struct_ref_seq.pdbx_db_align_end_ins_code    ? 
_struct_ref_seq.pdbx_auth_seq_align_beg       1 
_struct_ref_seq.pdbx_auth_seq_align_end       119 
# 
_pdbx_struct_assembly.id                   1 
_pdbx_struct_assembly.details              author_defined_assembly 
_pdbx_struct_assembly.method_details       ? 
_pdbx_struct_assembly.oligomeric_details   monomeric 
_pdbx_struct_assembly.oligomeric_count     1 
# 
_pdbx_struct_assembly_gen.assembly_id       1 
_pdbx_struct_assembly_gen.oper_expression   1 
_pdbx_struct_assembly_gen.asym_id_list      A,B,C,D 
# 
_pdbx_struct_oper_list.id                   1 
_pdbx_struct_oper_list.type                 'identity operation' 
_pdbx_struct_oper_list.name                 1_555 
_pdbx_struct_oper_list.symmetry_operation   x,y,z 
_pdbx_struct_oper_list.matrix[1][1]         1.0000000000 
_pdbx_struct_oper_list.matrix[1][2]         0.0000000000 
_pdbx_struct_oper_list.matrix[1][3]         0.0000000000 
_pdbx_struct_oper_list.vector[1]            0.0000000000 
_pdbx_struct_oper_list.matrix[2][1]         0.0000000000 
_pdbx_struct_oper_list.matrix[2][2]         1.0000000000 
_pdbx_struct_oper_list.matrix[2][3]         0.0000000000 
_pdbx_struct_oper_list.vector[2]            0.0000000000 
_pdbx_struct_oper_list.matrix[3][1]         0.0000000000 
_pdbx_struct_oper_list.matrix[3][2]         0.0000000000 
_pdbx_struct_oper_list.matrix[3][3]         1.0000000000 
_pdbx_struct_oper_list.vector[3]            0.0000000000 
# 
_struct_biol.id                    1 
_struct_biol.details               'The Biological Unit is a Monomer' 
_struct_biol.pdbx_parent_biol_id   ? 
# 
loop_
_struct_conf.conf_type_id 
_struct_conf.id 
_struct_conf.pdbx_PDB_helix_id 
_struct_conf.beg_label_comp_id 
_struct_conf.beg_label_asym_id 
_struct_conf.beg_label_seq_id 
_struct_conf.pdbx_beg_PDB_ins_code 
_struct_conf.end_label_comp_id 
_struct_conf.end_label_asym_id 
_struct_conf.end_label_seq_id 
_struct_conf.pdbx_end_PDB_ins_code 
_struct_conf.beg_auth_comp_id 
_struct_conf.beg_auth_asym_id 
_struct_conf.beg_auth_seq_id 
_struct_conf.end_auth_comp_id 
_struct_conf.end_auth_asym_id 
_struct_conf.end_auth_seq_id 
_struct_conf.pdbx_PDB_helix_class 
_struct_conf.details 
_struct_conf.pdbx_PDB_helix_length 
HELX_P HELX_P1 1 ASN A 1   ? VAL A 13  ? ASN A 1   VAL A 13  1 ? 13 
HELX_P HELX_P2 2 SER A 17  ? PHE A 21  ? SER A 18  PHE A 22  5 ? 5  
HELX_P HELX_P3 3 ASP A 38  ? GLU A 55  ? ASP A 39  GLU A 56  1 ? 18 
HELX_P HELX_P4 4 ASN A 83  ? ALA A 103 ? ASN A 84  ALA A 104 1 ? 21 
HELX_P HELX_P5 5 ASN A 106 ? TYR A 110 ? ASN A 107 TYR A 111 5 ? 5  
HELX_P HELX_P6 6 ASP A 113 ? CYS A 118 ? ASP A 114 CYS A 119 1 ? 6  
# 
_struct_conf_type.id          HELX_P 
_struct_conf_type.criteria    ? 
_struct_conf_type.reference   ? 
# 
loop_
_struct_conn.id 
_struct_conn.conn_type_id 
_struct_conn.pdbx_leaving_atom_flag 
_struct_conn.pdbx_PDB_id 
_struct_conn.ptnr1_label_asym_id 
_struct_conn.ptnr1_label_comp_id 
_struct_conn.ptnr1_label_seq_id 
_struct_conn.ptnr1_label_atom_id 
_struct_conn.pdbx_ptnr1_label_alt_id 
_struct_conn.pdbx_ptnr1_PDB_ins_code 
_struct_conn.pdbx_ptnr1_standard_comp_id 
_struct_conn.ptnr1_symmetry 
_struct_conn.ptnr2_label_asym_id 
_struct_conn.ptnr2_label_comp_id 
_struct_conn.ptnr2_label_seq_id 
_struct_conn.ptnr2_label_atom_id 
_struct_conn.pdbx_ptnr2_label_alt_id 
_struct_conn.pdbx_ptnr2_PDB_ins_code 
_struct_conn.ptnr1_auth_asym_id 
_struct_conn.ptnr1_auth_comp_id 
_struct_conn.ptnr1_auth_seq_id 
_struct_conn.ptnr2_auth_asym_id 
_struct_conn.ptnr2_auth_comp_id 
_struct_conn.ptnr2_auth_seq_id 
_struct_conn.ptnr2_symmetry 
_struct_conn.pdbx_ptnr3_label_atom_id 
_struct_conn.pdbx_ptnr3_label_seq_id 
_struct_conn.pdbx_ptnr3_label_comp_id 
_struct_conn.pdbx_ptnr3_label_asym_id 
_struct_conn.pdbx_ptnr3_label_alt_id 
_struct_conn.pdbx_ptnr3_PDB_ins_code 
_struct_conn.details 
_struct_conn.pdbx_dist_value 
_struct_conn.pdbx_value_order 
_struct_conn.pdbx_role 
disulf1 disulf ? ? A CYS 11 SG  ? ? ? 1_555 A CYS 71  SG ? ? A CYS 11  A CYS 72  1_555 ? ? ? ? ? ? ? 1.972 ? ? 
disulf2 disulf ? ? A CYS 26 SG  ? ? ? 1_555 A CYS 118 SG ? ? A CYS 27  A CYS 119 1_555 ? ? ? ? ? ? ? 2.007 ? ? 
disulf3 disulf ? ? A CYS 28 SG  ? ? ? 1_555 A CYS 44  SG ? ? A CYS 29  A CYS 45  1_555 ? ? ? ? ? ? ? 2.040 ? ? 
disulf4 disulf ? ? A CYS 43 SG  ? ? ? 1_555 A CYS 99  SG ? ? A CYS 44  A CYS 100 1_555 ? ? ? ? ? ? ? 2.009 ? ? 
disulf5 disulf ? ? A CYS 50 SG  ? ? ? 1_555 A CYS 92  SG ? ? A CYS 51  A CYS 93  1_555 ? ? ? ? ? ? ? 2.013 ? ? 
disulf6 disulf ? ? A CYS 60 SG  ? ? ? 1_555 A CYS 85  SG ? ? A CYS 61  A CYS 86  1_555 ? ? ? ? ? ? ? 2.004 ? ? 
disulf7 disulf ? ? A CYS 78 SG  ? ? ? 1_555 A CYS 90  SG ? ? A CYS 79  A CYS 91  1_555 ? ? ? ? ? ? ? 1.994 ? ? 
metalc1 metalc ? ? A TYR 27 O   ? ? ? 1_555 C CA  .   CA ? ? A TYR 28  A CA  201 1_555 ? ? ? ? ? ? ? 2.455 ? ? 
metalc2 metalc ? ? A GLY 29 O   ? ? ? 1_555 C CA  .   CA ? ? A GLY 30  A CA  201 1_555 ? ? ? ? ? ? ? 2.456 ? ? 
metalc3 metalc ? ? A GLY 31 O   ? ? ? 1_555 C CA  .   CA ? ? A GLY 32  A CA  201 1_555 ? ? ? ? ? ? ? 2.519 ? ? 
metalc4 metalc ? ? A ASP 48 OD1 ? ? ? 1_555 C CA  .   CA ? ? A ASP 49  A CA  201 1_555 ? ? ? ? ? ? ? 2.692 ? ? 
metalc5 metalc ? ? A ASP 48 OD2 ? ? ? 1_555 C CA  .   CA ? ? A ASP 49  A CA  201 1_555 ? ? ? ? ? ? ? 2.515 ? ? 
metalc6 metalc ? ? B AIN .  O1  ? ? ? 1_555 C CA  .   CA ? ? A AIN 141 A CA  201 1_555 ? ? ? ? ? ? ? 2.825 ? ? 
metalc7 metalc ? ? C CA  .  CA  ? ? ? 1_555 D HOH .   O  ? ? A CA  201 A HOH 232 1_555 ? ? ? ? ? ? ? 2.824 ? ? 
# 
loop_
_struct_conn_type.id 
_struct_conn_type.criteria 
_struct_conn_type.reference 
disulf ? ? 
metalc ? ? 
# 
loop_
_pdbx_struct_conn_angle.id 
_pdbx_struct_conn_angle.ptnr1_label_atom_id 
_pdbx_struct_conn_angle.ptnr1_label_alt_id 
_pdbx_struct_conn_angle.ptnr1_label_asym_id 
_pdbx_struct_conn_angle.ptnr1_label_comp_id 
_pdbx_struct_conn_angle.ptnr1_label_seq_id 
_pdbx_struct_conn_angle.ptnr1_auth_atom_id 
_pdbx_struct_conn_angle.ptnr1_auth_asym_id 
_pdbx_struct_conn_angle.ptnr1_auth_comp_id 
_pdbx_struct_conn_angle.ptnr1_auth_seq_id 
_pdbx_struct_conn_angle.ptnr1_PDB_ins_code 
_pdbx_struct_conn_angle.ptnr1_symmetry 
_pdbx_struct_conn_angle.ptnr2_label_atom_id 
_pdbx_struct_conn_angle.ptnr2_label_alt_id 
_pdbx_struct_conn_angle.ptnr2_label_asym_id 
_pdbx_struct_conn_angle.ptnr2_label_comp_id 
_pdbx_struct_conn_angle.ptnr2_label_seq_id 
_pdbx_struct_conn_angle.ptnr2_auth_atom_id 
_pdbx_struct_conn_angle.ptnr2_auth_asym_id 
_pdbx_struct_conn_angle.ptnr2_auth_comp_id 
_pdbx_struct_conn_angle.ptnr2_auth_seq_id 
_pdbx_struct_conn_angle.ptnr2_PDB_ins_code 
_pdbx_struct_conn_angle.ptnr2_symmetry 
_pdbx_struct_conn_angle.ptnr3_label_atom_id 
_pdbx_struct_conn_angle.ptnr3_label_alt_id 
_pdbx_struct_conn_angle.ptnr3_label_asym_id 
_pdbx_struct_conn_angle.ptnr3_label_comp_id 
_pdbx_struct_conn_angle.ptnr3_label_seq_id 
_pdbx_struct_conn_angle.ptnr3_auth_atom_id 
_pdbx_struct_conn_angle.ptnr3_auth_asym_id 
_pdbx_struct_conn_angle.ptnr3_auth_comp_id 
_pdbx_struct_conn_angle.ptnr3_auth_seq_id 
_pdbx_struct_conn_angle.ptnr3_PDB_ins_code 
_pdbx_struct_conn_angle.ptnr3_symmetry 
_pdbx_struct_conn_angle.value 
_pdbx_struct_conn_angle.value_esd 
1  O   ? A TYR 27 ? A TYR 28  ? 1_555 CA ? C CA . ? A CA 201 ? 1_555 O   ? A GLY 29 ? A GLY 30  ? 1_555 89.6  ? 
2  O   ? A TYR 27 ? A TYR 28  ? 1_555 CA ? C CA . ? A CA 201 ? 1_555 O   ? A GLY 31 ? A GLY 32  ? 1_555 78.6  ? 
3  O   ? A GLY 29 ? A GLY 30  ? 1_555 CA ? C CA . ? A CA 201 ? 1_555 O   ? A GLY 31 ? A GLY 32  ? 1_555 85.0  ? 
4  O   ? A TYR 27 ? A TYR 28  ? 1_555 CA ? C CA . ? A CA 201 ? 1_555 OD1 ? A ASP 48 ? A ASP 49  ? 1_555 95.0  ? 
5  O   ? A GLY 29 ? A GLY 30  ? 1_555 CA ? C CA . ? A CA 201 ? 1_555 OD1 ? A ASP 48 ? A ASP 49  ? 1_555 139.1 ? 
6  O   ? A GLY 31 ? A GLY 32  ? 1_555 CA ? C CA . ? A CA 201 ? 1_555 OD1 ? A ASP 48 ? A ASP 49  ? 1_555 135.7 ? 
7  O   ? A TYR 27 ? A TYR 28  ? 1_555 CA ? C CA . ? A CA 201 ? 1_555 OD2 ? A ASP 48 ? A ASP 49  ? 1_555 80.1  ? 
8  O   ? A GLY 29 ? A GLY 30  ? 1_555 CA ? C CA . ? A CA 201 ? 1_555 OD2 ? A ASP 48 ? A ASP 49  ? 1_555 168.1 ? 
9  O   ? A GLY 31 ? A GLY 32  ? 1_555 CA ? C CA . ? A CA 201 ? 1_555 OD2 ? A ASP 48 ? A ASP 49  ? 1_555 87.1  ? 
10 OD1 ? A ASP 48 ? A ASP 49  ? 1_555 CA ? C CA . ? A CA 201 ? 1_555 OD2 ? A ASP 48 ? A ASP 49  ? 1_555 48.8  ? 
11 O   ? A TYR 27 ? A TYR 28  ? 1_555 CA ? C CA . ? A CA 201 ? 1_555 O1  ? B AIN .  ? A AIN 141 ? 1_555 74.7  ? 
12 O   ? A GLY 29 ? A GLY 30  ? 1_555 CA ? C CA . ? A CA 201 ? 1_555 O1  ? B AIN .  ? A AIN 141 ? 1_555 75.3  ? 
13 O   ? A GLY 31 ? A GLY 32  ? 1_555 CA ? C CA . ? A CA 201 ? 1_555 O1  ? B AIN .  ? A AIN 141 ? 1_555 146.6 ? 
14 OD1 ? A ASP 48 ? A ASP 49  ? 1_555 CA ? C CA . ? A CA 201 ? 1_555 O1  ? B AIN .  ? A AIN 141 ? 1_555 66.9  ? 
15 OD2 ? A ASP 48 ? A ASP 49  ? 1_555 CA ? C CA . ? A CA 201 ? 1_555 O1  ? B AIN .  ? A AIN 141 ? 1_555 107.3 ? 
16 O   ? A TYR 27 ? A TYR 28  ? 1_555 CA ? C CA . ? A CA 201 ? 1_555 O   ? D HOH .  ? A HOH 232 ? 1_555 154.0 ? 
17 O   ? A GLY 29 ? A GLY 30  ? 1_555 CA ? C CA . ? A CA 201 ? 1_555 O   ? D HOH .  ? A HOH 232 ? 1_555 91.8  ? 
18 O   ? A GLY 31 ? A GLY 32  ? 1_555 CA ? C CA . ? A CA 201 ? 1_555 O   ? D HOH .  ? A HOH 232 ? 1_555 75.7  ? 
19 OD1 ? A ASP 48 ? A ASP 49  ? 1_555 CA ? C CA . ? A CA 201 ? 1_555 O   ? D HOH .  ? A HOH 232 ? 1_555 100.9 ? 
20 OD2 ? A ASP 48 ? A ASP 49  ? 1_555 CA ? C CA . ? A CA 201 ? 1_555 O   ? D HOH .  ? A HOH 232 ? 1_555 94.9  ? 
21 O1  ? B AIN .  ? A AIN 141 ? 1_555 CA ? C CA . ? A CA 201 ? 1_555 O   ? D HOH .  ? A HOH 232 ? 1_555 130.7 ? 
# 
loop_
_pdbx_modification_feature.ordinal 
_pdbx_modification_feature.label_comp_id 
_pdbx_modification_feature.label_asym_id 
_pdbx_modification_feature.label_seq_id 
_pdbx_modification_feature.label_alt_id 
_pdbx_modification_feature.modified_residue_label_comp_id 
_pdbx_modification_feature.modified_residue_label_asym_id 
_pdbx_modification_feature.modified_residue_label_seq_id 
_pdbx_modification_feature.modified_residue_label_alt_id 
_pdbx_modification_feature.auth_comp_id 
_pdbx_modification_feature.auth_asym_id 
_pdbx_modification_feature.auth_seq_id 
_pdbx_modification_feature.PDB_ins_code 
_pdbx_modification_feature.symmetry 
_pdbx_modification_feature.modified_residue_auth_comp_id 
_pdbx_modification_feature.modified_residue_auth_asym_id 
_pdbx_modification_feature.modified_residue_auth_seq_id 
_pdbx_modification_feature.modified_residue_PDB_ins_code 
_pdbx_modification_feature.modified_residue_symmetry 
_pdbx_modification_feature.comp_id_linking_atom 
_pdbx_modification_feature.modified_residue_id_linking_atom 
_pdbx_modification_feature.modified_residue_id 
_pdbx_modification_feature.ref_pcm_id 
_pdbx_modification_feature.ref_comp_id 
_pdbx_modification_feature.type 
_pdbx_modification_feature.category 
1 CYS A 11 ? CYS A 71  ? CYS A 11 ? 1_555 CYS A 72  ? 1_555 SG SG . . . None 'Disulfide bridge' 
2 CYS A 26 ? CYS A 118 ? CYS A 27 ? 1_555 CYS A 119 ? 1_555 SG SG . . . None 'Disulfide bridge' 
3 CYS A 28 ? CYS A 44  ? CYS A 29 ? 1_555 CYS A 45  ? 1_555 SG SG . . . None 'Disulfide bridge' 
4 CYS A 43 ? CYS A 99  ? CYS A 44 ? 1_555 CYS A 100 ? 1_555 SG SG . . . None 'Disulfide bridge' 
5 CYS A 50 ? CYS A 92  ? CYS A 51 ? 1_555 CYS A 93  ? 1_555 SG SG . . . None 'Disulfide bridge' 
6 CYS A 60 ? CYS A 85  ? CYS A 61 ? 1_555 CYS A 86  ? 1_555 SG SG . . . None 'Disulfide bridge' 
7 CYS A 78 ? CYS A 90  ? CYS A 79 ? 1_555 CYS A 91  ? 1_555 SG SG . . . None 'Disulfide bridge' 
# 
loop_
_struct_sheet.id 
_struct_sheet.type 
_struct_sheet.number_strands 
_struct_sheet.details 
A ? 2 ? 
B ? 2 ? 
# 
loop_
_struct_sheet_order.sheet_id 
_struct_sheet_order.range_id_1 
_struct_sheet_order.range_id_2 
_struct_sheet_order.offset 
_struct_sheet_order.sense 
A 1 2 ? anti-parallel 
B 1 2 ? anti-parallel 
# 
loop_
_struct_sheet_range.sheet_id 
_struct_sheet_range.id 
_struct_sheet_range.beg_label_comp_id 
_struct_sheet_range.beg_label_asym_id 
_struct_sheet_range.beg_label_seq_id 
_struct_sheet_range.pdbx_beg_PDB_ins_code 
_struct_sheet_range.end_label_comp_id 
_struct_sheet_range.end_label_asym_id 
_struct_sheet_range.end_label_seq_id 
_struct_sheet_range.pdbx_end_PDB_ins_code 
_struct_sheet_range.beg_auth_comp_id 
_struct_sheet_range.beg_auth_asym_id 
_struct_sheet_range.beg_auth_seq_id 
_struct_sheet_range.end_auth_comp_id 
_struct_sheet_range.end_auth_asym_id 
_struct_sheet_range.end_auth_seq_id 
A 1 ASP A 23 ? TYR A 24 ? ASP A 24 TYR A 25 
A 2 CYS A 28 ? GLY A 29 ? CYS A 29 GLY A 30 
B 1 TYR A 69 ? THR A 72 ? TYR A 70 THR A 73 
B 2 THR A 75 ? CYS A 78 ? THR A 76 CYS A 79 
# 
loop_
_pdbx_struct_sheet_hbond.sheet_id 
_pdbx_struct_sheet_hbond.range_id_1 
_pdbx_struct_sheet_hbond.range_id_2 
_pdbx_struct_sheet_hbond.range_1_label_atom_id 
_pdbx_struct_sheet_hbond.range_1_label_comp_id 
_pdbx_struct_sheet_hbond.range_1_label_asym_id 
_pdbx_struct_sheet_hbond.range_1_label_seq_id 
_pdbx_struct_sheet_hbond.range_1_PDB_ins_code 
_pdbx_struct_sheet_hbond.range_1_auth_atom_id 
_pdbx_struct_sheet_hbond.range_1_auth_comp_id 
_pdbx_struct_sheet_hbond.range_1_auth_asym_id 
_pdbx_struct_sheet_hbond.range_1_auth_seq_id 
_pdbx_struct_sheet_hbond.range_2_label_atom_id 
_pdbx_struct_sheet_hbond.range_2_label_comp_id 
_pdbx_struct_sheet_hbond.range_2_label_asym_id 
_pdbx_struct_sheet_hbond.range_2_label_seq_id 
_pdbx_struct_sheet_hbond.range_2_PDB_ins_code 
_pdbx_struct_sheet_hbond.range_2_auth_atom_id 
_pdbx_struct_sheet_hbond.range_2_auth_comp_id 
_pdbx_struct_sheet_hbond.range_2_auth_asym_id 
_pdbx_struct_sheet_hbond.range_2_auth_seq_id 
A 1 2 N TYR A 24 ? N TYR A 25 O CYS A 28 ? O CYS A 29 
B 1 2 N GLU A 70 ? N GLU A 71 O THR A 77 ? O THR A 78 
# 
loop_
_struct_site.id 
_struct_site.pdbx_evidence_code 
_struct_site.pdbx_auth_asym_id 
_struct_site.pdbx_auth_comp_id 
_struct_site.pdbx_auth_seq_id 
_struct_site.pdbx_auth_ins_code 
_struct_site.pdbx_num_residues 
_struct_site.details 
AC1 Software A AIN 141 ? 9 'BINDING SITE FOR RESIDUE AIN A 141' 
AC2 Software A CA  201 ? 6 'BINDING SITE FOR RESIDUE CA A 201'  
# 
loop_
_struct_site_gen.id 
_struct_site_gen.site_id 
_struct_site_gen.pdbx_num_res 
_struct_site_gen.label_comp_id 
_struct_site_gen.label_asym_id 
_struct_site_gen.label_seq_id 
_struct_site_gen.pdbx_auth_ins_code 
_struct_site_gen.auth_comp_id 
_struct_site_gen.auth_asym_id 
_struct_site_gen.auth_seq_id 
_struct_site_gen.label_atom_id 
_struct_site_gen.label_alt_id 
_struct_site_gen.symmetry 
_struct_site_gen.details 
1  AC1 9 LEU A 2  ? LEU A 2   . ? 1_555 ? 
2  AC1 9 PHE A 21 ? PHE A 22  . ? 1_555 ? 
3  AC1 9 TYR A 27 ? TYR A 28  . ? 1_555 ? 
4  AC1 9 GLY A 29 ? GLY A 30  . ? 1_555 ? 
5  AC1 9 LYS A 30 ? LYS A 31  . ? 1_555 ? 
6  AC1 9 ASP A 48 ? ASP A 49  . ? 1_555 ? 
7  AC1 9 TYR A 63 ? TYR A 64  . ? 1_555 ? 
8  AC1 9 CA  C .  ? CA  A 201 . ? 1_555 ? 
9  AC1 9 HOH D .  ? HOH A 252 . ? 1_555 ? 
10 AC2 6 TYR A 27 ? TYR A 28  . ? 1_555 ? 
11 AC2 6 GLY A 29 ? GLY A 30  . ? 1_555 ? 
12 AC2 6 GLY A 31 ? GLY A 32  . ? 1_555 ? 
13 AC2 6 ASP A 48 ? ASP A 49  . ? 1_555 ? 
14 AC2 6 AIN B .  ? AIN A 141 . ? 1_555 ? 
15 AC2 6 HOH D .  ? HOH A 232 . ? 1_555 ? 
# 
_pdbx_entry_details.entry_id                   1OXR 
_pdbx_entry_details.compound_details           ? 
_pdbx_entry_details.source_details             ? 
_pdbx_entry_details.nonpolymer_details         ? 
_pdbx_entry_details.sequence_details           ? 
_pdbx_entry_details.has_ligand_of_interest     ? 
_pdbx_entry_details.has_protein_modification   Y 
# 
_pdbx_validate_rmsd_bond.id                        1 
_pdbx_validate_rmsd_bond.PDB_model_num             1 
_pdbx_validate_rmsd_bond.auth_atom_id_1            C 
_pdbx_validate_rmsd_bond.auth_asym_id_1            A 
_pdbx_validate_rmsd_bond.auth_comp_id_1            SER 
_pdbx_validate_rmsd_bond.auth_seq_id_1             15 
_pdbx_validate_rmsd_bond.PDB_ins_code_1            ? 
_pdbx_validate_rmsd_bond.label_alt_id_1            ? 
_pdbx_validate_rmsd_bond.auth_atom_id_2            N 
_pdbx_validate_rmsd_bond.auth_asym_id_2            A 
_pdbx_validate_rmsd_bond.auth_comp_id_2            ARG 
_pdbx_validate_rmsd_bond.auth_seq_id_2             17 
_pdbx_validate_rmsd_bond.PDB_ins_code_2            ? 
_pdbx_validate_rmsd_bond.label_alt_id_2            ? 
_pdbx_validate_rmsd_bond.bond_value                1.543 
_pdbx_validate_rmsd_bond.bond_target_value         1.336 
_pdbx_validate_rmsd_bond.bond_deviation            0.207 
_pdbx_validate_rmsd_bond.bond_standard_deviation   0.023 
_pdbx_validate_rmsd_bond.linker_flag               Y 
# 
_pdbx_validate_rmsd_angle.id                         1 
_pdbx_validate_rmsd_angle.PDB_model_num              1 
_pdbx_validate_rmsd_angle.auth_atom_id_1             CB 
_pdbx_validate_rmsd_angle.auth_asym_id_1             A 
_pdbx_validate_rmsd_angle.auth_comp_id_1             ASP 
_pdbx_validate_rmsd_angle.auth_seq_id_1              24 
_pdbx_validate_rmsd_angle.PDB_ins_code_1             ? 
_pdbx_validate_rmsd_angle.label_alt_id_1             ? 
_pdbx_validate_rmsd_angle.auth_atom_id_2             CG 
_pdbx_validate_rmsd_angle.auth_asym_id_2             A 
_pdbx_validate_rmsd_angle.auth_comp_id_2             ASP 
_pdbx_validate_rmsd_angle.auth_seq_id_2              24 
_pdbx_validate_rmsd_angle.PDB_ins_code_2             ? 
_pdbx_validate_rmsd_angle.label_alt_id_2             ? 
_pdbx_validate_rmsd_angle.auth_atom_id_3             OD2 
_pdbx_validate_rmsd_angle.auth_asym_id_3             A 
_pdbx_validate_rmsd_angle.auth_comp_id_3             ASP 
_pdbx_validate_rmsd_angle.auth_seq_id_3              24 
_pdbx_validate_rmsd_angle.PDB_ins_code_3             ? 
_pdbx_validate_rmsd_angle.label_alt_id_3             ? 
_pdbx_validate_rmsd_angle.angle_value                124.85 
_pdbx_validate_rmsd_angle.angle_target_value         118.30 
_pdbx_validate_rmsd_angle.angle_deviation            6.55 
_pdbx_validate_rmsd_angle.angle_standard_deviation   0.90 
_pdbx_validate_rmsd_angle.linker_flag                N 
# 
_pdbx_validate_torsion.id              1 
_pdbx_validate_torsion.PDB_model_num   1 
_pdbx_validate_torsion.auth_comp_id    ASP 
_pdbx_validate_torsion.auth_asym_id    A 
_pdbx_validate_torsion.auth_seq_id     24 
_pdbx_validate_torsion.PDB_ins_code    ? 
_pdbx_validate_torsion.label_alt_id    ? 
_pdbx_validate_torsion.phi             -153.50 
_pdbx_validate_torsion.psi             74.47 
# 
loop_
_chem_comp_atom.comp_id 
_chem_comp_atom.atom_id 
_chem_comp_atom.type_symbol 
_chem_comp_atom.pdbx_aromatic_flag 
_chem_comp_atom.pdbx_stereo_config 
_chem_comp_atom.pdbx_ordinal 
AIN O1   O  N N 1   
AIN C7   C  N N 2   
AIN O2   O  N N 3   
AIN C3   C  Y N 4   
AIN C4   C  Y N 5   
AIN C5   C  Y N 6   
AIN C6   C  Y N 7   
AIN C1   C  Y N 8   
AIN C2   C  Y N 9   
AIN O3   O  N N 10  
AIN C8   C  N N 11  
AIN O4   O  N N 12  
AIN C9   C  N N 13  
AIN HO1  H  N N 14  
AIN H4   H  N N 15  
AIN H5   H  N N 16  
AIN H6   H  N N 17  
AIN H1   H  N N 18  
AIN H91  H  N N 19  
AIN H92  H  N N 20  
AIN H93  H  N N 21  
ALA N    N  N N 22  
ALA CA   C  N S 23  
ALA C    C  N N 24  
ALA O    O  N N 25  
ALA CB   C  N N 26  
ALA OXT  O  N N 27  
ALA H    H  N N 28  
ALA H2   H  N N 29  
ALA HA   H  N N 30  
ALA HB1  H  N N 31  
ALA HB2  H  N N 32  
ALA HB3  H  N N 33  
ALA HXT  H  N N 34  
ARG N    N  N N 35  
ARG CA   C  N S 36  
ARG C    C  N N 37  
ARG O    O  N N 38  
ARG CB   C  N N 39  
ARG CG   C  N N 40  
ARG CD   C  N N 41  
ARG NE   N  N N 42  
ARG CZ   C  N N 43  
ARG NH1  N  N N 44  
ARG NH2  N  N N 45  
ARG OXT  O  N N 46  
ARG H    H  N N 47  
ARG H2   H  N N 48  
ARG HA   H  N N 49  
ARG HB2  H  N N 50  
ARG HB3  H  N N 51  
ARG HG2  H  N N 52  
ARG HG3  H  N N 53  
ARG HD2  H  N N 54  
ARG HD3  H  N N 55  
ARG HE   H  N N 56  
ARG HH11 H  N N 57  
ARG HH12 H  N N 58  
ARG HH21 H  N N 59  
ARG HH22 H  N N 60  
ARG HXT  H  N N 61  
ASN N    N  N N 62  
ASN CA   C  N S 63  
ASN C    C  N N 64  
ASN O    O  N N 65  
ASN CB   C  N N 66  
ASN CG   C  N N 67  
ASN OD1  O  N N 68  
ASN ND2  N  N N 69  
ASN OXT  O  N N 70  
ASN H    H  N N 71  
ASN H2   H  N N 72  
ASN HA   H  N N 73  
ASN HB2  H  N N 74  
ASN HB3  H  N N 75  
ASN HD21 H  N N 76  
ASN HD22 H  N N 77  
ASN HXT  H  N N 78  
ASP N    N  N N 79  
ASP CA   C  N S 80  
ASP C    C  N N 81  
ASP O    O  N N 82  
ASP CB   C  N N 83  
ASP CG   C  N N 84  
ASP OD1  O  N N 85  
ASP OD2  O  N N 86  
ASP OXT  O  N N 87  
ASP H    H  N N 88  
ASP H2   H  N N 89  
ASP HA   H  N N 90  
ASP HB2  H  N N 91  
ASP HB3  H  N N 92  
ASP HD2  H  N N 93  
ASP HXT  H  N N 94  
CA  CA   CA N N 95  
CYS N    N  N N 96  
CYS CA   C  N R 97  
CYS C    C  N N 98  
CYS O    O  N N 99  
CYS CB   C  N N 100 
CYS SG   S  N N 101 
CYS OXT  O  N N 102 
CYS H    H  N N 103 
CYS H2   H  N N 104 
CYS HA   H  N N 105 
CYS HB2  H  N N 106 
CYS HB3  H  N N 107 
CYS HG   H  N N 108 
CYS HXT  H  N N 109 
GLN N    N  N N 110 
GLN CA   C  N S 111 
GLN C    C  N N 112 
GLN O    O  N N 113 
GLN CB   C  N N 114 
GLN CG   C  N N 115 
GLN CD   C  N N 116 
GLN OE1  O  N N 117 
GLN NE2  N  N N 118 
GLN OXT  O  N N 119 
GLN H    H  N N 120 
GLN H2   H  N N 121 
GLN HA   H  N N 122 
GLN HB2  H  N N 123 
GLN HB3  H  N N 124 
GLN HG2  H  N N 125 
GLN HG3  H  N N 126 
GLN HE21 H  N N 127 
GLN HE22 H  N N 128 
GLN HXT  H  N N 129 
GLU N    N  N N 130 
GLU CA   C  N S 131 
GLU C    C  N N 132 
GLU O    O  N N 133 
GLU CB   C  N N 134 
GLU CG   C  N N 135 
GLU CD   C  N N 136 
GLU OE1  O  N N 137 
GLU OE2  O  N N 138 
GLU OXT  O  N N 139 
GLU H    H  N N 140 
GLU H2   H  N N 141 
GLU HA   H  N N 142 
GLU HB2  H  N N 143 
GLU HB3  H  N N 144 
GLU HG2  H  N N 145 
GLU HG3  H  N N 146 
GLU HE2  H  N N 147 
GLU HXT  H  N N 148 
GLY N    N  N N 149 
GLY CA   C  N N 150 
GLY C    C  N N 151 
GLY O    O  N N 152 
GLY OXT  O  N N 153 
GLY H    H  N N 154 
GLY H2   H  N N 155 
GLY HA2  H  N N 156 
GLY HA3  H  N N 157 
GLY HXT  H  N N 158 
HIS N    N  N N 159 
HIS CA   C  N S 160 
HIS C    C  N N 161 
HIS O    O  N N 162 
HIS CB   C  N N 163 
HIS CG   C  Y N 164 
HIS ND1  N  Y N 165 
HIS CD2  C  Y N 166 
HIS CE1  C  Y N 167 
HIS NE2  N  Y N 168 
HIS OXT  O  N N 169 
HIS H    H  N N 170 
HIS H2   H  N N 171 
HIS HA   H  N N 172 
HIS HB2  H  N N 173 
HIS HB3  H  N N 174 
HIS HD1  H  N N 175 
HIS HD2  H  N N 176 
HIS HE1  H  N N 177 
HIS HE2  H  N N 178 
HIS HXT  H  N N 179 
HOH O    O  N N 180 
HOH H1   H  N N 181 
HOH H2   H  N N 182 
ILE N    N  N N 183 
ILE CA   C  N S 184 
ILE C    C  N N 185 
ILE O    O  N N 186 
ILE CB   C  N S 187 
ILE CG1  C  N N 188 
ILE CG2  C  N N 189 
ILE CD1  C  N N 190 
ILE OXT  O  N N 191 
ILE H    H  N N 192 
ILE H2   H  N N 193 
ILE HA   H  N N 194 
ILE HB   H  N N 195 
ILE HG12 H  N N 196 
ILE HG13 H  N N 197 
ILE HG21 H  N N 198 
ILE HG22 H  N N 199 
ILE HG23 H  N N 200 
ILE HD11 H  N N 201 
ILE HD12 H  N N 202 
ILE HD13 H  N N 203 
ILE HXT  H  N N 204 
LEU N    N  N N 205 
LEU CA   C  N S 206 
LEU C    C  N N 207 
LEU O    O  N N 208 
LEU CB   C  N N 209 
LEU CG   C  N N 210 
LEU CD1  C  N N 211 
LEU CD2  C  N N 212 
LEU OXT  O  N N 213 
LEU H    H  N N 214 
LEU H2   H  N N 215 
LEU HA   H  N N 216 
LEU HB2  H  N N 217 
LEU HB3  H  N N 218 
LEU HG   H  N N 219 
LEU HD11 H  N N 220 
LEU HD12 H  N N 221 
LEU HD13 H  N N 222 
LEU HD21 H  N N 223 
LEU HD22 H  N N 224 
LEU HD23 H  N N 225 
LEU HXT  H  N N 226 
LYS N    N  N N 227 
LYS CA   C  N S 228 
LYS C    C  N N 229 
LYS O    O  N N 230 
LYS CB   C  N N 231 
LYS CG   C  N N 232 
LYS CD   C  N N 233 
LYS CE   C  N N 234 
LYS NZ   N  N N 235 
LYS OXT  O  N N 236 
LYS H    H  N N 237 
LYS H2   H  N N 238 
LYS HA   H  N N 239 
LYS HB2  H  N N 240 
LYS HB3  H  N N 241 
LYS HG2  H  N N 242 
LYS HG3  H  N N 243 
LYS HD2  H  N N 244 
LYS HD3  H  N N 245 
LYS HE2  H  N N 246 
LYS HE3  H  N N 247 
LYS HZ1  H  N N 248 
LYS HZ2  H  N N 249 
LYS HZ3  H  N N 250 
LYS HXT  H  N N 251 
MET N    N  N N 252 
MET CA   C  N S 253 
MET C    C  N N 254 
MET O    O  N N 255 
MET CB   C  N N 256 
MET CG   C  N N 257 
MET SD   S  N N 258 
MET CE   C  N N 259 
MET OXT  O  N N 260 
MET H    H  N N 261 
MET H2   H  N N 262 
MET HA   H  N N 263 
MET HB2  H  N N 264 
MET HB3  H  N N 265 
MET HG2  H  N N 266 
MET HG3  H  N N 267 
MET HE1  H  N N 268 
MET HE2  H  N N 269 
MET HE3  H  N N 270 
MET HXT  H  N N 271 
PHE N    N  N N 272 
PHE CA   C  N S 273 
PHE C    C  N N 274 
PHE O    O  N N 275 
PHE CB   C  N N 276 
PHE CG   C  Y N 277 
PHE CD1  C  Y N 278 
PHE CD2  C  Y N 279 
PHE CE1  C  Y N 280 
PHE CE2  C  Y N 281 
PHE CZ   C  Y N 282 
PHE OXT  O  N N 283 
PHE H    H  N N 284 
PHE H2   H  N N 285 
PHE HA   H  N N 286 
PHE HB2  H  N N 287 
PHE HB3  H  N N 288 
PHE HD1  H  N N 289 
PHE HD2  H  N N 290 
PHE HE1  H  N N 291 
PHE HE2  H  N N 292 
PHE HZ   H  N N 293 
PHE HXT  H  N N 294 
PRO N    N  N N 295 
PRO CA   C  N S 296 
PRO C    C  N N 297 
PRO O    O  N N 298 
PRO CB   C  N N 299 
PRO CG   C  N N 300 
PRO CD   C  N N 301 
PRO OXT  O  N N 302 
PRO H    H  N N 303 
PRO HA   H  N N 304 
PRO HB2  H  N N 305 
PRO HB3  H  N N 306 
PRO HG2  H  N N 307 
PRO HG3  H  N N 308 
PRO HD2  H  N N 309 
PRO HD3  H  N N 310 
PRO HXT  H  N N 311 
SER N    N  N N 312 
SER CA   C  N S 313 
SER C    C  N N 314 
SER O    O  N N 315 
SER CB   C  N N 316 
SER OG   O  N N 317 
SER OXT  O  N N 318 
SER H    H  N N 319 
SER H2   H  N N 320 
SER HA   H  N N 321 
SER HB2  H  N N 322 
SER HB3  H  N N 323 
SER HG   H  N N 324 
SER HXT  H  N N 325 
THR N    N  N N 326 
THR CA   C  N S 327 
THR C    C  N N 328 
THR O    O  N N 329 
THR CB   C  N R 330 
THR OG1  O  N N 331 
THR CG2  C  N N 332 
THR OXT  O  N N 333 
THR H    H  N N 334 
THR H2   H  N N 335 
THR HA   H  N N 336 
THR HB   H  N N 337 
THR HG1  H  N N 338 
THR HG21 H  N N 339 
THR HG22 H  N N 340 
THR HG23 H  N N 341 
THR HXT  H  N N 342 
TRP N    N  N N 343 
TRP CA   C  N S 344 
TRP C    C  N N 345 
TRP O    O  N N 346 
TRP CB   C  N N 347 
TRP CG   C  Y N 348 
TRP CD1  C  Y N 349 
TRP CD2  C  Y N 350 
TRP NE1  N  Y N 351 
TRP CE2  C  Y N 352 
TRP CE3  C  Y N 353 
TRP CZ2  C  Y N 354 
TRP CZ3  C  Y N 355 
TRP CH2  C  Y N 356 
TRP OXT  O  N N 357 
TRP H    H  N N 358 
TRP H2   H  N N 359 
TRP HA   H  N N 360 
TRP HB2  H  N N 361 
TRP HB3  H  N N 362 
TRP HD1  H  N N 363 
TRP HE1  H  N N 364 
TRP HE3  H  N N 365 
TRP HZ2  H  N N 366 
TRP HZ3  H  N N 367 
TRP HH2  H  N N 368 
TRP HXT  H  N N 369 
TYR N    N  N N 370 
TYR CA   C  N S 371 
TYR C    C  N N 372 
TYR O    O  N N 373 
TYR CB   C  N N 374 
TYR CG   C  Y N 375 
TYR CD1  C  Y N 376 
TYR CD2  C  Y N 377 
TYR CE1  C  Y N 378 
TYR CE2  C  Y N 379 
TYR CZ   C  Y N 380 
TYR OH   O  N N 381 
TYR OXT  O  N N 382 
TYR H    H  N N 383 
TYR H2   H  N N 384 
TYR HA   H  N N 385 
TYR HB2  H  N N 386 
TYR HB3  H  N N 387 
TYR HD1  H  N N 388 
TYR HD2  H  N N 389 
TYR HE1  H  N N 390 
TYR HE2  H  N N 391 
TYR HH   H  N N 392 
TYR HXT  H  N N 393 
VAL N    N  N N 394 
VAL CA   C  N S 395 
VAL C    C  N N 396 
VAL O    O  N N 397 
VAL CB   C  N N 398 
VAL CG1  C  N N 399 
VAL CG2  C  N N 400 
VAL OXT  O  N N 401 
VAL H    H  N N 402 
VAL H2   H  N N 403 
VAL HA   H  N N 404 
VAL HB   H  N N 405 
VAL HG11 H  N N 406 
VAL HG12 H  N N 407 
VAL HG13 H  N N 408 
VAL HG21 H  N N 409 
VAL HG22 H  N N 410 
VAL HG23 H  N N 411 
VAL HXT  H  N N 412 
# 
loop_
_chem_comp_bond.comp_id 
_chem_comp_bond.atom_id_1 
_chem_comp_bond.atom_id_2 
_chem_comp_bond.value_order 
_chem_comp_bond.pdbx_aromatic_flag 
_chem_comp_bond.pdbx_stereo_config 
_chem_comp_bond.pdbx_ordinal 
AIN O1  C7   sing N N 1   
AIN O1  HO1  sing N N 2   
AIN C7  O2   doub N N 3   
AIN C7  C3   sing N N 4   
AIN C3  C4   sing Y N 5   
AIN C3  C2   doub Y N 6   
AIN C4  C5   doub Y N 7   
AIN C4  H4   sing N N 8   
AIN C5  C6   sing Y N 9   
AIN C5  H5   sing N N 10  
AIN C6  C1   doub Y N 11  
AIN C6  H6   sing N N 12  
AIN C1  C2   sing Y N 13  
AIN C1  H1   sing N N 14  
AIN C2  O3   sing N N 15  
AIN O3  C8   sing N N 16  
AIN C8  O4   doub N N 17  
AIN C8  C9   sing N N 18  
AIN C9  H91  sing N N 19  
AIN C9  H92  sing N N 20  
AIN C9  H93  sing N N 21  
ALA N   CA   sing N N 22  
ALA N   H    sing N N 23  
ALA N   H2   sing N N 24  
ALA CA  C    sing N N 25  
ALA CA  CB   sing N N 26  
ALA CA  HA   sing N N 27  
ALA C   O    doub N N 28  
ALA C   OXT  sing N N 29  
ALA CB  HB1  sing N N 30  
ALA CB  HB2  sing N N 31  
ALA CB  HB3  sing N N 32  
ALA OXT HXT  sing N N 33  
ARG N   CA   sing N N 34  
ARG N   H    sing N N 35  
ARG N   H2   sing N N 36  
ARG CA  C    sing N N 37  
ARG CA  CB   sing N N 38  
ARG CA  HA   sing N N 39  
ARG C   O    doub N N 40  
ARG C   OXT  sing N N 41  
ARG CB  CG   sing N N 42  
ARG CB  HB2  sing N N 43  
ARG CB  HB3  sing N N 44  
ARG CG  CD   sing N N 45  
ARG CG  HG2  sing N N 46  
ARG CG  HG3  sing N N 47  
ARG CD  NE   sing N N 48  
ARG CD  HD2  sing N N 49  
ARG CD  HD3  sing N N 50  
ARG NE  CZ   sing N N 51  
ARG NE  HE   sing N N 52  
ARG CZ  NH1  sing N N 53  
ARG CZ  NH2  doub N N 54  
ARG NH1 HH11 sing N N 55  
ARG NH1 HH12 sing N N 56  
ARG NH2 HH21 sing N N 57  
ARG NH2 HH22 sing N N 58  
ARG OXT HXT  sing N N 59  
ASN N   CA   sing N N 60  
ASN N   H    sing N N 61  
ASN N   H2   sing N N 62  
ASN CA  C    sing N N 63  
ASN CA  CB   sing N N 64  
ASN CA  HA   sing N N 65  
ASN C   O    doub N N 66  
ASN C   OXT  sing N N 67  
ASN CB  CG   sing N N 68  
ASN CB  HB2  sing N N 69  
ASN CB  HB3  sing N N 70  
ASN CG  OD1  doub N N 71  
ASN CG  ND2  sing N N 72  
ASN ND2 HD21 sing N N 73  
ASN ND2 HD22 sing N N 74  
ASN OXT HXT  sing N N 75  
ASP N   CA   sing N N 76  
ASP N   H    sing N N 77  
ASP N   H2   sing N N 78  
ASP CA  C    sing N N 79  
ASP CA  CB   sing N N 80  
ASP CA  HA   sing N N 81  
ASP C   O    doub N N 82  
ASP C   OXT  sing N N 83  
ASP CB  CG   sing N N 84  
ASP CB  HB2  sing N N 85  
ASP CB  HB3  sing N N 86  
ASP CG  OD1  doub N N 87  
ASP CG  OD2  sing N N 88  
ASP OD2 HD2  sing N N 89  
ASP OXT HXT  sing N N 90  
CYS N   CA   sing N N 91  
CYS N   H    sing N N 92  
CYS N   H2   sing N N 93  
CYS CA  C    sing N N 94  
CYS CA  CB   sing N N 95  
CYS CA  HA   sing N N 96  
CYS C   O    doub N N 97  
CYS C   OXT  sing N N 98  
CYS CB  SG   sing N N 99  
CYS CB  HB2  sing N N 100 
CYS CB  HB3  sing N N 101 
CYS SG  HG   sing N N 102 
CYS OXT HXT  sing N N 103 
GLN N   CA   sing N N 104 
GLN N   H    sing N N 105 
GLN N   H2   sing N N 106 
GLN CA  C    sing N N 107 
GLN CA  CB   sing N N 108 
GLN CA  HA   sing N N 109 
GLN C   O    doub N N 110 
GLN C   OXT  sing N N 111 
GLN CB  CG   sing N N 112 
GLN CB  HB2  sing N N 113 
GLN CB  HB3  sing N N 114 
GLN CG  CD   sing N N 115 
GLN CG  HG2  sing N N 116 
GLN CG  HG3  sing N N 117 
GLN CD  OE1  doub N N 118 
GLN CD  NE2  sing N N 119 
GLN NE2 HE21 sing N N 120 
GLN NE2 HE22 sing N N 121 
GLN OXT HXT  sing N N 122 
GLU N   CA   sing N N 123 
GLU N   H    sing N N 124 
GLU N   H2   sing N N 125 
GLU CA  C    sing N N 126 
GLU CA  CB   sing N N 127 
GLU CA  HA   sing N N 128 
GLU C   O    doub N N 129 
GLU C   OXT  sing N N 130 
GLU CB  CG   sing N N 131 
GLU CB  HB2  sing N N 132 
GLU CB  HB3  sing N N 133 
GLU CG  CD   sing N N 134 
GLU CG  HG2  sing N N 135 
GLU CG  HG3  sing N N 136 
GLU CD  OE1  doub N N 137 
GLU CD  OE2  sing N N 138 
GLU OE2 HE2  sing N N 139 
GLU OXT HXT  sing N N 140 
GLY N   CA   sing N N 141 
GLY N   H    sing N N 142 
GLY N   H2   sing N N 143 
GLY CA  C    sing N N 144 
GLY CA  HA2  sing N N 145 
GLY CA  HA3  sing N N 146 
GLY C   O    doub N N 147 
GLY C   OXT  sing N N 148 
GLY OXT HXT  sing N N 149 
HIS N   CA   sing N N 150 
HIS N   H    sing N N 151 
HIS N   H2   sing N N 152 
HIS CA  C    sing N N 153 
HIS CA  CB   sing N N 154 
HIS CA  HA   sing N N 155 
HIS C   O    doub N N 156 
HIS C   OXT  sing N N 157 
HIS CB  CG   sing N N 158 
HIS CB  HB2  sing N N 159 
HIS CB  HB3  sing N N 160 
HIS CG  ND1  sing Y N 161 
HIS CG  CD2  doub Y N 162 
HIS ND1 CE1  doub Y N 163 
HIS ND1 HD1  sing N N 164 
HIS CD2 NE2  sing Y N 165 
HIS CD2 HD2  sing N N 166 
HIS CE1 NE2  sing Y N 167 
HIS CE1 HE1  sing N N 168 
HIS NE2 HE2  sing N N 169 
HIS OXT HXT  sing N N 170 
HOH O   H1   sing N N 171 
HOH O   H2   sing N N 172 
ILE N   CA   sing N N 173 
ILE N   H    sing N N 174 
ILE N   H2   sing N N 175 
ILE CA  C    sing N N 176 
ILE CA  CB   sing N N 177 
ILE CA  HA   sing N N 178 
ILE C   O    doub N N 179 
ILE C   OXT  sing N N 180 
ILE CB  CG1  sing N N 181 
ILE CB  CG2  sing N N 182 
ILE CB  HB   sing N N 183 
ILE CG1 CD1  sing N N 184 
ILE CG1 HG12 sing N N 185 
ILE CG1 HG13 sing N N 186 
ILE CG2 HG21 sing N N 187 
ILE CG2 HG22 sing N N 188 
ILE CG2 HG23 sing N N 189 
ILE CD1 HD11 sing N N 190 
ILE CD1 HD12 sing N N 191 
ILE CD1 HD13 sing N N 192 
ILE OXT HXT  sing N N 193 
LEU N   CA   sing N N 194 
LEU N   H    sing N N 195 
LEU N   H2   sing N N 196 
LEU CA  C    sing N N 197 
LEU CA  CB   sing N N 198 
LEU CA  HA   sing N N 199 
LEU C   O    doub N N 200 
LEU C   OXT  sing N N 201 
LEU CB  CG   sing N N 202 
LEU CB  HB2  sing N N 203 
LEU CB  HB3  sing N N 204 
LEU CG  CD1  sing N N 205 
LEU CG  CD2  sing N N 206 
LEU CG  HG   sing N N 207 
LEU CD1 HD11 sing N N 208 
LEU CD1 HD12 sing N N 209 
LEU CD1 HD13 sing N N 210 
LEU CD2 HD21 sing N N 211 
LEU CD2 HD22 sing N N 212 
LEU CD2 HD23 sing N N 213 
LEU OXT HXT  sing N N 214 
LYS N   CA   sing N N 215 
LYS N   H    sing N N 216 
LYS N   H2   sing N N 217 
LYS CA  C    sing N N 218 
LYS CA  CB   sing N N 219 
LYS CA  HA   sing N N 220 
LYS C   O    doub N N 221 
LYS C   OXT  sing N N 222 
LYS CB  CG   sing N N 223 
LYS CB  HB2  sing N N 224 
LYS CB  HB3  sing N N 225 
LYS CG  CD   sing N N 226 
LYS CG  HG2  sing N N 227 
LYS CG  HG3  sing N N 228 
LYS CD  CE   sing N N 229 
LYS CD  HD2  sing N N 230 
LYS CD  HD3  sing N N 231 
LYS CE  NZ   sing N N 232 
LYS CE  HE2  sing N N 233 
LYS CE  HE3  sing N N 234 
LYS NZ  HZ1  sing N N 235 
LYS NZ  HZ2  sing N N 236 
LYS NZ  HZ3  sing N N 237 
LYS OXT HXT  sing N N 238 
MET N   CA   sing N N 239 
MET N   H    sing N N 240 
MET N   H2   sing N N 241 
MET CA  C    sing N N 242 
MET CA  CB   sing N N 243 
MET CA  HA   sing N N 244 
MET C   O    doub N N 245 
MET C   OXT  sing N N 246 
MET CB  CG   sing N N 247 
MET CB  HB2  sing N N 248 
MET CB  HB3  sing N N 249 
MET CG  SD   sing N N 250 
MET CG  HG2  sing N N 251 
MET CG  HG3  sing N N 252 
MET SD  CE   sing N N 253 
MET CE  HE1  sing N N 254 
MET CE  HE2  sing N N 255 
MET CE  HE3  sing N N 256 
MET OXT HXT  sing N N 257 
PHE N   CA   sing N N 258 
PHE N   H    sing N N 259 
PHE N   H2   sing N N 260 
PHE CA  C    sing N N 261 
PHE CA  CB   sing N N 262 
PHE CA  HA   sing N N 263 
PHE C   O    doub N N 264 
PHE C   OXT  sing N N 265 
PHE CB  CG   sing N N 266 
PHE CB  HB2  sing N N 267 
PHE CB  HB3  sing N N 268 
PHE CG  CD1  doub Y N 269 
PHE CG  CD2  sing Y N 270 
PHE CD1 CE1  sing Y N 271 
PHE CD1 HD1  sing N N 272 
PHE CD2 CE2  doub Y N 273 
PHE CD2 HD2  sing N N 274 
PHE CE1 CZ   doub Y N 275 
PHE CE1 HE1  sing N N 276 
PHE CE2 CZ   sing Y N 277 
PHE CE2 HE2  sing N N 278 
PHE CZ  HZ   sing N N 279 
PHE OXT HXT  sing N N 280 
PRO N   CA   sing N N 281 
PRO N   CD   sing N N 282 
PRO N   H    sing N N 283 
PRO CA  C    sing N N 284 
PRO CA  CB   sing N N 285 
PRO CA  HA   sing N N 286 
PRO C   O    doub N N 287 
PRO C   OXT  sing N N 288 
PRO CB  CG   sing N N 289 
PRO CB  HB2  sing N N 290 
PRO CB  HB3  sing N N 291 
PRO CG  CD   sing N N 292 
PRO CG  HG2  sing N N 293 
PRO CG  HG3  sing N N 294 
PRO CD  HD2  sing N N 295 
PRO CD  HD3  sing N N 296 
PRO OXT HXT  sing N N 297 
SER N   CA   sing N N 298 
SER N   H    sing N N 299 
SER N   H2   sing N N 300 
SER CA  C    sing N N 301 
SER CA  CB   sing N N 302 
SER CA  HA   sing N N 303 
SER C   O    doub N N 304 
SER C   OXT  sing N N 305 
SER CB  OG   sing N N 306 
SER CB  HB2  sing N N 307 
SER CB  HB3  sing N N 308 
SER OG  HG   sing N N 309 
SER OXT HXT  sing N N 310 
THR N   CA   sing N N 311 
THR N   H    sing N N 312 
THR N   H2   sing N N 313 
THR CA  C    sing N N 314 
THR CA  CB   sing N N 315 
THR CA  HA   sing N N 316 
THR C   O    doub N N 317 
THR C   OXT  sing N N 318 
THR CB  OG1  sing N N 319 
THR CB  CG2  sing N N 320 
THR CB  HB   sing N N 321 
THR OG1 HG1  sing N N 322 
THR CG2 HG21 sing N N 323 
THR CG2 HG22 sing N N 324 
THR CG2 HG23 sing N N 325 
THR OXT HXT  sing N N 326 
TRP N   CA   sing N N 327 
TRP N   H    sing N N 328 
TRP N   H2   sing N N 329 
TRP CA  C    sing N N 330 
TRP CA  CB   sing N N 331 
TRP CA  HA   sing N N 332 
TRP C   O    doub N N 333 
TRP C   OXT  sing N N 334 
TRP CB  CG   sing N N 335 
TRP CB  HB2  sing N N 336 
TRP CB  HB3  sing N N 337 
TRP CG  CD1  doub Y N 338 
TRP CG  CD2  sing Y N 339 
TRP CD1 NE1  sing Y N 340 
TRP CD1 HD1  sing N N 341 
TRP CD2 CE2  doub Y N 342 
TRP CD2 CE3  sing Y N 343 
TRP NE1 CE2  sing Y N 344 
TRP NE1 HE1  sing N N 345 
TRP CE2 CZ2  sing Y N 346 
TRP CE3 CZ3  doub Y N 347 
TRP CE3 HE3  sing N N 348 
TRP CZ2 CH2  doub Y N 349 
TRP CZ2 HZ2  sing N N 350 
TRP CZ3 CH2  sing Y N 351 
TRP CZ3 HZ3  sing N N 352 
TRP CH2 HH2  sing N N 353 
TRP OXT HXT  sing N N 354 
TYR N   CA   sing N N 355 
TYR N   H    sing N N 356 
TYR N   H2   sing N N 357 
TYR CA  C    sing N N 358 
TYR CA  CB   sing N N 359 
TYR CA  HA   sing N N 360 
TYR C   O    doub N N 361 
TYR C   OXT  sing N N 362 
TYR CB  CG   sing N N 363 
TYR CB  HB2  sing N N 364 
TYR CB  HB3  sing N N 365 
TYR CG  CD1  doub Y N 366 
TYR CG  CD2  sing Y N 367 
TYR CD1 CE1  sing Y N 368 
TYR CD1 HD1  sing N N 369 
TYR CD2 CE2  doub Y N 370 
TYR CD2 HD2  sing N N 371 
TYR CE1 CZ   doub Y N 372 
TYR CE1 HE1  sing N N 373 
TYR CE2 CZ   sing Y N 374 
TYR CE2 HE2  sing N N 375 
TYR CZ  OH   sing N N 376 
TYR OH  HH   sing N N 377 
TYR OXT HXT  sing N N 378 
VAL N   CA   sing N N 379 
VAL N   H    sing N N 380 
VAL N   H2   sing N N 381 
VAL CA  C    sing N N 382 
VAL CA  CB   sing N N 383 
VAL CA  HA   sing N N 384 
VAL C   O    doub N N 385 
VAL C   OXT  sing N N 386 
VAL CB  CG1  sing N N 387 
VAL CB  CG2  sing N N 388 
VAL CB  HB   sing N N 389 
VAL CG1 HG11 sing N N 390 
VAL CG1 HG12 sing N N 391 
VAL CG1 HG13 sing N N 392 
VAL CG2 HG21 sing N N 393 
VAL CG2 HG22 sing N N 394 
VAL CG2 HG23 sing N N 395 
VAL OXT HXT  sing N N 396 
# 
_pdbx_initial_refinement_model.id               1 
_pdbx_initial_refinement_model.entity_id_list   ? 
_pdbx_initial_refinement_model.type             'experimental model' 
_pdbx_initial_refinement_model.source_name      PDB 
_pdbx_initial_refinement_model.accession_code   1LFF 
_pdbx_initial_refinement_model.details          'PDB entry 1LFF' 
# 
_atom_sites.entry_id                    1OXR 
_atom_sites.fract_transf_matrix[1][1]   0.00658452 
_atom_sites.fract_transf_matrix[1][2]   0.00279227 
_atom_sites.fract_transf_matrix[1][3]   0.02234216 
_atom_sites.fract_transf_matrix[2][1]   -0.00951329 
_atom_sites.fract_transf_matrix[2][2]   0.02144310 
_atom_sites.fract_transf_matrix[2][3]   0.00012378 
_atom_sites.fract_transf_matrix[3][1]   -0.01335504 
_atom_sites.fract_transf_matrix[3][2]   -0.00595202 
_atom_sites.fract_transf_matrix[3][3]   0.00467977 
_atom_sites.fract_transf_vector[1]      0.231422 
_atom_sites.fract_transf_vector[2]      0.465847 
_atom_sites.fract_transf_vector[3]      -0.001968 
# 
loop_
_atom_type.symbol 
C  
CA 
N  
O  
S  
# 
loop_
_atom_site.group_PDB 
_atom_site.id 
_atom_site.type_symbol 
_atom_site.label_atom_id 
_atom_site.label_alt_id 
_atom_site.label_comp_id 
_atom_site.label_asym_id 
_atom_site.label_entity_id 
_atom_site.label_seq_id 
_atom_site.pdbx_PDB_ins_code 
_atom_site.Cartn_x 
_atom_site.Cartn_y 
_atom_site.Cartn_z 
_atom_site.occupancy 
_atom_site.B_iso_or_equiv 
_atom_site.pdbx_formal_charge 
_atom_site.auth_seq_id 
_atom_site.auth_comp_id 
_atom_site.auth_asym_id 
_atom_site.auth_atom_id 
_atom_site.pdbx_PDB_model_num 
ATOM   1    N  N   . ASN A 1 1   ? -10.417 -1.735  0.959   1.00 15.18 ? 1   ASN A N   1 
ATOM   2    C  CA  . ASN A 1 1   ? -9.990  -3.048  1.565   1.00 16.24 ? 1   ASN A CA  1 
ATOM   3    C  C   . ASN A 1 1   ? -8.806  -3.648  0.813   1.00 16.63 ? 1   ASN A C   1 
ATOM   4    O  O   . ASN A 1 1   ? -8.433  -3.156  -0.265  1.00 16.13 ? 1   ASN A O   1 
ATOM   5    C  CB  . ASN A 1 1   ? -11.165 -4.030  1.692   1.00 16.53 ? 1   ASN A CB  1 
ATOM   6    C  CG  . ASN A 1 1   ? -11.715 -4.476  0.356   1.00 17.88 ? 1   ASN A CG  1 
ATOM   7    O  OD1 . ASN A 1 1   ? -10.954 -4.804  -0.558  1.00 20.11 ? 1   ASN A OD1 1 
ATOM   8    N  ND2 . ASN A 1 1   ? -13.058 -4.488  0.230   1.00 18.30 ? 1   ASN A ND2 1 
ATOM   9    N  N   . LEU A 1 2   ? -8.120  -4.610  1.421   1.00 17.17 ? 2   LEU A N   1 
ATOM   10   C  CA  . LEU A 1 2   ? -6.963  -5.226  0.769   1.00 18.23 ? 2   LEU A CA  1 
ATOM   11   C  C   . LEU A 1 2   ? -7.226  -5.764  -0.629  1.00 18.03 ? 2   LEU A C   1 
ATOM   12   O  O   . LEU A 1 2   ? -6.346  -5.720  -1.461  1.00 18.57 ? 2   LEU A O   1 
ATOM   13   C  CB  . LEU A 1 2   ? -6.317  -6.295  1.654   1.00 19.14 ? 2   LEU A CB  1 
ATOM   14   C  CG  . LEU A 1 2   ? -5.672  -5.735  2.929   1.00 22.55 ? 2   LEU A CG  1 
ATOM   15   C  CD1 . LEU A 1 2   ? -4.825  -6.806  3.611   1.00 25.58 ? 2   LEU A CD1 1 
ATOM   16   C  CD2 . LEU A 1 2   ? -4.795  -4.499  2.634   1.00 26.07 ? 2   LEU A CD2 1 
ATOM   17   N  N   . TYR A 1 3   ? -8.418  -6.290  -0.885  1.00 18.34 ? 3   TYR A N   1 
ATOM   18   C  CA  . TYR A 1 3   ? -8.737  -6.769  -2.233  1.00 18.45 ? 3   TYR A CA  1 
ATOM   19   C  C   . TYR A 1 3   ? -8.644  -5.595  -3.238  1.00 17.69 ? 3   TYR A C   1 
ATOM   20   O  O   . TYR A 1 3   ? -8.117  -5.723  -4.352  1.00 17.37 ? 3   TYR A O   1 
ATOM   21   C  CB  . TYR A 1 3   ? -10.134 -7.388  -2.261  1.00 18.57 ? 3   TYR A CB  1 
ATOM   22   C  CG  . TYR A 1 3   ? -10.637 -7.730  -3.634  1.00 19.71 ? 3   TYR A CG  1 
ATOM   23   C  CD1 . TYR A 1 3   ? -10.163 -8.835  -4.309  1.00 22.85 ? 3   TYR A CD1 1 
ATOM   24   C  CD2 . TYR A 1 3   ? -11.616 -6.951  -4.251  1.00 21.77 ? 3   TYR A CD2 1 
ATOM   25   C  CE1 . TYR A 1 3   ? -10.626 -9.148  -5.565  1.00 22.59 ? 3   TYR A CE1 1 
ATOM   26   C  CE2 . TYR A 1 3   ? -12.079 -7.254  -5.491  1.00 19.31 ? 3   TYR A CE2 1 
ATOM   27   C  CZ  . TYR A 1 3   ? -11.585 -8.357  -6.148  1.00 22.48 ? 3   TYR A CZ  1 
ATOM   28   O  OH  . TYR A 1 3   ? -12.039 -8.669  -7.409  1.00 24.01 ? 3   TYR A OH  1 
ATOM   29   N  N   . GLN A 1 4   ? -9.167  -4.450  -2.829  1.00 17.57 ? 4   GLN A N   1 
ATOM   30   C  CA  . GLN A 1 4   ? -9.138  -3.252  -3.654  1.00 17.09 ? 4   GLN A CA  1 
ATOM   31   C  C   . GLN A 1 4   ? -7.728  -2.722  -3.835  1.00 16.86 ? 4   GLN A C   1 
ATOM   32   O  O   . GLN A 1 4   ? -7.350  -2.333  -4.917  1.00 17.04 ? 4   GLN A O   1 
ATOM   33   C  CB  . GLN A 1 4   ? -10.052 -2.172  -3.070  1.00 16.97 ? 4   GLN A CB  1 
ATOM   34   C  CG  . GLN A 1 4   ? -11.494 -2.600  -3.007  1.00 16.25 ? 4   GLN A CG  1 
ATOM   35   C  CD  . GLN A 1 4   ? -12.355 -1.590  -2.336  1.00 17.70 ? 4   GLN A CD  1 
ATOM   36   O  OE1 . GLN A 1 4   ? -12.094 -1.221  -1.176  1.00 14.29 ? 4   GLN A OE1 1 
ATOM   37   N  NE2 . GLN A 1 4   ? -13.403 -1.122  -3.046  1.00 17.39 ? 4   GLN A NE2 1 
ATOM   38   N  N   . PHE A 1 5   ? -6.940  -2.718  -2.777  1.00 17.55 ? 5   PHE A N   1 
ATOM   39   C  CA  . PHE A 1 5   ? -5.557  -2.282  -2.860  1.00 17.30 ? 5   PHE A CA  1 
ATOM   40   C  C   . PHE A 1 5   ? -4.824  -3.161  -3.880  1.00 18.47 ? 5   PHE A C   1 
ATOM   41   O  O   . PHE A 1 5   ? -4.067  -2.654  -4.723  1.00 18.72 ? 5   PHE A O   1 
ATOM   42   C  CB  . PHE A 1 5   ? -4.899  -2.400  -1.481  1.00 16.77 ? 5   PHE A CB  1 
ATOM   43   C  CG  . PHE A 1 5   ? -3.510  -1.841  -1.415  1.00 18.29 ? 5   PHE A CG  1 
ATOM   44   C  CD1 . PHE A 1 5   ? -3.181  -0.680  -2.084  1.00 18.12 ? 5   PHE A CD1 1 
ATOM   45   C  CD2 . PHE A 1 5   ? -2.531  -2.488  -0.659  1.00 20.47 ? 5   PHE A CD2 1 
ATOM   46   C  CE1 . PHE A 1 5   ? -1.925  -0.160  -2.007  1.00 20.18 ? 5   PHE A CE1 1 
ATOM   47   C  CE2 . PHE A 1 5   ? -1.259  -1.993  -0.593  1.00 20.37 ? 5   PHE A CE2 1 
ATOM   48   C  CZ  . PHE A 1 5   ? -0.946  -0.827  -1.271  1.00 20.83 ? 5   PHE A CZ  1 
ATOM   49   N  N   . LYS A 1 6   ? -5.058  -4.475  -3.803  1.00 18.59 ? 6   LYS A N   1 
ATOM   50   C  CA  . LYS A 1 6   ? -4.440  -5.427  -4.730  1.00 20.02 ? 6   LYS A CA  1 
ATOM   51   C  C   . LYS A 1 6   ? -4.786  -5.029  -6.184  1.00 19.64 ? 6   LYS A C   1 
ATOM   52   O  O   . LYS A 1 6   ? -3.932  -4.998  -7.066  1.00 19.05 ? 6   LYS A O   1 
ATOM   53   C  CB  . LYS A 1 6   ? -4.938  -6.835  -4.404  1.00 20.33 ? 6   LYS A CB  1 
ATOM   54   C  CG  . LYS A 1 6   ? -4.596  -7.904  -5.385  1.00 25.11 ? 6   LYS A CG  1 
ATOM   55   C  CD  . LYS A 1 6   ? -5.397  -9.162  -5.095  1.00 29.02 ? 6   LYS A CD  1 
ATOM   56   C  CE  . LYS A 1 6   ? -5.572  -10.018 -6.341  1.00 32.96 ? 6   LYS A CE  1 
ATOM   57   N  NZ  . LYS A 1 6   ? -6.701  -10.995 -6.244  1.00 34.89 ? 6   LYS A NZ  1 
ATOM   58   N  N   . ASN A 1 7   ? -6.043  -4.689  -6.405  1.00 19.61 ? 7   ASN A N   1 
ATOM   59   C  CA  . ASN A 1 7   ? -6.490  -4.267  -7.721  1.00 20.55 ? 7   ASN A CA  1 
ATOM   60   C  C   . ASN A 1 7   ? -5.868  -2.965  -8.211  1.00 20.31 ? 7   ASN A C   1 
ATOM   61   O  O   . ASN A 1 7   ? -5.568  -2.839  -9.412  1.00 19.71 ? 7   ASN A O   1 
ATOM   62   C  CB  . ASN A 1 7   ? -8.005  -4.237  -7.771  1.00 20.74 ? 7   ASN A CB  1 
ATOM   63   C  CG  . ASN A 1 7   ? -8.573  -5.592  -8.100  1.00 22.68 ? 7   ASN A CG  1 
ATOM   64   O  OD1 . ASN A 1 7   ? -8.786  -5.910  -9.279  1.00 22.80 ? 7   ASN A OD1 1 
ATOM   65   N  ND2 . ASN A 1 7   ? -8.746  -6.442  -7.075  1.00 20.30 ? 7   ASN A ND2 1 
ATOM   66   N  N   . MET A 1 8   ? -5.638  -2.017  -7.292  1.00 19.95 ? 8   MET A N   1 
ATOM   67   C  CA  . MET A 1 8   ? -4.963  -0.776  -7.613  1.00 19.90 ? 8   MET A CA  1 
ATOM   68   C  C   . MET A 1 8   ? -3.545  -1.096  -8.093  1.00 21.11 ? 8   MET A C   1 
ATOM   69   O  O   . MET A 1 8   ? -3.054  -0.500  -9.062  1.00 21.41 ? 8   MET A O   1 
ATOM   70   C  CB  . MET A 1 8   ? -4.881  0.134   -6.369  1.00 19.37 ? 8   MET A CB  1 
ATOM   71   C  CG  . MET A 1 8   ? -6.190  0.824   -5.994  1.00 19.15 ? 8   MET A CG  1 
ATOM   72   S  SD  . MET A 1 8   ? -5.844  2.171   -4.821  1.00 15.84 ? 8   MET A SD  1 
ATOM   73   C  CE  . MET A 1 8   ? -7.452  2.882   -4.558  1.00 16.97 ? 8   MET A CE  1 
ATOM   74   N  N   . ILE A 1 9   ? -2.894  -2.038  -7.412  1.00 22.00 ? 9   ILE A N   1 
ATOM   75   C  CA  . ILE A 1 9   ? -1.537  -2.408  -7.767  1.00 23.59 ? 9   ILE A CA  1 
ATOM   76   C  C   . ILE A 1 9   ? -1.518  -3.023  -9.156  1.00 24.91 ? 9   ILE A C   1 
ATOM   77   O  O   . ILE A 1 9   ? -0.662  -2.681  -9.964  1.00 24.59 ? 9   ILE A O   1 
ATOM   78   C  CB  . ILE A 1 9   ? -0.931  -3.330  -6.743  1.00 24.03 ? 9   ILE A CB  1 
ATOM   79   C  CG1 . ILE A 1 9   ? -0.831  -2.604  -5.408  1.00 24.75 ? 9   ILE A CG1 1 
ATOM   80   C  CG2 . ILE A 1 9   ? 0.479   -3.775  -7.189  1.00 24.49 ? 9   ILE A CG2 1 
ATOM   81   C  CD1 . ILE A 1 9   ? -0.449  -3.543  -4.281  1.00 26.28 ? 9   ILE A CD1 1 
ATOM   82   N  N   . GLN A 1 10  ? -2.459  -3.923  -9.417  1.00 26.38 ? 10  GLN A N   1 
ATOM   83   C  CA  . GLN A 1 10  ? -2.563  -4.577  -10.730 1.00 28.37 ? 10  GLN A CA  1 
ATOM   84   C  C   . GLN A 1 10  ? -2.795  -3.549  -11.825 1.00 29.53 ? 10  GLN A C   1 
ATOM   85   O  O   . GLN A 1 10  ? -2.459  -3.742  -13.013 1.00 28.90 ? 10  GLN A O   1 
ATOM   86   C  CB  . GLN A 1 10  ? -3.725  -5.567  -10.751 1.00 28.48 ? 10  GLN A CB  1 
ATOM   87   C  CG  . GLN A 1 10  ? -3.530  -6.805  -9.926  1.00 30.86 ? 10  GLN A CG  1 
ATOM   88   C  CD  . GLN A 1 10  ? -4.806  -7.609  -9.836  1.00 33.48 ? 10  GLN A CD  1 
ATOM   89   O  OE1 . GLN A 1 10  ? -5.893  -7.081  -10.074 1.00 35.41 ? 10  GLN A OE1 1 
ATOM   90   N  NE2 . GLN A 1 10  ? -4.684  -8.885  -9.494  1.00 36.29 ? 10  GLN A NE2 1 
ATOM   91   N  N   . CYS A 1 11  ? -3.394  -2.441  -11.415 1.00 30.70 ? 11  CYS A N   1 
ATOM   92   C  CA  . CYS A 1 11  ? -3.747  -1.406  -12.348 1.00 32.13 ? 11  CYS A CA  1 
ATOM   93   C  C   . CYS A 1 11  ? -2.620  -0.433  -12.671 1.00 31.40 ? 11  CYS A C   1 
ATOM   94   O  O   . CYS A 1 11  ? -2.508  0.031   -13.800 1.00 31.55 ? 11  CYS A O   1 
ATOM   95   C  CB  . CYS A 1 11  ? -4.939  -0.658  -11.788 1.00 32.51 ? 11  CYS A CB  1 
ATOM   96   S  SG  . CYS A 1 11  ? -6.093  -0.304  -13.090 1.00 39.51 ? 11  CYS A SG  1 
ATOM   97   N  N   . THR A 1 12  ? -1.766  -0.136  -11.703 1.00 31.15 ? 12  THR A N   1 
ATOM   98   C  CA  . THR A 1 12  ? -0.698  0.825   -11.934 1.00 31.32 ? 12  THR A CA  1 
ATOM   99   C  C   . THR A 1 12  ? 0.586   0.121   -12.289 1.00 31.40 ? 12  THR A C   1 
ATOM   100  O  O   . THR A 1 12  ? 1.455   0.733   -12.885 1.00 30.57 ? 12  THR A O   1 
ATOM   101  C  CB  . THR A 1 12  ? -0.429  1.701   -10.705 1.00 31.40 ? 12  THR A CB  1 
ATOM   102  O  OG1 . THR A 1 12  ? -0.082  0.869   -9.589  1.00 31.73 ? 12  THR A OG1 1 
ATOM   103  C  CG2 . THR A 1 12  ? -1.656  2.451   -10.289 1.00 32.07 ? 12  THR A CG2 1 
ATOM   104  N  N   . VAL A 1 13  ? 0.697   -1.149  -11.913 1.00 31.78 ? 13  VAL A N   1 
ATOM   105  C  CA  . VAL A 1 13  ? 1.895   -1.944  -12.189 1.00 33.09 ? 13  VAL A CA  1 
ATOM   106  C  C   . VAL A 1 13  ? 1.502   -3.287  -12.809 1.00 33.95 ? 13  VAL A C   1 
ATOM   107  O  O   . VAL A 1 13  ? 1.682   -4.333  -12.215 1.00 33.26 ? 13  VAL A O   1 
ATOM   108  C  CB  . VAL A 1 13  ? 2.688   -2.220  -10.900 1.00 33.08 ? 13  VAL A CB  1 
ATOM   109  C  CG1 . VAL A 1 13  ? 4.038   -2.837  -11.217 1.00 34.10 ? 13  VAL A CG1 1 
ATOM   110  C  CG2 . VAL A 1 13  ? 2.865   -0.935  -10.076 1.00 33.32 ? 13  VAL A CG2 1 
ATOM   111  N  N   . PRO A 1 14  ? 0.953   -3.268  -14.011 1.00 35.93 ? 14  PRO A N   1 
ATOM   112  C  CA  . PRO A 1 14  ? 0.517   -4.515  -14.651 1.00 37.17 ? 14  PRO A CA  1 
ATOM   113  C  C   . PRO A 1 14  ? 1.668   -5.445  -15.070 1.00 38.48 ? 14  PRO A C   1 
ATOM   114  O  O   . PRO A 1 14  ? 1.402   -6.587  -15.430 1.00 39.40 ? 14  PRO A O   1 
ATOM   115  C  CB  . PRO A 1 14  ? -0.245  -4.009  -15.877 1.00 37.48 ? 14  PRO A CB  1 
ATOM   116  C  CG  . PRO A 1 14  ? 0.398   -2.730  -16.181 1.00 36.95 ? 14  PRO A CG  1 
ATOM   117  C  CD  . PRO A 1 14  ? 0.640   -2.092  -14.839 1.00 36.35 ? 14  PRO A CD  1 
ATOM   118  N  N   . SER A 1 15  ? 2.910   -4.979  -14.997 1.00 39.63 ? 15  SER A N   1 
ATOM   119  C  CA  . SER A 1 15  ? 4.064   -5.767  -15.430 1.00 40.70 ? 15  SER A CA  1 
ATOM   120  C  C   . SER A 1 15  ? 4.592   -6.686  -14.343 1.00 41.20 ? 15  SER A C   1 
ATOM   121  O  O   . SER A 1 15  ? 5.483   -7.509  -14.577 1.00 41.93 ? 15  SER A O   1 
ATOM   122  C  CB  . SER A 1 15  ? 5.182   -4.829  -15.875 1.00 40.90 ? 15  SER A CB  1 
ATOM   123  O  OG  . SER A 1 15  ? 5.575   -3.969  -14.817 1.00 42.62 ? 15  SER A OG  1 
ATOM   124  N  N   . ARG A 1 16  ? 4.016   -6.532  -12.920 1.00 45.76 ? 17  ARG A N   1 
ATOM   125  C  CA  . ARG A 1 16  ? 4.508   -7.437  -11.896 1.00 45.77 ? 17  ARG A CA  1 
ATOM   126  C  C   . ARG A 1 16  ? 3.328   -8.086  -11.225 1.00 45.39 ? 17  ARG A C   1 
ATOM   127  O  O   . ARG A 1 16  ? 2.243   -7.504  -11.162 1.00 45.42 ? 17  ARG A O   1 
ATOM   128  C  CB  . ARG A 1 16  ? 5.291   -6.662  -10.844 1.00 46.17 ? 17  ARG A CB  1 
ATOM   129  C  CG  . ARG A 1 16  ? 6.512   -5.950  -11.339 1.00 47.03 ? 17  ARG A CG  1 
ATOM   130  C  CD  . ARG A 1 16  ? 7.429   -5.553  -10.202 1.00 48.18 ? 17  ARG A CD  1 
ATOM   131  N  NE  . ARG A 1 16  ? 8.125   -6.718  -9.681  1.00 48.96 ? 17  ARG A NE  1 
ATOM   132  C  CZ  . ARG A 1 16  ? 9.357   -7.058  -10.021 1.00 48.68 ? 17  ARG A CZ  1 
ATOM   133  N  NH1 . ARG A 1 16  ? 10.044  -6.316  -10.876 1.00 48.62 ? 17  ARG A NH1 1 
ATOM   134  N  NH2 . ARG A 1 16  ? 9.906   -8.144  -9.500  1.00 49.65 ? 17  ARG A NH2 1 
ATOM   135  N  N   . SER A 1 17  ? 3.521   -9.302  -10.732 1.00 44.62 ? 18  SER A N   1 
ATOM   136  C  CA  . SER A 1 17  ? 2.463   -9.952  -9.984  1.00 43.88 ? 18  SER A CA  1 
ATOM   137  C  C   . SER A 1 17  ? 2.309   -9.114  -8.727  1.00 42.88 ? 18  SER A C   1 
ATOM   138  O  O   . SER A 1 17  ? 3.299   -8.610  -8.186  1.00 42.47 ? 18  SER A O   1 
ATOM   139  C  CB  . SER A 1 17  ? 2.824   -11.387 -9.620  1.00 44.02 ? 18  SER A CB  1 
ATOM   140  O  OG  . SER A 1 17  ? 3.681   -11.973 -10.592 1.00 45.99 ? 18  SER A OG  1 
ATOM   141  N  N   . TRP A 1 18  ? 1.076   -8.953  -8.269  1.00 41.87 ? 19  TRP A N   1 
ATOM   142  C  CA  . TRP A 1 18  ? 0.817   -8.208  -7.053  1.00 41.28 ? 19  TRP A CA  1 
ATOM   143  C  C   . TRP A 1 18  ? 1.635   -8.831  -5.891  1.00 39.84 ? 19  TRP A C   1 
ATOM   144  O  O   . TRP A 1 18  ? 2.179   -8.093  -5.073  1.00 39.27 ? 19  TRP A O   1 
ATOM   145  C  CB  . TRP A 1 18  ? -0.691  -8.167  -6.753  1.00 41.68 ? 19  TRP A CB  1 
ATOM   146  C  CG  . TRP A 1 18  ? -1.049  -8.788  -5.430  1.00 44.00 ? 19  TRP A CG  1 
ATOM   147  C  CD1 . TRP A 1 18  ? -0.867  -8.234  -4.194  1.00 46.36 ? 19  TRP A CD1 1 
ATOM   148  C  CD2 . TRP A 1 18  ? -1.644  -10.069 -5.205  1.00 46.31 ? 19  TRP A CD2 1 
ATOM   149  N  NE1 . TRP A 1 18  ? -1.298  -9.096  -3.216  1.00 47.58 ? 19  TRP A NE1 1 
ATOM   150  C  CE2 . TRP A 1 18  ? -1.784  -10.230 -3.811  1.00 47.64 ? 19  TRP A CE2 1 
ATOM   151  C  CE3 . TRP A 1 18  ? -2.072  -11.104 -6.040  1.00 47.12 ? 19  TRP A CE3 1 
ATOM   152  C  CZ2 . TRP A 1 18  ? -2.330  -11.372 -3.241  1.00 47.67 ? 19  TRP A CZ2 1 
ATOM   153  C  CZ3 . TRP A 1 18  ? -2.619  -12.240 -5.463  1.00 48.18 ? 19  TRP A CZ3 1 
ATOM   154  C  CH2 . TRP A 1 18  ? -2.740  -12.361 -4.080  1.00 47.97 ? 19  TRP A CH2 1 
ATOM   155  N  N   . GLN A 1 19  ? 1.745   -10.171 -5.837  1.00 38.18 ? 20  GLN A N   1 
ATOM   156  C  CA  . GLN A 1 19  ? 2.499   -10.853 -4.762  1.00 37.27 ? 20  GLN A CA  1 
ATOM   157  C  C   . GLN A 1 19  ? 3.916   -10.295 -4.561  1.00 35.18 ? 20  GLN A C   1 
ATOM   158  O  O   . GLN A 1 19  ? 4.466   -10.384 -3.471  1.00 34.77 ? 20  GLN A O   1 
ATOM   159  C  CB  . GLN A 1 19  ? 2.657   -12.385 -4.984  1.00 37.92 ? 20  GLN A CB  1 
ATOM   160  C  CG  . GLN A 1 19  ? 1.763   -13.085 -5.992  1.00 40.16 ? 20  GLN A CG  1 
ATOM   161  C  CD  . GLN A 1 19  ? 2.553   -13.694 -7.156  1.00 43.25 ? 20  GLN A CD  1 
ATOM   162  O  OE1 . GLN A 1 19  ? 3.741   -14.046 -7.024  1.00 45.02 ? 20  GLN A OE1 1 
ATOM   163  N  NE2 . GLN A 1 19  ? 1.887   -13.835 -8.292  1.00 45.13 ? 20  GLN A NE2 1 
ATOM   164  N  N   . ASP A 1 20  ? 4.523   -9.767  -5.615  1.00 33.33 ? 21  ASP A N   1 
ATOM   165  C  CA  . ASP A 1 20  ? 5.876   -9.230  -5.518  1.00 32.35 ? 21  ASP A CA  1 
ATOM   166  C  C   . ASP A 1 20  ? 5.987   -8.129  -4.482  1.00 31.10 ? 21  ASP A C   1 
ATOM   167  O  O   . ASP A 1 20  ? 7.068   -7.868  -3.966  1.00 29.97 ? 21  ASP A O   1 
ATOM   168  C  CB  . ASP A 1 20  ? 6.334   -8.685  -6.855  1.00 32.24 ? 21  ASP A CB  1 
ATOM   169  C  CG  . ASP A 1 20  ? 6.671   -9.793  -7.841  1.00 34.07 ? 21  ASP A CG  1 
ATOM   170  O  OD1 . ASP A 1 20  ? 6.297   -10.958 -7.583  1.00 35.25 ? 21  ASP A OD1 1 
ATOM   171  O  OD2 . ASP A 1 20  ? 7.312   -9.587  -8.882  1.00 37.50 ? 21  ASP A OD2 1 
ATOM   172  N  N   . PHE A 1 21  ? 4.864   -7.482  -4.201  1.00 29.57 ? 22  PHE A N   1 
ATOM   173  C  CA  . PHE A 1 21  ? 4.831   -6.383  -3.250  1.00 28.99 ? 22  PHE A CA  1 
ATOM   174  C  C   . PHE A 1 21  ? 4.300   -6.818  -1.898  1.00 28.51 ? 22  PHE A C   1 
ATOM   175  O  O   . PHE A 1 21  ? 4.247   -6.014  -0.965  1.00 29.14 ? 22  PHE A O   1 
ATOM   176  C  CB  . PHE A 1 21  ? 3.957   -5.249  -3.794  1.00 28.73 ? 22  PHE A CB  1 
ATOM   177  C  CG  . PHE A 1 21  ? 4.460   -4.668  -5.083  1.00 27.52 ? 22  PHE A CG  1 
ATOM   178  C  CD1 . PHE A 1 21  ? 5.520   -3.772  -5.088  1.00 26.66 ? 22  PHE A CD1 1 
ATOM   179  C  CD2 . PHE A 1 21  ? 3.885   -5.023  -6.280  1.00 26.51 ? 22  PHE A CD2 1 
ATOM   180  C  CE1 . PHE A 1 21  ? 5.990   -3.231  -6.265  1.00 27.74 ? 22  PHE A CE1 1 
ATOM   181  C  CE2 . PHE A 1 21  ? 4.345   -4.489  -7.458  1.00 27.28 ? 22  PHE A CE2 1 
ATOM   182  C  CZ  . PHE A 1 21  ? 5.401   -3.593  -7.460  1.00 27.28 ? 22  PHE A CZ  1 
ATOM   183  N  N   . ALA A 1 22  ? 3.916   -8.079  -1.780  1.00 27.69 ? 23  ALA A N   1 
ATOM   184  C  CA  . ALA A 1 22  ? 3.314   -8.562  -0.536  1.00 27.39 ? 23  ALA A CA  1 
ATOM   185  C  C   . ALA A 1 22  ? 4.327   -8.973  0.535   1.00 26.76 ? 23  ALA A C   1 
ATOM   186  O  O   . ALA A 1 22  ? 3.936   -9.224  1.661   1.00 26.89 ? 23  ALA A O   1 
ATOM   187  C  CB  . ALA A 1 22  ? 2.389   -9.712  -0.804  1.00 27.48 ? 23  ALA A CB  1 
ATOM   188  N  N   . ASP A 1 23  ? 5.604   -9.086  0.201   1.00 26.43 ? 24  ASP A N   1 
ATOM   189  C  CA  . ASP A 1 23  ? 6.613   -9.441  1.214   1.00 25.93 ? 24  ASP A CA  1 
ATOM   190  C  C   . ASP A 1 23  ? 7.946   -8.880  0.774   1.00 24.36 ? 24  ASP A C   1 
ATOM   191  O  O   . ASP A 1 23  ? 8.806   -9.613  0.302   1.00 24.93 ? 24  ASP A O   1 
ATOM   192  C  CB  . ASP A 1 23  ? 6.694   -10.956 1.382   1.00 27.07 ? 24  ASP A CB  1 
ATOM   193  C  CG  . ASP A 1 23  ? 7.688   -11.386 2.460   1.00 28.71 ? 24  ASP A CG  1 
ATOM   194  O  OD1 . ASP A 1 23  ? 7.940   -12.602 2.564   1.00 34.88 ? 24  ASP A OD1 1 
ATOM   195  O  OD2 . ASP A 1 23  ? 8.261   -10.612 3.251   1.00 31.52 ? 24  ASP A OD2 1 
ATOM   196  N  N   . TYR A 1 24  ? 8.100   -7.570  0.907   1.00 22.50 ? 25  TYR A N   1 
ATOM   197  C  CA  . TYR A 1 24  ? 9.277   -6.865  0.427   1.00 21.54 ? 25  TYR A CA  1 
ATOM   198  C  C   . TYR A 1 24  ? 9.755   -5.892  1.498   1.00 21.08 ? 25  TYR A C   1 
ATOM   199  O  O   . TYR A 1 24  ? 8.958   -5.212  2.142   1.00 20.50 ? 25  TYR A O   1 
ATOM   200  C  CB  . TYR A 1 24  ? 8.966   -6.136  -0.889  1.00 21.25 ? 25  TYR A CB  1 
ATOM   201  C  CG  . TYR A 1 24  ? 10.133  -5.419  -1.556  1.00 21.58 ? 25  TYR A CG  1 
ATOM   202  C  CD1 . TYR A 1 24  ? 10.597  -4.207  -1.084  1.00 20.76 ? 25  TYR A CD1 1 
ATOM   203  C  CD2 . TYR A 1 24  ? 10.728  -5.943  -2.706  1.00 22.79 ? 25  TYR A CD2 1 
ATOM   204  C  CE1 . TYR A 1 24  ? 11.641  -3.545  -1.717  1.00 22.05 ? 25  TYR A CE1 1 
ATOM   205  C  CE2 . TYR A 1 24  ? 11.758  -5.297  -3.344  1.00 20.79 ? 25  TYR A CE2 1 
ATOM   206  C  CZ  . TYR A 1 24  ? 12.218  -4.094  -2.848  1.00 22.47 ? 25  TYR A CZ  1 
ATOM   207  O  OH  . TYR A 1 24  ? 13.243  -3.431  -3.516  1.00 24.04 ? 25  TYR A OH  1 
ATOM   208  N  N   . GLY A 1 25  ? 11.063  -5.857  1.705   1.00 20.59 ? 26  GLY A N   1 
ATOM   209  C  CA  . GLY A 1 25  ? 11.650  -4.959  2.690   1.00 20.09 ? 26  GLY A CA  1 
ATOM   210  C  C   . GLY A 1 25  ? 11.106  -5.168  4.097   1.00 19.05 ? 26  GLY A C   1 
ATOM   211  O  O   . GLY A 1 25  ? 10.653  -6.246  4.461   1.00 18.85 ? 26  GLY A O   1 
ATOM   212  N  N   . CYS A 1 26  ? 11.184  -4.124  4.901   1.00 18.96 ? 27  CYS A N   1 
ATOM   213  C  CA  . CYS A 1 26  ? 10.726  -4.176  6.272   1.00 19.43 ? 27  CYS A CA  1 
ATOM   214  C  C   . CYS A 1 26  ? 9.256   -3.772  6.415   1.00 19.30 ? 27  CYS A C   1 
ATOM   215  O  O   . CYS A 1 26  ? 8.640   -4.121  7.392   1.00 19.86 ? 27  CYS A O   1 
ATOM   216  C  CB  . CYS A 1 26  ? 11.569  -3.241  7.147   1.00 20.13 ? 27  CYS A CB  1 
ATOM   217  S  SG  . CYS A 1 26  ? 13.264  -3.814  7.379   1.00 20.77 ? 27  CYS A SG  1 
ATOM   218  N  N   . TYR A 1 27  ? 8.712   -3.053  5.440   1.00 19.47 ? 28  TYR A N   1 
ATOM   219  C  CA  . TYR A 1 27  ? 7.343   -2.530  5.529   1.00 19.55 ? 28  TYR A CA  1 
ATOM   220  C  C   . TYR A 1 27  ? 6.294   -3.102  4.571   1.00 19.76 ? 28  TYR A C   1 
ATOM   221  O  O   . TYR A 1 27  ? 5.096   -3.085  4.892   1.00 20.22 ? 28  TYR A O   1 
ATOM   222  C  CB  . TYR A 1 27  ? 7.370   -1.007  5.402   1.00 19.58 ? 28  TYR A CB  1 
ATOM   223  C  CG  . TYR A 1 27  ? 7.989   -0.378  6.616   1.00 19.03 ? 28  TYR A CG  1 
ATOM   224  C  CD1 . TYR A 1 27  ? 7.221   -0.041  7.707   1.00 19.86 ? 28  TYR A CD1 1 
ATOM   225  C  CD2 . TYR A 1 27  ? 9.359   -0.161  6.681   1.00 20.24 ? 28  TYR A CD2 1 
ATOM   226  C  CE1 . TYR A 1 27  ? 7.793   0.526   8.836   1.00 19.61 ? 28  TYR A CE1 1 
ATOM   227  C  CE2 . TYR A 1 27  ? 9.940   0.398   7.799   1.00 22.60 ? 28  TYR A CE2 1 
ATOM   228  C  CZ  . TYR A 1 27  ? 9.154   0.729   8.880   1.00 22.10 ? 28  TYR A CZ  1 
ATOM   229  O  OH  . TYR A 1 27  ? 9.730   1.278   9.995   1.00 22.02 ? 28  TYR A OH  1 
ATOM   230  N  N   . CYS A 1 28  ? 6.702   -3.591  3.410   1.00 19.63 ? 29  CYS A N   1 
ATOM   231  C  CA  . CYS A 1 28  ? 5.732   -4.114  2.460   1.00 20.66 ? 29  CYS A CA  1 
ATOM   232  C  C   . CYS A 1 28  ? 5.207   -5.482  2.861   1.00 22.68 ? 29  CYS A C   1 
ATOM   233  O  O   . CYS A 1 28  ? 5.916   -6.490  2.779   1.00 23.10 ? 29  CYS A O   1 
ATOM   234  C  CB  . CYS A 1 28  ? 6.313   -4.184  1.057   1.00 19.80 ? 29  CYS A CB  1 
ATOM   235  S  SG  . CYS A 1 28  ? 6.993   -2.658  0.469   1.00 18.01 ? 29  CYS A SG  1 
ATOM   236  N  N   . GLY A 1 29  ? 3.954   -5.519  3.280   1.00 24.71 ? 30  GLY A N   1 
ATOM   237  C  CA  . GLY A 1 29  ? 3.366   -6.755  3.737   1.00 26.71 ? 30  GLY A CA  1 
ATOM   238  C  C   . GLY A 1 29  ? 3.251   -6.744  5.243   1.00 28.38 ? 30  GLY A C   1 
ATOM   239  O  O   . GLY A 1 29  ? 3.046   -5.701  5.855   1.00 28.58 ? 30  GLY A O   1 
ATOM   240  N  N   . LYS A 1 30  ? 3.383   -7.924  5.841   1.00 30.78 ? 31  LYS A N   1 
ATOM   241  C  CA  . LYS A 1 30  ? 3.282   -8.082  7.288   1.00 32.69 ? 31  LYS A CA  1 
ATOM   242  C  C   . LYS A 1 30  ? 4.131   -7.109  8.093   1.00 33.11 ? 31  LYS A C   1 
ATOM   243  O  O   . LYS A 1 30  ? 3.630   -6.476  9.000   1.00 34.15 ? 31  LYS A O   1 
ATOM   244  C  CB  . LYS A 1 30  ? 3.727   -9.493  7.717   1.00 33.13 ? 31  LYS A CB  1 
ATOM   245  C  CG  . LYS A 1 30  ? 2.774   -10.627 7.382   1.00 35.59 ? 31  LYS A CG  1 
ATOM   246  C  CD  . LYS A 1 30  ? 2.218   -11.304 8.635   1.00 37.44 ? 31  LYS A CD  1 
ATOM   247  C  CE  . LYS A 1 30  ? 0.716   -11.424 8.561   1.00 38.47 ? 31  LYS A CE  1 
ATOM   248  N  NZ  . LYS A 1 30  ? 0.078   -10.178 8.023   1.00 41.25 ? 31  LYS A NZ  1 
ATOM   249  N  N   . GLY A 1 31  ? 5.425   -7.028  7.801   1.00 33.80 ? 32  GLY A N   1 
ATOM   250  C  CA  . GLY A 1 31  ? 6.345   -6.211  8.599   1.00 33.73 ? 32  GLY A CA  1 
ATOM   251  C  C   . GLY A 1 31  ? 5.926   -4.755  8.738   1.00 33.60 ? 32  GLY A C   1 
ATOM   252  O  O   . GLY A 1 31  ? 5.315   -4.200  7.829   1.00 33.60 ? 32  GLY A O   1 
ATOM   253  N  N   . GLY A 1 32  ? 6.247   -4.132  9.871   1.00 32.73 ? 33  GLY A N   1 
ATOM   254  C  CA  . GLY A 1 32  ? 5.944   -2.728  10.072  1.00 31.97 ? 33  GLY A CA  1 
ATOM   255  C  C   . GLY A 1 32  ? 6.884   -2.014  11.041  1.00 31.66 ? 33  GLY A C   1 
ATOM   256  O  O   . GLY A 1 32  ? 6.433   -1.246  11.875  1.00 31.11 ? 33  GLY A O   1 
ATOM   257  N  N   . SER A 1 33  ? 8.193   -2.231  10.912  1.00 31.18 ? 34  SER A N   1 
ATOM   258  C  CA  . SER A 1 33  ? 9.165   -1.576  11.788  1.00 30.85 ? 34  SER A CA  1 
ATOM   259  C  C   . SER A 1 33  ? 10.575  -1.557  11.198  1.00 30.16 ? 34  SER A C   1 
ATOM   260  O  O   . SER A 1 33  ? 10.835  -2.199  10.187  1.00 30.03 ? 34  SER A O   1 
ATOM   261  C  CB  . SER A 1 33  ? 9.196   -2.285  13.132  1.00 31.33 ? 34  SER A CB  1 
ATOM   262  O  OG  . SER A 1 33  ? 9.719   -3.588  12.975  1.00 32.62 ? 34  SER A OG  1 
ATOM   263  N  N   . GLY A 1 34  ? 11.471  -0.805  11.835  1.00 29.20 ? 35  GLY A N   1 
ATOM   264  C  CA  . GLY A 1 34  ? 12.857  -0.683  11.419  1.00 28.73 ? 35  GLY A CA  1 
ATOM   265  C  C   . GLY A 1 34  ? 13.128  0.380   10.369  1.00 28.23 ? 35  GLY A C   1 
ATOM   266  O  O   . GLY A 1 34  ? 12.293  1.238   10.082  1.00 27.53 ? 35  GLY A O   1 
ATOM   267  N  N   . THR A 1 35  ? 14.315  0.313   9.778   1.00 27.83 ? 36  THR A N   1 
ATOM   268  C  CA  . THR A 1 35  ? 14.701  1.255   8.745   1.00 27.91 ? 36  THR A CA  1 
ATOM   269  C  C   . THR A 1 35  ? 14.300  0.728   7.365   1.00 26.88 ? 36  THR A C   1 
ATOM   270  O  O   . THR A 1 35  ? 14.617  -0.407  7.026   1.00 26.41 ? 36  THR A O   1 
ATOM   271  C  CB  . THR A 1 35  ? 16.226  1.505   8.793   1.00 28.61 ? 36  THR A CB  1 
ATOM   272  O  OG1 . THR A 1 35  ? 16.523  2.488   9.794   1.00 30.81 ? 36  THR A OG1 1 
ATOM   273  C  CG2 . THR A 1 35  ? 16.719  2.143   7.522   1.00 28.59 ? 36  THR A CG2 1 
ATOM   274  N  N   . PRO A 1 36  ? 13.576  1.531   6.587   1.00 25.84 ? 37  PRO A N   1 
ATOM   275  C  CA  . PRO A 1 36  ? 13.214  1.141   5.218   1.00 25.33 ? 37  PRO A CA  1 
ATOM   276  C  C   . PRO A 1 36  ? 14.484  0.835   4.431   1.00 25.08 ? 37  PRO A C   1 
ATOM   277  O  O   . PRO A 1 36  ? 15.435  1.630   4.486   1.00 24.26 ? 37  PRO A O   1 
ATOM   278  C  CB  . PRO A 1 36  ? 12.518  2.381   4.668   1.00 25.32 ? 37  PRO A CB  1 
ATOM   279  C  CG  . PRO A 1 36  ? 12.009  3.093   5.861   1.00 26.34 ? 37  PRO A CG  1 
ATOM   280  C  CD  . PRO A 1 36  ? 13.058  2.866   6.924   1.00 26.14 ? 37  PRO A CD  1 
ATOM   281  N  N   . VAL A 1 37  ? 14.503  -0.299  3.741   1.00 24.88 ? 38  VAL A N   1 
ATOM   282  C  CA  . VAL A 1 37  ? 15.701  -0.753  3.032   1.00 25.08 ? 38  VAL A CA  1 
ATOM   283  C  C   . VAL A 1 37  ? 15.954  -0.007  1.726   1.00 25.26 ? 38  VAL A C   1 
ATOM   284  O  O   . VAL A 1 37  ? 17.086  0.053   1.246   1.00 25.04 ? 38  VAL A O   1 
ATOM   285  C  CB  . VAL A 1 37  ? 15.649  -2.264  2.745   1.00 25.22 ? 38  VAL A CB  1 
ATOM   286  C  CG1 . VAL A 1 37  ? 15.470  -3.027  4.024   1.00 26.07 ? 38  VAL A CG1 1 
ATOM   287  C  CG2 . VAL A 1 37  ? 14.548  -2.612  1.738   1.00 24.85 ? 38  VAL A CG2 1 
ATOM   288  N  N   . ASP A 1 38  ? 14.898  0.525   1.113   1.00 24.86 ? 39  ASP A N   1 
ATOM   289  C  CA  . ASP A 1 38  ? 15.058  1.257   -0.134  1.00 24.56 ? 39  ASP A CA  1 
ATOM   290  C  C   . ASP A 1 38  ? 13.818  2.107   -0.446  1.00 24.72 ? 39  ASP A C   1 
ATOM   291  O  O   . ASP A 1 38  ? 12.876  2.151   0.343   1.00 22.79 ? 39  ASP A O   1 
ATOM   292  C  CB  . ASP A 1 38  ? 15.420  0.314   -1.285  1.00 24.83 ? 39  ASP A CB  1 
ATOM   293  C  CG  . ASP A 1 38  ? 14.297  -0.620  -1.674  1.00 25.40 ? 39  ASP A CG  1 
ATOM   294  O  OD1 . ASP A 1 38  ? 13.134  -0.472  -1.211  1.00 23.48 ? 39  ASP A OD1 1 
ATOM   295  O  OD2 . ASP A 1 38  ? 14.496  -1.557  -2.463  1.00 23.13 ? 39  ASP A OD2 1 
ATOM   296  N  N   . ASP A 1 39  ? 13.793  2.793   -1.574  1.00 24.74 ? 40  ASP A N   1 
ATOM   297  C  CA  . ASP A 1 39  ? 12.707  3.706   -1.915  1.00 25.52 ? 40  ASP A CA  1 
ATOM   298  C  C   . ASP A 1 39  ? 11.371  2.973   -1.976  1.00 24.89 ? 40  ASP A C   1 
ATOM   299  O  O   . ASP A 1 39  ? 10.310  3.551   -1.588  1.00 24.30 ? 40  ASP A O   1 
ATOM   300  C  CB  . ASP A 1 39  ? 12.989  4.398   -3.249  1.00 26.27 ? 40  ASP A CB  1 
ATOM   301  C  CG  . ASP A 1 39  ? 14.127  5.396   -3.159  1.00 29.74 ? 40  ASP A CG  1 
ATOM   302  O  OD1 . ASP A 1 39  ? 14.509  5.763   -2.027  1.00 20.00 ? 40  ASP A OD1 1 
ATOM   303  O  OD2 . ASP A 1 39  ? 14.638  5.812   -4.219  1.00 20.00 ? 40  ASP A OD2 1 
ATOM   304  N  N   . LEU A 1 40  ? 11.302  1.731   -2.475  1.00 23.41 ? 41  LEU A N   1 
ATOM   305  C  CA  . LEU A 1 40  ? 10.044  0.994   -2.538  1.00 22.95 ? 41  LEU A CA  1 
ATOM   306  C  C   . LEU A 1 40  ? 9.531   0.713   -1.118  1.00 22.64 ? 41  LEU A C   1 
ATOM   307  O  O   . LEU A 1 40  ? 8.333   0.843   -0.828  1.00 21.98 ? 41  LEU A O   1 
ATOM   308  C  CB  . LEU A 1 40  ? 10.179  -0.310  -3.336  1.00 23.20 ? 41  LEU A CB  1 
ATOM   309  C  CG  . LEU A 1 40  ? 8.969   -1.264  -3.339  1.00 23.46 ? 41  LEU A CG  1 
ATOM   310  C  CD1 . LEU A 1 40  ? 7.702   -0.576  -3.797  1.00 24.20 ? 41  LEU A CD1 1 
ATOM   311  C  CD2 . LEU A 1 40  ? 9.247   -2.476  -4.222  1.00 25.65 ? 41  LEU A CD2 1 
ATOM   312  N  N   . ASP A 1 41  ? 10.441  0.327   -0.233  1.00 21.35 ? 42  ASP A N   1 
ATOM   313  C  CA  . ASP A 1 41  ? 10.086  0.051   1.151   1.00 20.69 ? 42  ASP A CA  1 
ATOM   314  C  C   . ASP A 1 41  ? 9.572   1.333   1.814   1.00 20.58 ? 42  ASP A C   1 
ATOM   315  O  O   . ASP A 1 41  ? 8.660   1.291   2.656   1.00 19.95 ? 42  ASP A O   1 
ATOM   316  C  CB  . ASP A 1 41  ? 11.303  -0.474  1.892   1.00 20.46 ? 42  ASP A CB  1 
ATOM   317  C  CG  . ASP A 1 41  ? 10.962  -1.352  3.070   1.00 20.16 ? 42  ASP A CG  1 
ATOM   318  O  OD1 . ASP A 1 41  ? 9.793   -1.835  3.207   1.00 16.85 ? 42  ASP A OD1 1 
ATOM   319  O  OD2 . ASP A 1 41  ? 11.871  -1.665  3.888   1.00 18.70 ? 42  ASP A OD2 1 
ATOM   320  N  N   . ARG A 1 42  ? 10.140  2.469   1.429   1.00 20.09 ? 43  ARG A N   1 
ATOM   321  C  CA  . ARG A 1 42  ? 9.658   3.755   1.952   1.00 20.84 ? 43  ARG A CA  1 
ATOM   322  C  C   . ARG A 1 42  ? 8.209   4.000   1.518   1.00 20.06 ? 43  ARG A C   1 
ATOM   323  O  O   . ARG A 1 42  ? 7.438   4.588   2.257   1.00 20.18 ? 43  ARG A O   1 
ATOM   324  C  CB  . ARG A 1 42  ? 10.555  4.908   1.523   1.00 21.40 ? 43  ARG A CB  1 
ATOM   325  C  CG  . ARG A 1 42  ? 11.887  4.917   2.261   1.00 25.11 ? 43  ARG A CG  1 
ATOM   326  C  CD  . ARG A 1 42  ? 12.741  6.128   1.962   1.00 28.45 ? 43  ARG A CD  1 
ATOM   327  N  NE  . ARG A 1 42  ? 13.994  6.085   2.702   1.00 31.23 ? 43  ARG A NE  1 
ATOM   328  C  CZ  . ARG A 1 42  ? 14.112  6.391   3.991   1.00 32.09 ? 43  ARG A CZ  1 
ATOM   329  N  NH1 . ARG A 1 42  ? 13.059  6.774   4.696   1.00 32.28 ? 43  ARG A NH1 1 
ATOM   330  N  NH2 . ARG A 1 42  ? 15.293  6.300   4.574   1.00 33.77 ? 43  ARG A NH2 1 
ATOM   331  N  N   . CYS A 1 43  ? 7.826   3.542   0.333   1.00 19.71 ? 44  CYS A N   1 
ATOM   332  C  CA  . CYS A 1 43  ? 6.432   3.676   -0.091  1.00 18.92 ? 44  CYS A CA  1 
ATOM   333  C  C   . CYS A 1 43  ? 5.554   2.948   0.903   1.00 18.26 ? 44  CYS A C   1 
ATOM   334  O  O   . CYS A 1 43  ? 4.510   3.443   1.342   1.00 17.18 ? 44  CYS A O   1 
ATOM   335  C  CB  . CYS A 1 43  ? 6.211   3.006   -1.433  1.00 19.54 ? 44  CYS A CB  1 
ATOM   336  S  SG  . CYS A 1 43  ? 6.941   3.812   -2.838  1.00 20.50 ? 44  CYS A SG  1 
ATOM   337  N  N   . CYS A 1 44  ? 5.984   1.748   1.267   1.00 17.32 ? 45  CYS A N   1 
ATOM   338  C  CA  . CYS A 1 44  ? 5.223   0.931   2.184   1.00 16.89 ? 45  CYS A CA  1 
ATOM   339  C  C   . CYS A 1 44  ? 5.232   1.500   3.610   1.00 16.56 ? 45  CYS A C   1 
ATOM   340  O  O   . CYS A 1 44  ? 4.239   1.393   4.312   1.00 15.90 ? 45  CYS A O   1 
ATOM   341  C  CB  . CYS A 1 44  ? 5.718   -0.519  2.150   1.00 17.46 ? 45  CYS A CB  1 
ATOM   342  S  SG  . CYS A 1 44  ? 5.489   -1.281  0.515   1.00 19.34 ? 45  CYS A SG  1 
ATOM   343  N  N   . GLN A 1 45  ? 6.317   2.145   4.029   1.00 16.82 ? 46  GLN A N   1 
ATOM   344  C  CA  . GLN A 1 45  ? 6.355   2.708   5.365   1.00 16.62 ? 46  GLN A CA  1 
ATOM   345  C  C   . GLN A 1 45  ? 5.262   3.787   5.491   1.00 16.44 ? 46  GLN A C   1 
ATOM   346  O  O   . GLN A 1 45  ? 4.486   3.785   6.449   1.00 16.07 ? 46  GLN A O   1 
ATOM   347  C  CB  . GLN A 1 45  ? 7.723   3.318   5.676   1.00 17.22 ? 46  GLN A CB  1 
ATOM   348  C  CG  . GLN A 1 45  ? 7.815   3.924   7.069   1.00 18.06 ? 46  GLN A CG  1 
ATOM   349  C  CD  . GLN A 1 45  ? 9.130   4.641   7.335   1.00 20.62 ? 46  GLN A CD  1 
ATOM   350  O  OE1 . GLN A 1 45  ? 9.544   5.492   6.559   1.00 25.21 ? 46  GLN A OE1 1 
ATOM   351  N  NE2 . GLN A 1 45  ? 9.773   4.304   8.438   1.00 21.18 ? 46  GLN A NE2 1 
ATOM   352  N  N   . VAL A 1 46  ? 5.228   4.687   4.512   1.00 16.15 ? 47  VAL A N   1 
ATOM   353  C  CA  . VAL A 1 46  ? 4.261   5.781   4.465   1.00 16.66 ? 47  VAL A CA  1 
ATOM   354  C  C   . VAL A 1 46  ? 2.841   5.199   4.427   1.00 15.84 ? 47  VAL A C   1 
ATOM   355  O  O   . VAL A 1 46  ? 1.934   5.645   5.147   1.00 14.62 ? 47  VAL A O   1 
ATOM   356  C  CB  . VAL A 1 46  ? 4.477   6.651   3.227   1.00 17.37 ? 47  VAL A CB  1 
ATOM   357  C  CG1 . VAL A 1 46  ? 3.369   7.698   3.099   1.00 19.08 ? 47  VAL A CG1 1 
ATOM   358  C  CG2 . VAL A 1 46  ? 5.848   7.334   3.281   1.00 20.27 ? 47  VAL A CG2 1 
ATOM   359  N  N   . HIS A 1 47  ? 2.670   4.158   3.626   1.00 14.63 ? 48  HIS A N   1 
ATOM   360  C  CA  . HIS A 1 47  ? 1.371   3.463   3.545   1.00 14.71 ? 48  HIS A CA  1 
ATOM   361  C  C   . HIS A 1 47  ? 0.939   2.909   4.911   1.00 14.29 ? 48  HIS A C   1 
ATOM   362  O  O   . HIS A 1 47  ? -0.199  3.087   5.354   1.00 13.13 ? 48  HIS A O   1 
ATOM   363  C  CB  . HIS A 1 47  ? 1.423   2.374   2.471   1.00 14.36 ? 48  HIS A CB  1 
ATOM   364  C  CG  . HIS A 1 47  ? 0.106   1.710   2.229   1.00 15.12 ? 48  HIS A CG  1 
ATOM   365  N  ND1 . HIS A 1 47  ? -0.177  0.438   2.671   1.00 17.56 ? 48  HIS A ND1 1 
ATOM   366  C  CD2 . HIS A 1 47  ? -1.014  2.151   1.608   1.00 15.05 ? 48  HIS A CD2 1 
ATOM   367  C  CE1 . HIS A 1 47  ? -1.412  0.119   2.313   1.00 17.44 ? 48  HIS A CE1 1 
ATOM   368  N  NE2 . HIS A 1 47  ? -1.950  1.151   1.692   1.00 14.67 ? 48  HIS A NE2 1 
ATOM   369  N  N   . ASP A 1 48  ? 1.848   2.225   5.588   1.00 14.78 ? 49  ASP A N   1 
ATOM   370  C  CA  . ASP A 1 48  ? 1.566   1.701   6.898   1.00 15.43 ? 49  ASP A CA  1 
ATOM   371  C  C   . ASP A 1 48  ? 1.211   2.829   7.872   1.00 14.02 ? 49  ASP A C   1 
ATOM   372  O  O   . ASP A 1 48  ? 0.320   2.692   8.644   1.00 13.39 ? 49  ASP A O   1 
ATOM   373  C  CB  . ASP A 1 48  ? 2.801   0.984   7.455   1.00 16.30 ? 49  ASP A CB  1 
ATOM   374  C  CG  . ASP A 1 48  ? 3.027   -0.410  6.857   1.00 21.12 ? 49  ASP A CG  1 
ATOM   375  O  OD1 . ASP A 1 48  ? 2.187   -0.960  6.090   1.00 20.98 ? 49  ASP A OD1 1 
ATOM   376  O  OD2 . ASP A 1 48  ? 4.078   -1.037  7.128   1.00 27.97 ? 49  ASP A OD2 1 
ATOM   377  N  N   . ASN A 1 49  ? 1.974   3.919   7.845   1.00 13.85 ? 50  ASN A N   1 
ATOM   378  C  CA  . ASN A 1 49  ? 1.737   5.075   8.680   1.00 13.52 ? 50  ASN A CA  1 
ATOM   379  C  C   . ASN A 1 49  ? 0.343   5.683   8.400   1.00 13.74 ? 50  ASN A C   1 
ATOM   380  O  O   . ASN A 1 49  ? -0.381  6.075   9.316   1.00 13.05 ? 50  ASN A O   1 
ATOM   381  C  CB  . ASN A 1 49  ? 2.821   6.130   8.447   1.00 13.85 ? 50  ASN A CB  1 
ATOM   382  C  CG  . ASN A 1 49  ? 4.162   5.802   9.133   1.00 15.47 ? 50  ASN A CG  1 
ATOM   383  O  OD1 . ASN A 1 49  ? 4.354   4.743   9.763   1.00 18.18 ? 50  ASN A OD1 1 
ATOM   384  N  ND2 . ASN A 1 49  ? 5.076   6.730   9.027   1.00 14.09 ? 50  ASN A ND2 1 
ATOM   385  N  N   . CYS A 1 50  ? -0.033  5.676   7.126   1.00 12.98 ? 51  CYS A N   1 
ATOM   386  C  CA  . CYS A 1 50  ? -1.288  6.210   6.638   1.00 13.54 ? 51  CYS A CA  1 
ATOM   387  C  C   . CYS A 1 50  ? -2.437  5.400   7.211   1.00 13.29 ? 51  CYS A C   1 
ATOM   388  O  O   . CYS A 1 50  ? -3.406  5.960   7.709   1.00 14.75 ? 51  CYS A O   1 
ATOM   389  C  CB  . CYS A 1 50  ? -1.267  6.263   5.093   1.00 13.47 ? 51  CYS A CB  1 
ATOM   390  S  SG  . CYS A 1 50  ? -2.585  7.234   4.367   1.00 14.91 ? 51  CYS A SG  1 
ATOM   391  N  N   . TYR A 1 51  ? -2.289  4.081   7.225   1.00 13.82 ? 52  TYR A N   1 
ATOM   392  C  CA  . TYR A 1 51  ? -3.276  3.209   7.826   1.00 13.58 ? 52  TYR A CA  1 
ATOM   393  C  C   . TYR A 1 51  ? -3.393  3.444   9.325   1.00 14.73 ? 52  TYR A C   1 
ATOM   394  O  O   . TYR A 1 51  ? -4.498  3.414   9.876   1.00 14.71 ? 52  TYR A O   1 
ATOM   395  C  CB  . TYR A 1 51  ? -2.936  1.750   7.582   1.00 13.64 ? 52  TYR A CB  1 
ATOM   396  C  CG  . TYR A 1 51  ? -3.487  1.169   6.272   1.00 12.79 ? 52  TYR A CG  1 
ATOM   397  C  CD1 . TYR A 1 51  ? -3.899  1.975   5.230   1.00 13.88 ? 52  TYR A CD1 1 
ATOM   398  C  CD2 . TYR A 1 51  ? -3.563  -0.188  6.099   1.00 14.17 ? 52  TYR A CD2 1 
ATOM   399  C  CE1 . TYR A 1 51  ? -4.380  1.428   4.031   1.00 12.48 ? 52  TYR A CE1 1 
ATOM   400  C  CE2 . TYR A 1 51  ? -4.042  -0.747  4.920   1.00 16.81 ? 52  TYR A CE2 1 
ATOM   401  C  CZ  . TYR A 1 51  ? -4.445  0.054   3.898   1.00 15.02 ? 52  TYR A CZ  1 
ATOM   402  O  OH  . TYR A 1 51  ? -4.902  -0.548  2.753   1.00 17.80 ? 52  TYR A OH  1 
ATOM   403  N  N   . ASN A 1 52  ? -2.261  3.643   9.995   1.00 15.33 ? 53  ASN A N   1 
ATOM   404  C  CA  . ASN A 1 52  ? -2.299  3.886   11.425  1.00 16.18 ? 53  ASN A CA  1 
ATOM   405  C  C   . ASN A 1 52  ? -3.091  5.138   11.757  1.00 16.81 ? 53  ASN A C   1 
ATOM   406  O  O   . ASN A 1 52  ? -3.819  5.198   12.747  1.00 16.62 ? 53  ASN A O   1 
ATOM   407  C  CB  . ASN A 1 52  ? -0.884  3.974   11.999  1.00 16.40 ? 53  ASN A CB  1 
ATOM   408  C  CG  . ASN A 1 52  ? -0.271  2.620   12.207  1.00 17.32 ? 53  ASN A CG  1 
ATOM   409  O  OD1 . ASN A 1 52  ? -0.974  1.596   12.264  1.00 19.99 ? 53  ASN A OD1 1 
ATOM   410  N  ND2 . ASN A 1 52  ? 1.051   2.584   12.312  1.00 17.25 ? 53  ASN A ND2 1 
ATOM   411  N  N   . GLU A 1 53  ? -2.932  6.149   10.918  1.00 17.47 ? 54  GLU A N   1 
ATOM   412  C  CA  . GLU A 1 53  ? -3.620  7.392   11.098  1.00 18.84 ? 54  GLU A CA  1 
ATOM   413  C  C   . GLU A 1 53  ? -5.121  7.207   10.881  1.00 19.60 ? 54  GLU A C   1 
ATOM   414  O  O   . GLU A 1 53  ? -5.920  7.705   11.682  1.00 18.76 ? 54  GLU A O   1 
ATOM   415  C  CB  . GLU A 1 53  ? -2.988  8.440   10.187  1.00 19.85 ? 54  GLU A CB  1 
ATOM   416  C  CG  . GLU A 1 53  ? -3.272  9.851   10.590  1.00 23.56 ? 54  GLU A CG  1 
ATOM   417  C  CD  . GLU A 1 53  ? -2.607  10.294  11.870  1.00 23.07 ? 54  GLU A CD  1 
ATOM   418  O  OE1 . GLU A 1 53  ? -3.168  11.289  12.336  1.00 31.14 ? 54  GLU A OE1 1 
ATOM   419  O  OE2 . GLU A 1 53  ? -1.574  9.728   12.363  1.00 26.11 ? 54  GLU A OE2 1 
ATOM   420  N  N   . ALA A 1 54  ? -5.508  6.455   9.845   1.00 19.37 ? 55  ALA A N   1 
ATOM   421  C  CA  . ALA A 1 54  ? -6.924  6.187   9.571   1.00 19.68 ? 55  ALA A CA  1 
ATOM   422  C  C   . ALA A 1 54  ? -7.623  5.408   10.679  1.00 20.06 ? 55  ALA A C   1 
ATOM   423  O  O   . ALA A 1 54  ? -8.824  5.601   10.920  1.00 19.88 ? 55  ALA A O   1 
ATOM   424  C  CB  . ALA A 1 54  ? -7.073  5.453   8.227   1.00 19.68 ? 55  ALA A CB  1 
ATOM   425  N  N   . GLU A 1 55  ? -6.884  4.517   11.338  1.00 20.26 ? 56  GLU A N   1 
ATOM   426  C  CA  . GLU A 1 55  ? -7.416  3.730   12.439  1.00 21.28 ? 56  GLU A CA  1 
ATOM   427  C  C   . GLU A 1 55  ? -7.869  4.617   13.587  1.00 21.62 ? 56  GLU A C   1 
ATOM   428  O  O   . GLU A 1 55  ? -8.575  4.153   14.481  1.00 21.22 ? 56  GLU A O   1 
ATOM   429  C  CB  . GLU A 1 55  ? -6.393  2.711   12.959  1.00 22.00 ? 56  GLU A CB  1 
ATOM   430  C  CG  . GLU A 1 55  ? -6.157  1.487   12.069  1.00 23.41 ? 56  GLU A CG  1 
ATOM   431  C  CD  . GLU A 1 55  ? -6.911  0.201   12.487  1.00 27.14 ? 56  GLU A CD  1 
ATOM   432  O  OE1 . GLU A 1 55  ? -6.722  -0.826  11.803  1.00 30.03 ? 56  GLU A OE1 1 
ATOM   433  O  OE2 . GLU A 1 55  ? -7.701  0.181   13.454  1.00 29.45 ? 56  GLU A OE2 1 
ATOM   434  N  N   . ASN A 1 56  ? -7.463  5.884   13.576  1.00 22.05 ? 57  ASN A N   1 
ATOM   435  C  CA  . ASN A 1 56  ? -7.879  6.817   14.624  1.00 22.76 ? 57  ASN A CA  1 
ATOM   436  C  C   . ASN A 1 56  ? -9.331  7.248   14.441  1.00 22.29 ? 57  ASN A C   1 
ATOM   437  O  O   . ASN A 1 56  ? -9.971  7.732   15.381  1.00 21.74 ? 57  ASN A O   1 
ATOM   438  C  CB  . ASN A 1 56  ? -6.975  8.047   14.648  1.00 23.61 ? 57  ASN A CB  1 
ATOM   439  C  CG  . ASN A 1 56  ? -5.632  7.764   15.264  1.00 26.70 ? 57  ASN A CG  1 
ATOM   440  O  OD1 . ASN A 1 56  ? -5.471  6.792   15.996  1.00 33.47 ? 57  ASN A OD1 1 
ATOM   441  N  ND2 . ASN A 1 56  ? -4.659  8.632   15.007  1.00 31.45 ? 57  ASN A ND2 1 
ATOM   442  N  N   . ILE A 1 57  ? -9.852  7.073   13.233  1.00 21.33 ? 58  ILE A N   1 
ATOM   443  C  CA  . ILE A 1 57  ? -11.238 7.416   12.940  1.00 21.78 ? 58  ILE A CA  1 
ATOM   444  C  C   . ILE A 1 57  ? -12.124 6.327   13.515  1.00 21.42 ? 58  ILE A C   1 
ATOM   445  O  O   . ILE A 1 57  ? -11.900 5.141   13.292  1.00 18.84 ? 58  ILE A O   1 
ATOM   446  C  CB  . ILE A 1 57  ? -11.478 7.558   11.430  1.00 21.73 ? 58  ILE A CB  1 
ATOM   447  C  CG1 . ILE A 1 57  ? -10.603 8.665   10.844  1.00 23.41 ? 58  ILE A CG1 1 
ATOM   448  C  CG2 . ILE A 1 57  ? -12.982 7.871   11.169  1.00 23.22 ? 58  ILE A CG2 1 
ATOM   449  C  CD1 . ILE A 1 57  ? -10.542 8.673   9.308   1.00 23.96 ? 58  ILE A CD1 1 
ATOM   450  N  N   . SER A 1 58  ? -13.133 6.738   14.283  1.00 22.45 ? 59  SER A N   1 
ATOM   451  C  CA  . SER A 1 58  ? -13.995 5.778   14.952  1.00 22.60 ? 59  SER A CA  1 
ATOM   452  C  C   . SER A 1 58  ? -14.596 4.815   13.958  1.00 21.23 ? 59  SER A C   1 
ATOM   453  O  O   . SER A 1 58  ? -15.237 5.250   13.023  1.00 22.46 ? 59  SER A O   1 
ATOM   454  C  CB  . SER A 1 58  ? -15.152 6.495   15.673  1.00 24.18 ? 59  SER A CB  1 
ATOM   455  O  OG  . SER A 1 58  ? -16.073 5.528   16.165  1.00 26.83 ? 59  SER A OG  1 
ATOM   456  N  N   . GLY A 1 59  ? -14.431 3.513   14.198  1.00 19.13 ? 60  GLY A N   1 
ATOM   457  C  CA  . GLY A 1 59  ? -15.014 2.489   13.354  1.00 18.72 ? 60  GLY A CA  1 
ATOM   458  C  C   . GLY A 1 59  ? -14.317 2.299   12.025  1.00 17.39 ? 60  GLY A C   1 
ATOM   459  O  O   . GLY A 1 59  ? -14.834 1.591   11.173  1.00 19.51 ? 60  GLY A O   1 
ATOM   460  N  N   . CYS A 1 60  ? -13.147 2.906   11.854  1.00 15.51 ? 61  CYS A N   1 
ATOM   461  C  CA  . CYS A 1 60  ? -12.411 2.839   10.589  1.00 15.00 ? 61  CYS A CA  1 
ATOM   462  C  C   . CYS A 1 60  ? -11.359 1.732   10.616  1.00 13.93 ? 61  CYS A C   1 
ATOM   463  O  O   . CYS A 1 60  ? -10.414 1.799   11.388  1.00 14.36 ? 61  CYS A O   1 
ATOM   464  C  CB  . CYS A 1 60  ? -11.738 4.169   10.301  1.00 14.06 ? 61  CYS A CB  1 
ATOM   465  S  SG  . CYS A 1 60  ? -11.200 4.340   8.585   1.00 15.07 ? 61  CYS A SG  1 
ATOM   466  N  N   . ARG A 1 61  ? -11.528 0.738   9.762   1.00 12.74 ? 62  ARG A N   1 
ATOM   467  C  CA  . ARG A 1 61  ? -10.645 -0.416  9.683   1.00 14.06 ? 62  ARG A CA  1 
ATOM   468  C  C   . ARG A 1 61  ? -10.090 -0.579  8.274   1.00 14.74 ? 62  ARG A C   1 
ATOM   469  O  O   . ARG A 1 61  ? -10.722 -1.211  7.435   1.00 14.95 ? 62  ARG A O   1 
ATOM   470  C  CB  . ARG A 1 61  ? -11.422 -1.678  10.088  1.00 14.46 ? 62  ARG A CB  1 
ATOM   471  C  CG  . ARG A 1 61  ? -12.095 -1.567  11.423  1.00 15.82 ? 62  ARG A CG  1 
ATOM   472  C  CD  . ARG A 1 61  ? -13.031 -2.729  11.754  1.00 19.24 ? 62  ARG A CD  1 
ATOM   473  N  NE  . ARG A 1 61  ? -14.302 -2.638  11.060  1.00 21.52 ? 62  ARG A NE  1 
ATOM   474  C  CZ  . ARG A 1 61  ? -15.398 -2.086  11.565  1.00 24.80 ? 62  ARG A CZ  1 
ATOM   475  N  NH1 . ARG A 1 61  ? -15.399 -1.561  12.789  1.00 25.44 ? 62  ARG A NH1 1 
ATOM   476  N  NH2 . ARG A 1 61  ? -16.500 -2.046  10.830  1.00 26.99 ? 62  ARG A NH2 1 
ATOM   477  N  N   . PRO A 1 62  ? -8.914  -0.001  8.021   1.00 15.14 ? 63  PRO A N   1 
ATOM   478  C  CA  . PRO A 1 62  ? -8.325  0.050   6.683   1.00 15.95 ? 63  PRO A CA  1 
ATOM   479  C  C   . PRO A 1 62  ? -8.226  -1.245  5.937   1.00 15.93 ? 63  PRO A C   1 
ATOM   480  O  O   . PRO A 1 62  ? -8.448  -1.202  4.741   1.00 16.45 ? 63  PRO A O   1 
ATOM   481  C  CB  . PRO A 1 62  ? -6.932  0.621   6.933   1.00 15.54 ? 63  PRO A CB  1 
ATOM   482  C  CG  . PRO A 1 62  ? -7.108  1.421   8.124   1.00 16.53 ? 63  PRO A CG  1 
ATOM   483  C  CD  . PRO A 1 62  ? -8.079  0.696   8.995   1.00 15.57 ? 63  PRO A CD  1 
ATOM   484  N  N   . TYR A 1 63  ? -7.862  -2.354  6.569   1.00 16.42 ? 64  TYR A N   1 
ATOM   485  C  CA  . TYR A 1 63  ? -7.756  -3.604  5.821   1.00 17.49 ? 64  TYR A CA  1 
ATOM   486  C  C   . TYR A 1 63  ? -9.112  -4.090  5.304   1.00 16.99 ? 64  TYR A C   1 
ATOM   487  O  O   . TYR A 1 63  ? -9.174  -4.828  4.315   1.00 16.99 ? 64  TYR A O   1 
ATOM   488  C  CB  . TYR A 1 63  ? -7.185  -4.727  6.691   1.00 19.05 ? 64  TYR A CB  1 
ATOM   489  C  CG  . TYR A 1 63  ? -5.676  -4.802  6.849   1.00 23.63 ? 64  TYR A CG  1 
ATOM   490  C  CD1 . TYR A 1 63  ? -5.066  -6.019  7.136   1.00 29.47 ? 64  TYR A CD1 1 
ATOM   491  C  CD2 . TYR A 1 63  ? -4.884  -3.685  6.789   1.00 28.99 ? 64  TYR A CD2 1 
ATOM   492  C  CE1 . TYR A 1 63  ? -3.702  -6.113  7.317   1.00 32.05 ? 64  TYR A CE1 1 
ATOM   493  C  CE2 . TYR A 1 63  ? -3.518  -3.767  6.962   1.00 31.54 ? 64  TYR A CE2 1 
ATOM   494  C  CZ  . TYR A 1 63  ? -2.934  -4.978  7.220   1.00 33.13 ? 64  TYR A CZ  1 
ATOM   495  O  OH  . TYR A 1 63  ? -1.577  -5.062  7.377   1.00 36.61 ? 64  TYR A OH  1 
ATOM   496  N  N   . PHE A 1 64  ? -10.187 -3.711  5.982   1.00 15.84 ? 65  PHE A N   1 
ATOM   497  C  CA  . PHE A 1 64  ? -11.529 -4.187  5.640   1.00 16.17 ? 65  PHE A CA  1 
ATOM   498  C  C   . PHE A 1 64  ? -12.517 -3.183  5.059   1.00 16.50 ? 65  PHE A C   1 
ATOM   499  O  O   . PHE A 1 64  ? -13.540 -3.596  4.537   1.00 17.72 ? 65  PHE A O   1 
ATOM   500  C  CB  . PHE A 1 64  ? -12.149 -4.821  6.872   1.00 16.24 ? 65  PHE A CB  1 
ATOM   501  C  CG  . PHE A 1 64  ? -11.289 -5.900  7.463   1.00 16.59 ? 65  PHE A CG  1 
ATOM   502  C  CD1 . PHE A 1 64  ? -10.344 -5.603  8.431   1.00 17.68 ? 65  PHE A CD1 1 
ATOM   503  C  CD2 . PHE A 1 64  ? -11.365 -7.185  6.975   1.00 20.31 ? 65  PHE A CD2 1 
ATOM   504  C  CE1 . PHE A 1 64  ? -9.507  -6.596  8.953   1.00 18.88 ? 65  PHE A CE1 1 
ATOM   505  C  CE2 . PHE A 1 64  ? -10.528 -8.188  7.500   1.00 21.77 ? 65  PHE A CE2 1 
ATOM   506  C  CZ  . PHE A 1 64  ? -9.603  -7.877  8.490   1.00 18.57 ? 65  PHE A CZ  1 
ATOM   507  N  N   . LYS A 1 65  ? -12.245 -1.887  5.156   1.00 16.74 ? 66  LYS A N   1 
ATOM   508  C  CA  . LYS A 1 65  ? -13.194 -0.876  4.675   1.00 17.30 ? 66  LYS A CA  1 
ATOM   509  C  C   . LYS A 1 65  ? -13.283 -0.854  3.155   1.00 17.22 ? 66  LYS A C   1 
ATOM   510  O  O   . LYS A 1 65  ? -12.288 -0.660  2.478   1.00 16.67 ? 66  LYS A O   1 
ATOM   511  C  CB  . LYS A 1 65  ? -12.765 0.520   5.143   1.00 17.32 ? 66  LYS A CB  1 
ATOM   512  C  CG  . LYS A 1 65  ? -13.647 1.636   4.603   1.00 18.28 ? 66  LYS A CG  1 
ATOM   513  C  CD  . LYS A 1 65  ? -15.052 1.582   5.168   1.00 18.09 ? 66  LYS A CD  1 
ATOM   514  C  CE  . LYS A 1 65  ? -15.937 2.705   4.695   1.00 20.24 ? 66  LYS A CE  1 
ATOM   515  N  NZ  . LYS A 1 65  ? -17.379 2.444   5.118   1.00 22.63 ? 66  LYS A NZ  1 
ATOM   516  N  N   . THR A 1 66  ? -14.485 -1.028  2.622   1.00 17.82 ? 67  THR A N   1 
ATOM   517  C  CA  . THR A 1 66  ? -14.704 -0.986  1.191   1.00 18.43 ? 67  THR A CA  1 
ATOM   518  C  C   . THR A 1 66  ? -14.962 0.446   0.789   1.00 18.48 ? 67  THR A C   1 
ATOM   519  O  O   . THR A 1 66  ? -15.898 1.078   1.292   1.00 19.01 ? 67  THR A O   1 
ATOM   520  C  CB  . THR A 1 66  ? -15.912 -1.842  0.849   1.00 19.08 ? 67  THR A CB  1 
ATOM   521  O  OG1 . THR A 1 66  ? -15.644 -3.179  1.281   1.00 20.65 ? 67  THR A OG1 1 
ATOM   522  C  CG2 . THR A 1 66  ? -16.126 -1.910  -0.656  1.00 21.17 ? 67  THR A CG2 1 
ATOM   523  N  N   . TYR A 1 67  ? -14.129 0.970   -0.101  1.00 17.50 ? 68  TYR A N   1 
ATOM   524  C  CA  . TYR A 1 67  ? -14.291 2.333   -0.550  1.00 17.04 ? 68  TYR A CA  1 
ATOM   525  C  C   . TYR A 1 67  ? -14.744 2.322   -2.006  1.00 17.06 ? 68  TYR A C   1 
ATOM   526  O  O   . TYR A 1 67  ? -14.899 1.271   -2.595  1.00 17.40 ? 68  TYR A O   1 
ATOM   527  C  CB  . TYR A 1 67  ? -12.993 3.141   -0.382  1.00 17.20 ? 68  TYR A CB  1 
ATOM   528  C  CG  . TYR A 1 67  ? -11.720 2.438   -0.797  1.00 16.04 ? 68  TYR A CG  1 
ATOM   529  C  CD1 . TYR A 1 67  ? -11.442 2.214   -2.125  1.00 16.13 ? 68  TYR A CD1 1 
ATOM   530  C  CD2 . TYR A 1 67  ? -10.790 1.999   0.151   1.00 15.43 ? 68  TYR A CD2 1 
ATOM   531  C  CE1 . TYR A 1 67  ? -10.301 1.571   -2.513  1.00 16.47 ? 68  TYR A CE1 1 
ATOM   532  C  CE2 . TYR A 1 67  ? -9.640  1.374   -0.218  1.00 12.58 ? 68  TYR A CE2 1 
ATOM   533  C  CZ  . TYR A 1 67  ? -9.392  1.148   -1.566  1.00 14.98 ? 68  TYR A CZ  1 
ATOM   534  O  OH  . TYR A 1 67  ? -8.250  0.518   -2.004  1.00 13.21 ? 68  TYR A OH  1 
ATOM   535  N  N   . SER A 1 68  ? -14.971 3.503   -2.561  1.00 17.52 ? 69  SER A N   1 
ATOM   536  C  CA  . SER A 1 68  ? -15.408 3.622   -3.935  1.00 17.82 ? 69  SER A CA  1 
ATOM   537  C  C   . SER A 1 68  ? -14.259 4.234   -4.732  1.00 17.25 ? 69  SER A C   1 
ATOM   538  O  O   . SER A 1 68  ? -13.777 5.315   -4.400  1.00 18.11 ? 69  SER A O   1 
ATOM   539  C  CB  . SER A 1 68  ? -16.656 4.504   -4.014  1.00 18.38 ? 69  SER A CB  1 
ATOM   540  O  OG  . SER A 1 68  ? -17.048 4.664   -5.367  1.00 21.32 ? 69  SER A OG  1 
ATOM   541  N  N   . TYR A 1 69  ? -13.811 3.535   -5.773  1.00 17.22 ? 70  TYR A N   1 
ATOM   542  C  CA  . TYR A 1 69  ? -12.688 4.003   -6.606  1.00 16.77 ? 70  TYR A CA  1 
ATOM   543  C  C   . TYR A 1 69  ? -12.824 3.514   -8.057  1.00 17.26 ? 70  TYR A C   1 
ATOM   544  O  O   . TYR A 1 69  ? -13.648 2.684   -8.360  1.00 17.03 ? 70  TYR A O   1 
ATOM   545  C  CB  . TYR A 1 69  ? -11.352 3.543   -6.017  1.00 16.26 ? 70  TYR A CB  1 
ATOM   546  C  CG  . TYR A 1 69  ? -11.048 2.093   -6.267  1.00 15.28 ? 70  TYR A CG  1 
ATOM   547  C  CD1 . TYR A 1 69  ? -10.055 1.723   -7.151  1.00 17.28 ? 70  TYR A CD1 1 
ATOM   548  C  CD2 . TYR A 1 69  ? -11.774 1.087   -5.651  1.00 16.05 ? 70  TYR A CD2 1 
ATOM   549  C  CE1 . TYR A 1 69  ? -9.775  0.405   -7.396  1.00 17.84 ? 70  TYR A CE1 1 
ATOM   550  C  CE2 . TYR A 1 69  ? -11.495 -0.249  -5.894  1.00 16.04 ? 70  TYR A CE2 1 
ATOM   551  C  CZ  . TYR A 1 69  ? -10.516 -0.577  -6.778  1.00 17.36 ? 70  TYR A CZ  1 
ATOM   552  O  OH  . TYR A 1 69  ? -10.231 -1.912  -7.043  1.00 21.03 ? 70  TYR A OH  1 
ATOM   553  N  N   . GLU A 1 70  ? -12.019 4.049   -8.950  1.00 19.23 ? 71  GLU A N   1 
ATOM   554  C  CA  . GLU A 1 70  ? -12.045 3.626   -10.350 1.00 20.83 ? 71  GLU A CA  1 
ATOM   555  C  C   . GLU A 1 70  ? -10.623 3.584   -10.861 1.00 21.48 ? 71  GLU A C   1 
ATOM   556  O  O   . GLU A 1 70  ? -9.813  4.396   -10.468 1.00 20.36 ? 71  GLU A O   1 
ATOM   557  C  CB  . GLU A 1 70  ? -12.887 4.616   -11.177 1.00 21.52 ? 71  GLU A CB  1 
ATOM   558  C  CG  . GLU A 1 70  ? -12.952 4.306   -12.655 1.00 26.23 ? 71  GLU A CG  1 
ATOM   559  C  CD  . GLU A 1 70  ? -13.745 5.341   -13.448 1.00 31.78 ? 71  GLU A CD  1 
ATOM   560  O  OE1 . GLU A 1 70  ? -14.532 6.113   -12.844 1.00 35.47 ? 71  GLU A OE1 1 
ATOM   561  O  OE2 . GLU A 1 70  ? -13.560 5.388   -14.682 1.00 36.26 ? 71  GLU A OE2 1 
ATOM   562  N  N   . CYS A 1 71  ? -10.305 2.610   -11.712 1.00 23.15 ? 72  CYS A N   1 
ATOM   563  C  CA  . CYS A 1 71  ? -9.022  2.594   -12.402 1.00 25.07 ? 72  CYS A CA  1 
ATOM   564  C  C   . CYS A 1 71  ? -9.377  2.330   -13.859 1.00 25.64 ? 72  CYS A C   1 
ATOM   565  O  O   . CYS A 1 71  ? -9.798  1.209   -14.201 1.00 24.81 ? 72  CYS A O   1 
ATOM   566  C  CB  . CYS A 1 71  ? -8.048  1.536   -11.868 1.00 26.51 ? 72  CYS A CB  1 
ATOM   567  S  SG  . CYS A 1 71  ? -6.320  1.578   -12.546 1.00 31.32 ? 72  CYS A SG  1 
ATOM   568  N  N   . THR A 1 72  ? -9.270  3.383   -14.674 1.00 25.77 ? 73  THR A N   1 
ATOM   569  C  CA  . THR A 1 72  ? -9.552  3.344   -16.115 1.00 26.79 ? 73  THR A CA  1 
ATOM   570  C  C   . THR A 1 72  ? -8.497  4.152   -16.828 1.00 25.19 ? 73  THR A C   1 
ATOM   571  O  O   . THR A 1 72  ? -8.152  5.262   -16.399 1.00 23.57 ? 73  THR A O   1 
ATOM   572  C  CB  . THR A 1 72  ? -10.841 4.115   -16.514 1.00 27.09 ? 73  THR A CB  1 
ATOM   573  O  OG1 . THR A 1 72  ? -11.528 4.645   -15.383 1.00 32.06 ? 73  THR A OG1 1 
ATOM   574  C  CG2 . THR A 1 72  ? -11.806 3.229   -17.231 1.00 29.55 ? 73  THR A CG2 1 
ATOM   575  N  N   . GLN A 1 73  ? -8.079  3.615   -17.965 1.00 24.65 ? 74  GLN A N   1 
ATOM   576  C  CA  . GLN A 1 73  ? -7.155  4.304   -18.864 1.00 24.71 ? 74  GLN A CA  1 
ATOM   577  C  C   . GLN A 1 73  ? -5.973  4.953   -18.178 1.00 24.54 ? 74  GLN A C   1 
ATOM   578  O  O   . GLN A 1 73  ? -5.703  6.149   -18.382 1.00 24.68 ? 74  GLN A O   1 
ATOM   579  C  CB  . GLN A 1 73  ? -7.920  5.353   -19.661 1.00 24.84 ? 74  GLN A CB  1 
ATOM   580  C  CG  . GLN A 1 73  ? -9.090  4.777   -20.455 1.00 26.54 ? 74  GLN A CG  1 
ATOM   581  C  CD  . GLN A 1 73  ? -9.796  5.789   -21.339 1.00 27.84 ? 74  GLN A CD  1 
ATOM   582  O  OE1 . GLN A 1 73  ? -9.853  6.976   -21.037 1.00 31.98 ? 74  GLN A OE1 1 
ATOM   583  N  NE2 . GLN A 1 73  ? -10.373 5.299   -22.409 1.00 30.95 ? 74  GLN A NE2 1 
ATOM   584  N  N   . GLY A 1 74  ? -5.285  4.155   -17.377 1.00 24.15 ? 75  GLY A N   1 
ATOM   585  C  CA  . GLY A 1 74  ? -4.092  4.570   -16.668 1.00 24.43 ? 75  GLY A CA  1 
ATOM   586  C  C   . GLY A 1 74  ? -4.271  5.529   -15.513 1.00 23.83 ? 75  GLY A C   1 
ATOM   587  O  O   . GLY A 1 74  ? -3.269  6.021   -14.989 1.00 24.28 ? 75  GLY A O   1 
ATOM   588  N  N   . THR A 1 75  ? -5.514  5.787   -15.112 1.00 23.46 ? 76  THR A N   1 
ATOM   589  C  CA  . THR A 1 75  ? -5.800  6.725   -14.031 1.00 23.73 ? 76  THR A CA  1 
ATOM   590  C  C   . THR A 1 75  ? -6.585  6.094   -12.853 1.00 23.10 ? 76  THR A C   1 
ATOM   591  O  O   . THR A 1 75  ? -7.646  5.492   -13.044 1.00 22.69 ? 76  THR A O   1 
ATOM   592  C  CB  . THR A 1 75  ? -6.616  7.919   -14.579 1.00 24.39 ? 76  THR A CB  1 
ATOM   593  O  OG1 . THR A 1 75  ? -5.864  8.650   -15.579 1.00 27.37 ? 76  THR A OG1 1 
ATOM   594  C  CG2 . THR A 1 75  ? -6.906  8.927   -13.495 1.00 24.48 ? 76  THR A CG2 1 
ATOM   595  N  N   . LEU A 1 76  ? -6.054  6.280   -11.650 1.00 22.73 ? 77  LEU A N   1 
ATOM   596  C  CA  . LEU A 1 76  ? -6.689  5.849   -10.402 1.00 22.72 ? 77  LEU A CA  1 
ATOM   597  C  C   . LEU A 1 76  ? -7.360  7.053   -9.780  1.00 22.27 ? 77  LEU A C   1 
ATOM   598  O  O   . LEU A 1 76  ? -6.702  8.075   -9.576  1.00 22.03 ? 77  LEU A O   1 
ATOM   599  C  CB  . LEU A 1 76  ? -5.633  5.378   -9.398  1.00 23.54 ? 77  LEU A CB  1 
ATOM   600  C  CG  . LEU A 1 76  ? -5.265  3.925   -9.202  1.00 24.80 ? 77  LEU A CG  1 
ATOM   601  C  CD1 . LEU A 1 76  ? -4.114  3.785   -8.180  1.00 24.86 ? 77  LEU A CD1 1 
ATOM   602  C  CD2 . LEU A 1 76  ? -6.454  3.130   -8.793  1.00 26.10 ? 77  LEU A CD2 1 
ATOM   603  N  N   . THR A 1 77  ? -8.640  6.916   -9.467  1.00 21.23 ? 78  THR A N   1 
ATOM   604  C  CA  . THR A 1 77  ? -9.449  7.939   -8.836  1.00 22.15 ? 78  THR A CA  1 
ATOM   605  C  C   . THR A 1 77  ? -10.205 7.390   -7.633  1.00 21.48 ? 78  THR A C   1 
ATOM   606  O  O   . THR A 1 77  ? -10.836 6.325   -7.723  1.00 21.20 ? 78  THR A O   1 
ATOM   607  C  CB  . THR A 1 77  ? -10.545 8.431   -9.820  1.00 22.43 ? 78  THR A CB  1 
ATOM   608  O  OG1 . THR A 1 77  ? -9.962  8.870   -11.058 1.00 25.58 ? 78  THR A OG1 1 
ATOM   609  C  CG2 . THR A 1 77  ? -11.242 9.634   -9.266  1.00 23.86 ? 78  THR A CG2 1 
ATOM   610  N  N   . CYS A 1 78  ? -10.176 8.138   -6.531  1.00 21.07 ? 79  CYS A N   1 
ATOM   611  C  CA  . CYS A 1 78  ? -11.019 7.864   -5.383  1.00 21.09 ? 79  CYS A CA  1 
ATOM   612  C  C   . CYS A 1 78  ? -12.254 8.736   -5.579  1.00 23.01 ? 79  CYS A C   1 
ATOM   613  O  O   . CYS A 1 78  ? -12.130 9.945   -5.792  1.00 22.46 ? 79  CYS A O   1 
ATOM   614  C  CB  . CYS A 1 78  ? -10.315 8.228   -4.068  1.00 20.36 ? 79  CYS A CB  1 
ATOM   615  S  SG  . CYS A 1 78  ? -9.006  7.060   -3.642  1.00 17.95 ? 79  CYS A SG  1 
ATOM   616  N  N   . LYS A 1 79  ? -13.434 8.136   -5.489  1.00 25.22 ? 80  LYS A N   1 
ATOM   617  C  CA  . LYS A 1 79  ? -14.689 8.837   -5.798  1.00 27.75 ? 80  LYS A CA  1 
ATOM   618  C  C   . LYS A 1 79  ? -15.249 9.688   -4.667  1.00 29.01 ? 80  LYS A C   1 
ATOM   619  O  O   . LYS A 1 79  ? -14.839 9.582   -3.506  1.00 29.27 ? 80  LYS A O   1 
ATOM   620  C  CB  . LYS A 1 79  ? -15.737 7.821   -6.234  1.00 28.22 ? 80  LYS A CB  1 
ATOM   621  C  CG  . LYS A 1 79  ? -15.437 7.215   -7.597  1.00 31.16 ? 80  LYS A CG  1 
ATOM   622  C  CD  . LYS A 1 79  ? -16.437 6.127   -7.955  1.00 34.68 ? 80  LYS A CD  1 
ATOM   623  C  CE  . LYS A 1 79  ? -16.404 5.797   -9.427  1.00 37.40 ? 80  LYS A CE  1 
ATOM   624  N  NZ  . LYS A 1 79  ? -17.465 4.817   -9.811  1.00 39.46 ? 80  LYS A NZ  1 
ATOM   625  N  N   . GLY A 1 80  ? -16.208 10.542  -5.011  1.00 30.34 ? 81  GLY A N   1 
ATOM   626  C  CA  . GLY A 1 80  ? -16.802 11.436  -4.026  1.00 31.56 ? 81  GLY A CA  1 
ATOM   627  C  C   . GLY A 1 80  ? -17.797 10.825  -3.053  1.00 32.13 ? 81  GLY A C   1 
ATOM   628  O  O   . GLY A 1 80  ? -18.110 11.449  -2.035  1.00 33.60 ? 81  GLY A O   1 
ATOM   629  N  N   . ASP A 1 81  ? -18.313 9.632   -3.329  1.00 32.41 ? 82  ASP A N   1 
ATOM   630  C  CA  . ASP A 1 81  ? -19.289 9.042   -2.395  1.00 32.31 ? 82  ASP A CA  1 
ATOM   631  C  C   . ASP A 1 81  ? -18.633 8.409   -1.152  1.00 30.71 ? 82  ASP A C   1 
ATOM   632  O  O   . ASP A 1 81  ? -19.298 7.740   -0.365  1.00 32.14 ? 82  ASP A O   1 
ATOM   633  C  CB  . ASP A 1 81  ? -20.215 8.035   -3.090  1.00 32.92 ? 82  ASP A CB  1 
ATOM   634  C  CG  . ASP A 1 81  ? -19.469 7.025   -3.937  1.00 35.28 ? 82  ASP A CG  1 
ATOM   635  O  OD1 . ASP A 1 81  ? -18.515 7.443   -4.623  1.00 38.29 ? 82  ASP A OD1 1 
ATOM   636  O  OD2 . ASP A 1 81  ? -19.779 5.806   -3.992  1.00 37.47 ? 82  ASP A OD2 1 
ATOM   637  N  N   . ASN A 1 82  ? -17.344 8.640   -0.949  1.00 27.94 ? 83  ASN A N   1 
ATOM   638  C  CA  . ASN A 1 82  ? -16.673 8.061   0.207   1.00 25.46 ? 83  ASN A CA  1 
ATOM   639  C  C   . ASN A 1 82  ? -16.843 8.887   1.485   1.00 24.25 ? 83  ASN A C   1 
ATOM   640  O  O   . ASN A 1 82  ? -16.711 10.105  1.448   1.00 24.09 ? 83  ASN A O   1 
ATOM   641  C  CB  . ASN A 1 82  ? -15.188 7.903   -0.099  1.00 24.74 ? 83  ASN A CB  1 
ATOM   642  C  CG  . ASN A 1 82  ? -14.927 6.850   -1.133  1.00 21.72 ? 83  ASN A CG  1 
ATOM   643  O  OD1 . ASN A 1 82  ? -15.434 5.743   -1.029  1.00 19.19 ? 83  ASN A OD1 1 
ATOM   644  N  ND2 . ASN A 1 82  ? -14.148 7.194   -2.164  1.00 22.52 ? 83  ASN A ND2 1 
ATOM   645  N  N   . ASN A 1 83  ? -17.141 8.233   2.608   1.00 22.58 ? 84  ASN A N   1 
ATOM   646  C  CA  . ASN A 1 83  ? -17.171 8.946   3.892   1.00 21.74 ? 84  ASN A CA  1 
ATOM   647  C  C   . ASN A 1 83  ? -15.735 9.203   4.308   1.00 20.73 ? 84  ASN A C   1 
ATOM   648  O  O   . ASN A 1 83  ? -14.824 8.797   3.606   1.00 19.64 ? 84  ASN A O   1 
ATOM   649  C  CB  . ASN A 1 83  ? -17.977 8.226   4.979   1.00 22.24 ? 84  ASN A CB  1 
ATOM   650  C  CG  . ASN A 1 83  ? -17.407 6.889   5.414   1.00 22.10 ? 84  ASN A CG  1 
ATOM   651  O  OD1 . ASN A 1 83  ? -16.231 6.583   5.266   1.00 20.14 ? 84  ASN A OD1 1 
ATOM   652  N  ND2 . ASN A 1 83  ? -18.303 6.065   5.992   1.00 23.92 ? 84  ASN A ND2 1 
ATOM   653  N  N   . ALA A 1 84  ? -15.529 9.875   5.432   1.00 19.81 ? 85  ALA A N   1 
ATOM   654  C  CA  . ALA A 1 84  ? -14.200 10.229  5.902   1.00 18.99 ? 85  ALA A CA  1 
ATOM   655  C  C   . ALA A 1 84  ? -13.261 9.026   5.964   1.00 18.00 ? 85  ALA A C   1 
ATOM   656  O  O   . ALA A 1 84  ? -12.142 9.083   5.457   1.00 18.41 ? 85  ALA A O   1 
ATOM   657  C  CB  . ALA A 1 84  ? -14.278 10.890  7.259   1.00 19.18 ? 85  ALA A CB  1 
ATOM   658  N  N   . CYS A 1 85  ? -13.713 7.942   6.572   1.00 16.88 ? 86  CYS A N   1 
ATOM   659  C  CA  . CYS A 1 85  ? -12.904 6.721   6.640   1.00 15.61 ? 86  CYS A CA  1 
ATOM   660  C  C   . CYS A 1 85  ? -12.565 6.203   5.240   1.00 15.09 ? 86  CYS A C   1 
ATOM   661  O  O   . CYS A 1 85  ? -11.393 5.980   4.918   1.00 14.70 ? 86  CYS A O   1 
ATOM   662  C  CB  . CYS A 1 85  ? -13.670 5.657   7.416   1.00 15.56 ? 86  CYS A CB  1 
ATOM   663  S  SG  . CYS A 1 85  ? -12.870 4.073   7.510   1.00 15.64 ? 86  CYS A SG  1 
ATOM   664  N  N   . ALA A 1 86  ? -13.586 5.993   4.407   1.00 15.56 ? 87  ALA A N   1 
ATOM   665  C  CA  . ALA A 1 86  ? -13.358 5.468   3.062   1.00 16.06 ? 87  ALA A CA  1 
ATOM   666  C  C   . ALA A 1 86  ? -12.432 6.370   2.236   1.00 16.32 ? 87  ALA A C   1 
ATOM   667  O  O   . ALA A 1 86  ? -11.541 5.874   1.518   1.00 15.81 ? 87  ALA A O   1 
ATOM   668  C  CB  . ALA A 1 86  ? -14.670 5.238   2.350   1.00 16.86 ? 87  ALA A CB  1 
ATOM   669  N  N   . ALA A 1 87  ? -12.642 7.685   2.323   1.00 15.88 ? 88  ALA A N   1 
ATOM   670  C  CA  . ALA A 1 87  ? -11.828 8.635   1.570   1.00 16.25 ? 88  ALA A CA  1 
ATOM   671  C  C   . ALA A 1 87  ? -10.362 8.561   2.000   1.00 15.60 ? 88  ALA A C   1 
ATOM   672  O  O   . ALA A 1 87  ? -9.465  8.575   1.168   1.00 14.85 ? 88  ALA A O   1 
ATOM   673  C  CB  . ALA A 1 87  ? -12.357 10.060  1.754   1.00 16.58 ? 88  ALA A CB  1 
ATOM   674  N  N   . SER A 1 88  ? -10.134 8.513   3.302   1.00 15.81 ? 89  SER A N   1 
ATOM   675  C  CA  . SER A 1 88  ? -8.785  8.440   3.844   1.00 16.43 ? 89  SER A CA  1 
ATOM   676  C  C   . SER A 1 88  ? -8.079  7.164   3.395   1.00 15.15 ? 89  SER A C   1 
ATOM   677  O  O   . SER A 1 88  ? -6.955  7.218   2.902   1.00 15.61 ? 89  SER A O   1 
ATOM   678  C  CB  . SER A 1 88  ? -8.809  8.497   5.371   1.00 16.72 ? 89  SER A CB  1 
ATOM   679  O  OG  . SER A 1 88  ? -9.169  9.801   5.792   1.00 21.56 ? 89  SER A OG  1 
ATOM   680  N  N   . VAL A 1 89  ? -8.736  6.031   3.570   1.00 14.00 ? 90  VAL A N   1 
ATOM   681  C  CA  . VAL A 1 89  ? -8.128  4.736   3.226   1.00 14.75 ? 90  VAL A CA  1 
ATOM   682  C  C   . VAL A 1 89  ? -7.889  4.644   1.723   1.00 14.11 ? 90  VAL A C   1 
ATOM   683  O  O   . VAL A 1 89  ? -6.848  4.174   1.289   1.00 13.37 ? 90  VAL A O   1 
ATOM   684  C  CB  . VAL A 1 89  ? -9.001  3.558   3.686   1.00 14.66 ? 90  VAL A CB  1 
ATOM   685  C  CG1 . VAL A 1 89  ? -8.432  2.252   3.190   1.00 15.37 ? 90  VAL A CG1 1 
ATOM   686  C  CG2 . VAL A 1 89  ? -9.128  3.557   5.214   1.00 14.95 ? 90  VAL A CG2 1 
ATOM   687  N  N   . CYS A 1 90  ? -8.841  5.127   0.934   1.00 14.40 ? 91  CYS A N   1 
ATOM   688  C  CA  . CYS A 1 90  ? -8.690  5.078   -0.525  1.00 14.45 ? 91  CYS A CA  1 
ATOM   689  C  C   . CYS A 1 90  ? -7.452  5.895   -0.932  1.00 14.75 ? 91  CYS A C   1 
ATOM   690  O  O   . CYS A 1 90  ? -6.680  5.508   -1.802  1.00 14.65 ? 91  CYS A O   1 
ATOM   691  C  CB  . CYS A 1 90  ? -9.936  5.609   -1.239  1.00 14.88 ? 91  CYS A CB  1 
ATOM   692  S  SG  . CYS A 1 90  ? -9.912  5.388   -3.042  1.00 14.73 ? 91  CYS A SG  1 
ATOM   693  N  N   . ASP A 1 91  ? -7.259  7.045   -0.328  1.00 16.49 ? 92  ASP A N   1 
ATOM   694  C  CA  . ASP A 1 91  ? -6.110  7.854   -0.690  1.00 17.29 ? 92  ASP A CA  1 
ATOM   695  C  C   . ASP A 1 91  ? -4.795  7.217   -0.246  1.00 16.75 ? 92  ASP A C   1 
ATOM   696  O  O   . ASP A 1 91  ? -3.807  7.322   -0.964  1.00 16.74 ? 92  ASP A O   1 
ATOM   697  C  CB  . ASP A 1 91  ? -6.230  9.245   -0.132  1.00 18.85 ? 92  ASP A CB  1 
ATOM   698  C  CG  . ASP A 1 91  ? -6.331  10.281  -1.238  1.00 25.10 ? 92  ASP A CG  1 
ATOM   699  O  OD1 . ASP A 1 91  ? -7.287  10.180  -2.055  1.00 29.65 ? 92  ASP A OD1 1 
ATOM   700  O  OD2 . ASP A 1 91  ? -5.452  11.174  -1.401  1.00 32.98 ? 92  ASP A OD2 1 
ATOM   701  N  N   . CYS A 1 92  ? -4.798  6.590   0.934   1.00 15.64 ? 93  CYS A N   1 
ATOM   702  C  CA  . CYS A 1 92  ? -3.629  5.873   1.422   1.00 15.64 ? 93  CYS A CA  1 
ATOM   703  C  C   . CYS A 1 92  ? -3.186  4.890   0.332   1.00 15.23 ? 93  CYS A C   1 
ATOM   704  O  O   . CYS A 1 92  ? -2.017  4.844   -0.070  1.00 14.10 ? 93  CYS A O   1 
ATOM   705  C  CB  . CYS A 1 92  ? -3.944  5.090   2.694   1.00 15.36 ? 93  CYS A CB  1 
ATOM   706  S  SG  . CYS A 1 92  ? -4.182  6.017   4.229   1.00 14.78 ? 93  CYS A SG  1 
ATOM   707  N  N   . ASP A 1 93  ? -4.143  4.075   -0.116  1.00 15.17 ? 94  ASP A N   1 
ATOM   708  C  CA  . ASP A 1 93  ? -3.908  3.037   -1.118  1.00 15.38 ? 94  ASP A CA  1 
ATOM   709  C  C   . ASP A 1 93  ? -3.489  3.600   -2.484  1.00 15.95 ? 94  ASP A C   1 
ATOM   710  O  O   . ASP A 1 93  ? -2.539  3.093   -3.141  1.00 15.08 ? 94  ASP A O   1 
ATOM   711  C  CB  . ASP A 1 93  ? -5.166  2.174   -1.295  1.00 15.08 ? 94  ASP A CB  1 
ATOM   712  C  CG  . ASP A 1 93  ? -5.411  1.225   -0.121  1.00 16.23 ? 94  ASP A CG  1 
ATOM   713  O  OD1 . ASP A 1 93  ? -4.581  1.180   0.834   1.00 15.79 ? 94  ASP A OD1 1 
ATOM   714  O  OD2 . ASP A 1 93  ? -6.427  0.482   -0.052  1.00 14.98 ? 94  ASP A OD2 1 
ATOM   715  N  N   . ARG A 1 94  ? -4.225  4.602   -2.953  1.00 16.12 ? 95  ARG A N   1 
ATOM   716  C  CA  . ARG A 1 94  ? -3.941  5.263   -4.227  1.00 16.95 ? 95  ARG A CA  1 
ATOM   717  C  C   . ARG A 1 94  ? -2.529  5.809   -4.288  1.00 17.13 ? 95  ARG A C   1 
ATOM   718  O  O   . ARG A 1 94  ? -1.810  5.554   -5.247  1.00 16.00 ? 95  ARG A O   1 
ATOM   719  C  CB  . ARG A 1 94  ? -4.945  6.397   -4.442  1.00 17.34 ? 95  ARG A CB  1 
ATOM   720  C  CG  . ARG A 1 94  ? -4.740  7.211   -5.729  1.00 20.63 ? 95  ARG A CG  1 
ATOM   721  C  CD  . ARG A 1 94  ? -5.811  8.295   -5.924  1.00 24.90 ? 95  ARG A CD  1 
ATOM   722  N  NE  . ARG A 1 94  ? -5.624  9.416   -4.998  1.00 28.92 ? 95  ARG A NE  1 
ATOM   723  C  CZ  . ARG A 1 94  ? -4.758  10.406  -5.189  1.00 30.66 ? 95  ARG A CZ  1 
ATOM   724  N  NH1 . ARG A 1 94  ? -4.000  10.431  -6.269  1.00 30.71 ? 95  ARG A NH1 1 
ATOM   725  N  NH2 . ARG A 1 94  ? -4.628  11.367  -4.283  1.00 34.03 ? 95  ARG A NH2 1 
ATOM   726  N  N   . LEU A 1 95  ? -2.134  6.556   -3.259  1.00 17.19 ? 96  LEU A N   1 
ATOM   727  C  CA  . LEU A 1 95  ? -0.800  7.133   -3.215  1.00 18.17 ? 96  LEU A CA  1 
ATOM   728  C  C   . LEU A 1 95  ? 0.280   6.063   -3.154  1.00 17.95 ? 96  LEU A C   1 
ATOM   729  O  O   . LEU A 1 95  ? 1.330   6.214   -3.760  1.00 19.56 ? 96  LEU A O   1 
ATOM   730  C  CB  . LEU A 1 95  ? -0.666  8.105   -2.044  1.00 18.71 ? 96  LEU A CB  1 
ATOM   731  C  CG  . LEU A 1 95  ? -1.577  9.341   -2.130  1.00 21.05 ? 96  LEU A CG  1 
ATOM   732  C  CD1 . LEU A 1 95  ? -1.413  10.246  -0.923  1.00 23.16 ? 96  LEU A CD1 1 
ATOM   733  C  CD2 . LEU A 1 95  ? -1.313  10.131  -3.389  1.00 23.62 ? 96  LEU A CD2 1 
ATOM   734  N  N   . ALA A 1 96  ? 0.038   4.982   -2.435  1.00 17.82 ? 97  ALA A N   1 
ATOM   735  C  CA  . ALA A 1 96  ? 1.001   3.893   -2.391  1.00 18.09 ? 97  ALA A CA  1 
ATOM   736  C  C   . ALA A 1 96  ? 1.138   3.231   -3.781  1.00 18.27 ? 97  ALA A C   1 
ATOM   737  O  O   . ALA A 1 96  ? 2.254   2.948   -4.229  1.00 18.89 ? 97  ALA A O   1 
ATOM   738  C  CB  . ALA A 1 96  ? 0.582   2.877   -1.361  1.00 18.22 ? 97  ALA A CB  1 
ATOM   739  N  N   . ALA A 1 97  ? 0.016   2.976   -4.451  1.00 17.76 ? 98  ALA A N   1 
ATOM   740  C  CA  . ALA A 1 97  ? 0.047   2.344   -5.784  1.00 18.85 ? 98  ALA A CA  1 
ATOM   741  C  C   . ALA A 1 97  ? 0.850   3.169   -6.773  1.00 19.49 ? 98  ALA A C   1 
ATOM   742  O  O   . ALA A 1 97  ? 1.636   2.635   -7.573  1.00 20.63 ? 98  ALA A O   1 
ATOM   743  C  CB  . ALA A 1 97  ? -1.365  2.122   -6.295  1.00 19.27 ? 98  ALA A CB  1 
ATOM   744  N  N   . ILE A 1 98  ? 0.649   4.478   -6.719  1.00 20.47 ? 99  ILE A N   1 
ATOM   745  C  CA  . ILE A 1 98  ? 1.398   5.391   -7.559  1.00 21.36 ? 99  ILE A CA  1 
ATOM   746  C  C   . ILE A 1 98  ? 2.874   5.363   -7.171  1.00 21.48 ? 99  ILE A C   1 
ATOM   747  O  O   . ILE A 1 98  ? 3.757   5.375   -8.039  1.00 22.03 ? 99  ILE A O   1 
ATOM   748  C  CB  . ILE A 1 98  ? 0.819   6.796   -7.442  1.00 20.97 ? 99  ILE A CB  1 
ATOM   749  C  CG1 . ILE A 1 98  ? -0.589  6.800   -8.051  1.00 22.16 ? 99  ILE A CG1 1 
ATOM   750  C  CG2 . ILE A 1 98  ? 1.731   7.808   -8.124  1.00 23.73 ? 99  ILE A CG2 1 
ATOM   751  C  CD1 . ILE A 1 98  ? -1.318  8.075   -7.859  1.00 22.47 ? 99  ILE A CD1 1 
ATOM   752  N  N   . CYS A 1 99  ? 3.139   5.299   -5.870  1.00 21.10 ? 100 CYS A N   1 
ATOM   753  C  CA  . CYS A 1 99  ? 4.509   5.273   -5.363  1.00 21.46 ? 100 CYS A CA  1 
ATOM   754  C  C   . CYS A 1 99  ? 5.230   4.014   -5.869  1.00 21.40 ? 100 CYS A C   1 
ATOM   755  O  O   . CYS A 1 99  ? 6.389   4.093   -6.309  1.00 21.71 ? 100 CYS A O   1 
ATOM   756  C  CB  . CYS A 1 99  ? 4.511   5.351   -3.826  1.00 20.74 ? 100 CYS A CB  1 
ATOM   757  S  SG  . CYS A 1 99  ? 6.133   5.639   -3.053  1.00 22.17 ? 100 CYS A SG  1 
ATOM   758  N  N   . PHE A 1 100 ? 4.537   2.873   -5.837  1.00 21.16 ? 101 PHE A N   1 
ATOM   759  C  CA  . PHE A 1 100 ? 5.081   1.586   -6.267  1.00 21.83 ? 101 PHE A CA  1 
ATOM   760  C  C   . PHE A 1 100 ? 5.477   1.623   -7.752  1.00 23.53 ? 101 PHE A C   1 
ATOM   761  O  O   . PHE A 1 100 ? 6.477   1.031   -8.161  1.00 23.11 ? 101 PHE A O   1 
ATOM   762  C  CB  . PHE A 1 100 ? 4.054   0.461   -6.105  1.00 22.21 ? 101 PHE A CB  1 
ATOM   763  C  CG  . PHE A 1 100 ? 3.766   0.055   -4.687  1.00 20.80 ? 101 PHE A CG  1 
ATOM   764  C  CD1 . PHE A 1 100 ? 4.326   0.716   -3.615  1.00 21.27 ? 101 PHE A CD1 1 
ATOM   765  C  CD2 . PHE A 1 100 ? 2.915   -0.998  -4.440  1.00 20.85 ? 101 PHE A CD2 1 
ATOM   766  C  CE1 . PHE A 1 100 ? 4.023   0.337   -2.334  1.00 21.78 ? 101 PHE A CE1 1 
ATOM   767  C  CE2 . PHE A 1 100 ? 2.623   -1.390  -3.154  1.00 21.60 ? 101 PHE A CE2 1 
ATOM   768  C  CZ  . PHE A 1 100 ? 3.182   -0.726  -2.105  1.00 20.60 ? 101 PHE A CZ  1 
ATOM   769  N  N   . ALA A 1 101 ? 4.669   2.307   -8.554  1.00 24.92 ? 102 ALA A N   1 
ATOM   770  C  CA  . ALA A 1 101 ? 4.900   2.390   -9.995  1.00 25.95 ? 102 ALA A CA  1 
ATOM   771  C  C   . ALA A 1 101 ? 6.165   3.176   -10.342 1.00 26.96 ? 102 ALA A C   1 
ATOM   772  O  O   . ALA A 1 101 ? 6.765   2.959   -11.394 1.00 28.33 ? 102 ALA A O   1 
ATOM   773  C  CB  . ALA A 1 101 ? 3.704   3.006   -10.675 1.00 25.81 ? 102 ALA A CB  1 
ATOM   774  N  N   . GLY A 1 102 ? 6.572   4.082   -9.468  1.00 28.18 ? 103 GLY A N   1 
ATOM   775  C  CA  . GLY A 1 102 ? 7.755   4.884   -9.711  1.00 29.44 ? 103 GLY A CA  1 
ATOM   776  C  C   . GLY A 1 102 ? 9.008   4.402   -9.009  1.00 30.51 ? 103 GLY A C   1 
ATOM   777  O  O   . GLY A 1 102 ? 10.072  4.981   -9.204  1.00 31.31 ? 103 GLY A O   1 
ATOM   778  N  N   . ALA A 1 103 ? 8.895   3.363   -8.189  1.00 30.56 ? 104 ALA A N   1 
ATOM   779  C  CA  . ALA A 1 103 ? 10.040  2.881   -7.422  1.00 31.23 ? 104 ALA A CA  1 
ATOM   780  C  C   . ALA A 1 103 ? 10.724  1.668   -8.061  1.00 31.32 ? 104 ALA A C   1 
ATOM   781  O  O   . ALA A 1 103 ? 10.076  0.812   -8.639  1.00 30.89 ? 104 ALA A O   1 
ATOM   782  C  CB  . ALA A 1 103 ? 9.625   2.555   -6.008  1.00 31.29 ? 104 ALA A CB  1 
ATOM   783  N  N   . PRO A 1 104 ? 12.048  1.631   -7.977  1.00 32.36 ? 105 PRO A N   1 
ATOM   784  C  CA  . PRO A 1 104 ? 12.836  0.494   -8.457  1.00 32.82 ? 105 PRO A CA  1 
ATOM   785  C  C   . PRO A 1 104 ? 12.589  -0.759  -7.636  1.00 32.98 ? 105 PRO A C   1 
ATOM   786  O  O   . PRO A 1 104 ? 12.475  -0.652  -6.412  1.00 32.76 ? 105 PRO A O   1 
ATOM   787  C  CB  . PRO A 1 104 ? 14.277  0.973   -8.252  1.00 33.02 ? 105 PRO A CB  1 
ATOM   788  C  CG  . PRO A 1 104 ? 14.166  2.436   -8.182  1.00 33.34 ? 105 PRO A CG  1 
ATOM   789  C  CD  . PRO A 1 104 ? 12.906  2.712   -7.474  1.00 32.46 ? 105 PRO A CD  1 
ATOM   790  N  N   . TYR A 1 105 ? 12.499  -1.914  -8.290  1.00 32.72 ? 106 TYR A N   1 
ATOM   791  C  CA  . TYR A 1 105 ? 12.270  -3.170  -7.587  1.00 33.06 ? 106 TYR A CA  1 
ATOM   792  C  C   . TYR A 1 105 ? 13.562  -4.001  -7.516  1.00 33.62 ? 106 TYR A C   1 
ATOM   793  O  O   . TYR A 1 105 ? 14.081  -4.436  -8.543  1.00 34.32 ? 106 TYR A O   1 
ATOM   794  C  CB  . TYR A 1 105 ? 11.158  -3.965  -8.258  1.00 32.80 ? 106 TYR A CB  1 
ATOM   795  C  CG  . TYR A 1 105 ? 10.707  -5.153  -7.448  1.00 31.53 ? 106 TYR A CG  1 
ATOM   796  C  CD1 . TYR A 1 105 ? 11.475  -6.310  -7.388  1.00 30.59 ? 106 TYR A CD1 1 
ATOM   797  C  CD2 . TYR A 1 105 ? 9.521   -5.120  -6.732  1.00 29.01 ? 106 TYR A CD2 1 
ATOM   798  C  CE1 . TYR A 1 105 ? 11.070  -7.390  -6.659  1.00 29.00 ? 106 TYR A CE1 1 
ATOM   799  C  CE2 . TYR A 1 105 ? 9.105   -6.205  -6.008  1.00 29.05 ? 106 TYR A CE2 1 
ATOM   800  C  CZ  . TYR A 1 105 ? 9.892   -7.336  -5.959  1.00 28.27 ? 106 TYR A CZ  1 
ATOM   801  O  OH  . TYR A 1 105 ? 9.503   -8.429  -5.226  1.00 25.34 ? 106 TYR A OH  1 
ATOM   802  N  N   . ASN A 1 106 ? 14.066  -4.214  -6.303  1.00 33.15 ? 107 ASN A N   1 
ATOM   803  C  CA  . ASN A 1 106 ? 15.291  -4.978  -6.082  1.00 33.44 ? 107 ASN A CA  1 
ATOM   804  C  C   . ASN A 1 106 ? 14.937  -6.356  -5.583  1.00 33.13 ? 107 ASN A C   1 
ATOM   805  O  O   . ASN A 1 106 ? 14.518  -6.503  -4.432  1.00 32.03 ? 107 ASN A O   1 
ATOM   806  C  CB  . ASN A 1 106 ? 16.183  -4.279  -5.047  1.00 33.65 ? 107 ASN A CB  1 
ATOM   807  C  CG  . ASN A 1 106 ? 17.534  -4.992  -4.835  1.00 36.44 ? 107 ASN A CG  1 
ATOM   808  O  OD1 . ASN A 1 106 ? 17.703  -6.191  -5.139  1.00 38.78 ? 107 ASN A OD1 1 
ATOM   809  N  ND2 . ASN A 1 106 ? 18.496  -4.252  -4.313  1.00 38.82 ? 107 ASN A ND2 1 
ATOM   810  N  N   . ASP A 1 107 ? 15.124  -7.364  -6.443  1.00 32.96 ? 108 ASP A N   1 
ATOM   811  C  CA  . ASP A 1 107 ? 14.820  -8.757  -6.103  1.00 33.25 ? 108 ASP A CA  1 
ATOM   812  C  C   . ASP A 1 107 ? 15.519  -9.199  -4.792  1.00 31.84 ? 108 ASP A C   1 
ATOM   813  O  O   . ASP A 1 107 ? 15.039  -10.097 -4.086  1.00 32.22 ? 108 ASP A O   1 
ATOM   814  C  CB  . ASP A 1 107 ? 15.211  -9.713  -7.258  1.00 33.92 ? 108 ASP A CB  1 
ATOM   815  C  CG  . ASP A 1 107 ? 14.385  -9.509  -8.537  1.00 37.25 ? 108 ASP A CG  1 
ATOM   816  O  OD1 . ASP A 1 107 ? 13.257  -8.963  -8.499  1.00 42.46 ? 108 ASP A OD1 1 
ATOM   817  O  OD2 . ASP A 1 107 ? 14.788  -9.913  -9.656  1.00 40.31 ? 108 ASP A OD2 1 
ATOM   818  N  N   . ALA A 1 108 ? 16.635  -8.563  -4.458  1.00 30.73 ? 109 ALA A N   1 
ATOM   819  C  CA  . ALA A 1 108 ? 17.400  -8.906  -3.257  1.00 30.45 ? 109 ALA A CA  1 
ATOM   820  C  C   . ALA A 1 108 ? 16.671  -8.543  -1.956  1.00 29.90 ? 109 ALA A C   1 
ATOM   821  O  O   . ALA A 1 108 ? 16.947  -9.109  -0.897  1.00 29.72 ? 109 ALA A O   1 
ATOM   822  C  CB  . ALA A 1 108 ? 18.743  -8.221  -3.291  1.00 30.79 ? 109 ALA A CB  1 
ATOM   823  N  N   . ASN A 1 109 ? 15.733  -7.610  -2.052  1.00 29.08 ? 110 ASN A N   1 
ATOM   824  C  CA  . ASN A 1 109 ? 14.999  -7.139  -0.890  1.00 28.20 ? 110 ASN A CA  1 
ATOM   825  C  C   . ASN A 1 109 ? 13.655  -7.812  -0.693  1.00 27.43 ? 110 ASN A C   1 
ATOM   826  O  O   . ASN A 1 109 ? 12.900  -7.436  0.214   1.00 26.57 ? 110 ASN A O   1 
ATOM   827  C  CB  . ASN A 1 109 ? 14.843  -5.623  -0.969  1.00 28.26 ? 110 ASN A CB  1 
ATOM   828  C  CG  . ASN A 1 109 ? 16.131  -4.905  -0.665  1.00 28.43 ? 110 ASN A CG  1 
ATOM   829  O  OD1 . ASN A 1 109 ? 16.938  -5.386  0.136   1.00 28.54 ? 110 ASN A OD1 1 
ATOM   830  N  ND2 . ASN A 1 109 ? 16.334  -3.741  -1.279  1.00 28.96 ? 110 ASN A ND2 1 
ATOM   831  N  N   . TYR A 1 110 ? 13.344  -8.794  -1.537  1.00 27.04 ? 111 TYR A N   1 
ATOM   832  C  CA  . TYR A 1 110 ? 12.102  -9.565  -1.406  1.00 26.88 ? 111 TYR A CA  1 
ATOM   833  C  C   . TYR A 1 110 ? 12.302  -10.658 -0.345  1.00 26.47 ? 111 TYR A C   1 
ATOM   834  O  O   . TYR A 1 110 ? 13.359  -11.287 -0.316  1.00 26.63 ? 111 TYR A O   1 
ATOM   835  C  CB  . TYR A 1 110 ? 11.700  -10.200 -2.748  1.00 27.04 ? 111 TYR A CB  1 
ATOM   836  C  CG  . TYR A 1 110 ? 10.472  -11.090 -2.664  1.00 28.22 ? 111 TYR A CG  1 
ATOM   837  C  CD1 . TYR A 1 110 ? 9.199   -10.550 -2.646  1.00 30.12 ? 111 TYR A CD1 1 
ATOM   838  C  CD2 . TYR A 1 110 ? 10.596  -12.469 -2.596  1.00 30.59 ? 111 TYR A CD2 1 
ATOM   839  C  CE1 . TYR A 1 110 ? 8.085   -11.359 -2.561  1.00 32.26 ? 111 TYR A CE1 1 
ATOM   840  C  CE2 . TYR A 1 110 ? 9.495   -13.278 -2.520  1.00 33.16 ? 111 TYR A CE2 1 
ATOM   841  C  CZ  . TYR A 1 110 ? 8.237   -12.724 -2.498  1.00 33.25 ? 111 TYR A CZ  1 
ATOM   842  O  OH  . TYR A 1 110 ? 7.133   -13.555 -2.423  1.00 36.83 ? 111 TYR A OH  1 
ATOM   843  N  N   . ASN A 1 111 ? 11.308  -10.849 0.524   1.00 25.81 ? 112 ASN A N   1 
ATOM   844  C  CA  . ASN A 1 111 ? 11.332  -11.860 1.580   1.00 26.27 ? 112 ASN A CA  1 
ATOM   845  C  C   . ASN A 1 111 ? 12.610  -11.838 2.435   1.00 25.92 ? 112 ASN A C   1 
ATOM   846  O  O   . ASN A 1 111 ? 13.275  -12.874 2.605   1.00 26.13 ? 112 ASN A O   1 
ATOM   847  C  CB  . ASN A 1 111 ? 11.136  -13.252 0.959   1.00 26.32 ? 112 ASN A CB  1 
ATOM   848  C  CG  . ASN A 1 111 ? 10.922  -14.358 1.993   1.00 27.94 ? 112 ASN A CG  1 
ATOM   849  O  OD1 . ASN A 1 111 ? 11.398  -15.467 1.807   1.00 29.94 ? 112 ASN A OD1 1 
ATOM   850  N  ND2 . ASN A 1 111 ? 10.178  -14.073 3.058   1.00 30.14 ? 112 ASN A ND2 1 
ATOM   851  N  N   . ILE A 1 112 ? 12.943  -10.674 2.985   1.00 25.01 ? 113 ILE A N   1 
ATOM   852  C  CA  . ILE A 1 112 ? 14.112  -10.560 3.844   1.00 24.50 ? 113 ILE A CA  1 
ATOM   853  C  C   . ILE A 1 112 ? 13.753  -11.006 5.248   1.00 24.29 ? 113 ILE A C   1 
ATOM   854  O  O   . ILE A 1 112 ? 12.577  -11.112 5.587   1.00 22.70 ? 113 ILE A O   1 
ATOM   855  C  CB  . ILE A 1 112 ? 14.707  -9.133  3.847   1.00 24.81 ? 113 ILE A CB  1 
ATOM   856  C  CG1 . ILE A 1 112 ? 13.713  -8.105  4.383   1.00 25.14 ? 113 ILE A CG1 1 
ATOM   857  C  CG2 . ILE A 1 112 ? 15.144  -8.747  2.464   1.00 25.38 ? 113 ILE A CG2 1 
ATOM   858  C  CD1 . ILE A 1 112 ? 14.338  -6.750  4.639   1.00 26.50 ? 113 ILE A CD1 1 
ATOM   859  N  N   . ASP A 1 113 ? 14.774  -11.270 6.061   1.00 23.45 ? 114 ASP A N   1 
ATOM   860  C  CA  . ASP A 1 113 ? 14.566  -11.738 7.426   1.00 24.15 ? 114 ASP A CA  1 
ATOM   861  C  C   . ASP A 1 113 ? 14.214  -10.573 8.352   1.00 24.24 ? 114 ASP A C   1 
ATOM   862  O  O   . ASP A 1 113 ? 15.105  -9.865  8.818   1.00 23.04 ? 114 ASP A O   1 
ATOM   863  C  CB  . ASP A 1 113 ? 15.849  -12.423 7.895   1.00 24.55 ? 114 ASP A CB  1 
ATOM   864  C  CG  . ASP A 1 113 ? 15.703  -13.083 9.236   1.00 26.04 ? 114 ASP A CG  1 
ATOM   865  O  OD1 . ASP A 1 113 ? 16.603  -13.894 9.578   1.00 26.26 ? 114 ASP A OD1 1 
ATOM   866  O  OD2 . ASP A 1 113 ? 14.750  -12.860 10.011  1.00 28.43 ? 114 ASP A OD2 1 
ATOM   867  N  N   . LEU A 1 114 ? 12.915  -10.384 8.598   1.00 24.71 ? 115 LEU A N   1 
ATOM   868  C  CA  . LEU A 1 114 ? 12.403  -9.267  9.390   1.00 25.27 ? 115 LEU A CA  1 
ATOM   869  C  C   . LEU A 1 114 ? 12.970  -9.222  10.802  1.00 25.12 ? 115 LEU A C   1 
ATOM   870  O  O   . LEU A 1 114 ? 13.386  -8.163  11.259  1.00 25.02 ? 115 LEU A O   1 
ATOM   871  C  CB  . LEU A 1 114 ? 10.874  -9.320  9.476   1.00 26.33 ? 115 LEU A CB  1 
ATOM   872  C  CG  . LEU A 1 114 ? 10.094  -9.421  8.166   1.00 28.66 ? 115 LEU A CG  1 
ATOM   873  C  CD1 . LEU A 1 114 ? 8.587   -9.513  8.470   1.00 31.20 ? 115 LEU A CD1 1 
ATOM   874  C  CD2 . LEU A 1 114 ? 10.385  -8.228  7.289   1.00 30.14 ? 115 LEU A CD2 1 
ATOM   875  N  N   . LYS A 1 115 ? 13.011  -10.369 11.476  1.00 24.80 ? 116 LYS A N   1 
ATOM   876  C  CA  . LYS A 1 115 ? 13.529  -10.438 12.848  1.00 25.03 ? 116 LYS A CA  1 
ATOM   877  C  C   . LYS A 1 115 ? 14.969  -9.975  12.978  1.00 24.12 ? 116 LYS A C   1 
ATOM   878  O  O   . LYS A 1 115 ? 15.343  -9.370  13.990  1.00 24.33 ? 116 LYS A O   1 
ATOM   879  C  CB  . LYS A 1 115 ? 13.397  -11.862 13.408  1.00 25.79 ? 116 LYS A CB  1 
ATOM   880  C  CG  . LYS A 1 115 ? 13.772  -11.982 14.890  1.00 29.52 ? 116 LYS A CG  1 
ATOM   881  C  CD  . LYS A 1 115 ? 13.517  -13.383 15.447  1.00 33.84 ? 116 LYS A CD  1 
ATOM   882  C  CE  . LYS A 1 115 ? 13.964  -13.507 16.903  1.00 36.37 ? 116 LYS A CE  1 
ATOM   883  N  NZ  . LYS A 1 115 ? 15.469  -13.434 17.046  1.00 39.46 ? 116 LYS A NZ  1 
ATOM   884  N  N   . ALA A 1 116 ? 15.787  -10.225 11.962  1.00 23.11 ? 117 ALA A N   1 
ATOM   885  C  CA  . ALA A 1 116 ? 17.203  -9.860  12.041  1.00 23.08 ? 117 ALA A CA  1 
ATOM   886  C  C   . ALA A 1 116 ? 17.551  -8.501  11.413  1.00 23.02 ? 117 ALA A C   1 
ATOM   887  O  O   . ALA A 1 116 ? 18.517  -7.843  11.820  1.00 21.74 ? 117 ALA A O   1 
ATOM   888  C  CB  . ALA A 1 116 ? 18.030  -10.933 11.415  1.00 23.80 ? 117 ALA A CB  1 
ATOM   889  N  N   . ARG A 1 117 ? 16.765  -8.067  10.438  1.00 22.88 ? 118 ARG A N   1 
ATOM   890  C  CA  . ARG A 1 117 ? 17.139  -6.862  9.711   1.00 23.82 ? 118 ARG A CA  1 
ATOM   891  C  C   . ARG A 1 117 ? 16.196  -5.666  9.890   1.00 24.12 ? 118 ARG A C   1 
ATOM   892  O  O   . ARG A 1 117 ? 16.471  -4.586  9.373   1.00 23.69 ? 118 ARG A O   1 
ATOM   893  C  CB  . ARG A 1 117 ? 17.261  -7.212  8.233   1.00 24.05 ? 118 ARG A CB  1 
ATOM   894  C  CG  . ARG A 1 117 ? 18.217  -8.373  7.991   1.00 26.08 ? 118 ARG A CG  1 
ATOM   895  C  CD  . ARG A 1 117 ? 18.253  -8.862  6.574   1.00 27.59 ? 118 ARG A CD  1 
ATOM   896  N  NE  . ARG A 1 117 ? 18.712  -7.840  5.638   1.00 28.44 ? 118 ARG A NE  1 
ATOM   897  C  CZ  . ARG A 1 117 ? 18.694  -7.993  4.322   1.00 30.15 ? 118 ARG A CZ  1 
ATOM   898  N  NH1 . ARG A 1 117 ? 18.259  -9.126  3.795   1.00 30.28 ? 118 ARG A NH1 1 
ATOM   899  N  NH2 . ARG A 1 117 ? 19.118  -7.018  3.525   1.00 32.25 ? 118 ARG A NH2 1 
ATOM   900  N  N   . CYS A 1 118 ? 15.104  -5.844  10.612  1.00 24.64 ? 119 CYS A N   1 
ATOM   901  C  CA  . CYS A 1 118 ? 14.118  -4.765  10.718  1.00 26.16 ? 119 CYS A CA  1 
ATOM   902  C  C   . CYS A 1 118 ? 13.789  -4.315  12.133  1.00 28.72 ? 119 CYS A C   1 
ATOM   903  O  O   . CYS A 1 118 ? 12.694  -3.865  12.385  1.00 30.29 ? 119 CYS A O   1 
ATOM   904  C  CB  . CYS A 1 118 ? 12.829  -5.184  10.035  1.00 25.66 ? 119 CYS A CB  1 
ATOM   905  S  SG  . CYS A 1 118 ? 13.068  -5.584  8.303   1.00 21.78 ? 119 CYS A SG  1 
ATOM   906  N  N   . ASN A 1 119 ? 14.716  -4.413  13.067  1.00 31.61 ? 120 ASN A N   1 
ATOM   907  C  CA  . ASN A 1 119 ? 14.394  -3.925  14.407  1.00 33.83 ? 120 ASN A CA  1 
ATOM   908  C  C   . ASN A 1 119 ? 15.413  -2.948  14.956  1.00 34.85 ? 120 ASN A C   1 
ATOM   909  O  O   . ASN A 1 119 ? 15.059  -1.794  15.224  1.00 36.23 ? 120 ASN A O   1 
ATOM   910  C  CB  . ASN A 1 119 ? 14.103  -5.068  15.388  1.00 34.47 ? 120 ASN A CB  1 
ATOM   911  C  CG  . ASN A 1 119 ? 15.057  -6.220  15.255  1.00 36.59 ? 120 ASN A CG  1 
ATOM   912  O  OD1 . ASN A 1 119 ? 14.696  -7.368  15.563  1.00 40.77 ? 120 ASN A OD1 1 
ATOM   913  N  ND2 . ASN A 1 119 ? 16.285  -5.938  14.816  1.00 39.59 ? 120 ASN A ND2 1 
HETATM 914  O  O1  . AIN B 2 .   ? 1.992   -3.218  4.059   0.50 28.52 ? 141 AIN A O1  1 
HETATM 915  C  C7  . AIN B 2 .   ? 0.995   -4.044  3.770   0.50 32.12 ? 141 AIN A C7  1 
HETATM 916  O  O2  . AIN B 2 .   ? 0.295   -4.381  4.709   0.50 32.90 ? 141 AIN A O2  1 
HETATM 917  C  C3  . AIN B 2 .   ? 0.834   -4.613  2.394   0.50 32.34 ? 141 AIN A C3  1 
HETATM 918  C  C4  . AIN B 2 .   ? 1.658   -4.170  1.344   0.50 32.08 ? 141 AIN A C4  1 
HETATM 919  C  C5  . AIN B 2 .   ? 1.459   -4.666  0.058   0.50 31.39 ? 141 AIN A C5  1 
HETATM 920  C  C6  . AIN B 2 .   ? 0.437   -5.556  -0.217  0.50 31.52 ? 141 AIN A C6  1 
HETATM 921  C  C1  . AIN B 2 .   ? -0.436  -5.985  0.758   0.50 32.96 ? 141 AIN A C1  1 
HETATM 922  C  C2  . AIN B 2 .   ? -0.309  -5.549  2.069   0.50 33.22 ? 141 AIN A C2  1 
HETATM 923  O  O3  . AIN B 2 .   ? -1.112  -5.929  3.125   0.50 35.01 ? 141 AIN A O3  1 
HETATM 924  C  C8  . AIN B 2 .   ? -1.058  -7.153  3.948   0.50 35.75 ? 141 AIN A C8  1 
HETATM 925  O  O4  . AIN B 2 .   ? -2.086  -7.502  4.514   0.50 37.46 ? 141 AIN A O4  1 
HETATM 926  C  C9  . AIN B 2 .   ? 0.189   -7.980  4.118   0.50 36.44 ? 141 AIN A C9  1 
HETATM 927  CA CA  . CA  C 3 .   ? 3.311   -3.362  6.554   1.00 3.39  ? 201 CA  A CA  1 
HETATM 928  O  O   . HOH D 4 .   ? 10.775  -8.790  3.126   1.00 24.48 ? 202 HOH A O   1 
HETATM 929  O  O   . HOH D 4 .   ? -7.876  -0.800  1.791   1.00 16.42 ? 203 HOH A O   1 
HETATM 930  O  O   . HOH D 4 .   ? 7.856   -6.783  4.793   1.00 30.39 ? 204 HOH A O   1 
HETATM 931  O  O   . HOH D 4 .   ? -13.447 -8.613  -0.668  1.00 63.97 ? 205 HOH A O   1 
HETATM 932  O  O   . HOH D 4 .   ? -19.500 3.535   4.247   1.00 48.65 ? 206 HOH A O   1 
HETATM 933  O  O   . HOH D 4 .   ? -3.491  7.631   -11.414 1.00 26.25 ? 207 HOH A O   1 
HETATM 934  O  O   . HOH D 4 .   ? -9.989  10.115  -1.413  1.00 32.79 ? 208 HOH A O   1 
HETATM 935  O  O   . HOH D 4 .   ? -11.726 12.989  5.353   1.00 64.64 ? 209 HOH A O   1 
HETATM 936  O  O   . HOH D 4 .   ? 0.519   -5.845  -10.088 1.00 40.42 ? 210 HOH A O   1 
HETATM 937  O  O   . HOH D 4 .   ? 8.393   -4.191  -14.176 1.00 68.44 ? 211 HOH A O   1 
HETATM 938  O  O   . HOH D 4 .   ? 8.097   6.368   -6.520  1.00 48.03 ? 212 HOH A O   1 
HETATM 939  O  O   . HOH D 4 .   ? -10.120 7.031   -12.803 1.00 30.89 ? 213 HOH A O   1 
HETATM 940  O  O   . HOH D 4 .   ? -12.788 9.995   -1.827  1.00 33.35 ? 214 HOH A O   1 
HETATM 941  O  O   . HOH D 4 .   ? -3.904  10.460  -14.472 1.00 51.63 ? 215 HOH A O   1 
HETATM 942  O  O   . HOH D 4 .   ? 2.039   -9.301  -14.291 1.00 71.00 ? 216 HOH A O   1 
HETATM 943  O  O   . HOH D 4 .   ? 6.298   -10.550 -11.554 1.00 43.66 ? 217 HOH A O   1 
HETATM 944  O  O   . HOH D 4 .   ? -0.230  -0.565  9.522   1.00 37.63 ? 218 HOH A O   1 
HETATM 945  O  O   . HOH D 4 .   ? -18.251 0.331   3.324   1.00 43.19 ? 219 HOH A O   1 
HETATM 946  O  O   . HOH D 4 .   ? 12.034  -1.959  -11.456 1.00 56.50 ? 220 HOH A O   1 
HETATM 947  O  O   . HOH D 4 .   ? 16.348  -2.418  7.711   1.00 34.32 ? 221 HOH A O   1 
HETATM 948  O  O   . HOH D 4 .   ? 19.236  -4.017  0.908   1.00 49.98 ? 222 HOH A O   1 
HETATM 949  O  O   . HOH D 4 .   ? -9.618  -11.279 0.517   1.00 70.97 ? 223 HOH A O   1 
HETATM 950  O  O   . HOH D 4 .   ? -4.473  9.697   -8.813  1.00 49.74 ? 224 HOH A O   1 
HETATM 951  O  O   . HOH D 4 .   ? -8.615  -8.560  3.914   1.00 44.65 ? 225 HOH A O   1 
HETATM 952  O  O   . HOH D 4 .   ? -17.283 0.475   -3.836  1.00 37.86 ? 226 HOH A O   1 
HETATM 953  O  O   . HOH D 4 .   ? 6.009   -9.450  5.679   1.00 49.62 ? 227 HOH A O   1 
HETATM 954  O  O   . HOH D 4 .   ? -10.162 -7.788  0.890   1.00 54.33 ? 228 HOH A O   1 
HETATM 955  O  O   . HOH D 4 .   ? -3.057  10.066  2.259   1.00 40.37 ? 229 HOH A O   1 
HETATM 956  O  O   . HOH D 4 .   ? 3.893   -2.116  -15.294 1.00 53.37 ? 230 HOH A O   1 
HETATM 957  O  O   . HOH D 4 .   ? 16.161  -1.630  10.767  1.00 36.09 ? 231 HOH A O   1 
HETATM 958  O  O   . HOH D 4 .   ? 2.312   -3.928  9.134   1.00 52.96 ? 232 HOH A O   1 
HETATM 959  O  O   . HOH D 4 .   ? -13.849 -6.273  3.379   1.00 53.16 ? 233 HOH A O   1 
HETATM 960  O  O   . HOH D 4 .   ? -12.969 2.155   16.188  1.00 39.20 ? 234 HOH A O   1 
HETATM 961  O  O   . HOH D 4 .   ? 19.296  -4.179  8.472   1.00 51.34 ? 235 HOH A O   1 
HETATM 962  O  O   . HOH D 4 .   ? -16.478 -5.932  0.187   1.00 49.57 ? 236 HOH A O   1 
HETATM 963  O  O   . HOH D 4 .   ? 10.121  -10.942 -6.447  1.00 52.05 ? 237 HOH A O   1 
HETATM 964  O  O   . HOH D 4 .   ? -18.443 5.421   2.342   1.00 27.84 ? 238 HOH A O   1 
HETATM 965  O  O   . HOH D 4 .   ? -1.731  3.857   -14.671 1.00 67.81 ? 239 HOH A O   1 
HETATM 966  O  O   . HOH D 4 .   ? 19.295  -10.598 -5.015  1.00 54.08 ? 240 HOH A O   1 
HETATM 967  O  O   . HOH D 4 .   ? -13.465 -0.811  14.409  1.00 37.46 ? 241 HOH A O   1 
HETATM 968  O  O   . HOH D 4 .   ? 12.222  5.250   9.070   1.00 40.96 ? 242 HOH A O   1 
HETATM 969  O  O   . HOH D 4 .   ? 6.332   -13.459 4.745   1.00 65.90 ? 243 HOH A O   1 
HETATM 970  O  O   . HOH D 4 .   ? -8.595  10.457  -6.320  1.00 26.94 ? 244 HOH A O   1 
HETATM 971  O  O   . HOH D 4 .   ? 3.859   0.857   -14.325 1.00 42.40 ? 245 HOH A O   1 
HETATM 972  O  O   . HOH D 4 .   ? 16.356  -1.181  -4.348  1.00 44.83 ? 246 HOH A O   1 
HETATM 973  O  O   . HOH D 4 .   ? 8.628   -15.048 -5.150  1.00 70.16 ? 247 HOH A O   1 
HETATM 974  O  O   . HOH D 4 .   ? 19.108  0.556   11.033  1.00 39.43 ? 248 HOH A O   1 
HETATM 975  O  O   . HOH D 4 .   ? -4.959  8.211   6.884   1.00 29.71 ? 249 HOH A O   1 
HETATM 976  O  O   . HOH D 4 .   ? -18.305 -9.005  2.342   1.00 67.78 ? 250 HOH A O   1 
HETATM 977  O  O   . HOH D 4 .   ? 3.136   9.167   -3.303  1.00 70.40 ? 251 HOH A O   1 
HETATM 978  O  O   . HOH D 4 .   ? 2.356   -0.947  3.078   1.00 33.76 ? 252 HOH A O   1 
HETATM 979  O  O   . HOH D 4 .   ? -7.927  -9.364  -8.100  1.00 30.52 ? 253 HOH A O   1 
HETATM 980  O  O   . HOH D 4 .   ? 9.148   -5.229  10.114  1.00 32.03 ? 254 HOH A O   1 
HETATM 981  O  O   . HOH D 4 .   ? 5.194   9.264   8.188   1.00 28.65 ? 255 HOH A O   1 
HETATM 982  O  O   . HOH D 4 .   ? 0.105   8.673   1.558   1.00 41.98 ? 256 HOH A O   1 
HETATM 983  O  O   . HOH D 4 .   ? 3.009   2.344   10.596  1.00 25.78 ? 257 HOH A O   1 
HETATM 984  O  O   . HOH D 4 .   ? 9.556   6.156   -1.813  1.00 32.64 ? 258 HOH A O   1 
HETATM 985  O  O   . HOH D 4 .   ? -10.993 4.432   16.239  1.00 42.23 ? 259 HOH A O   1 
HETATM 986  O  O   . HOH D 4 .   ? -3.586  -2.078  9.457   1.00 66.76 ? 260 HOH A O   1 
HETATM 987  O  O   . HOH D 4 .   ? 13.388  -17.066 12.561  1.00 49.47 ? 261 HOH A O   1 
HETATM 988  O  O   . HOH D 4 .   ? -10.254 7.551   -16.168 1.00 54.87 ? 262 HOH A O   1 
HETATM 989  O  O   . HOH D 4 .   ? 18.834  0.060   14.053  1.00 52.77 ? 263 HOH A O   1 
HETATM 990  O  O   . HOH D 4 .   ? 17.813  -5.098  12.638  1.00 35.19 ? 264 HOH A O   1 
HETATM 991  O  O   . HOH D 4 .   ? -15.228 0.860   -6.574  1.00 28.52 ? 265 HOH A O   1 
HETATM 992  O  O   . HOH D 4 .   ? 16.036  2.698   -3.566  1.00 50.70 ? 266 HOH A O   1 
HETATM 993  O  O   . HOH D 4 .   ? 10.089  -11.643 5.060   1.00 32.75 ? 267 HOH A O   1 
HETATM 994  O  O   . HOH D 4 .   ? 10.878  7.939   7.361   1.00 34.12 ? 268 HOH A O   1 
HETATM 995  O  O   . HOH D 4 .   ? 2.913   5.325   -0.043  1.00 24.15 ? 269 HOH A O   1 
HETATM 996  O  O   . HOH D 4 .   ? 2.294   10.357  15.029  1.00 17.30 ? 270 HOH A O   1 
HETATM 997  O  O   . HOH D 4 .   ? -16.379 -4.392  3.656   1.00 61.73 ? 271 HOH A O   1 
HETATM 998  O  O   . HOH D 4 .   ? 4.860   7.834   -0.666  1.00 34.92 ? 272 HOH A O   1 
HETATM 999  O  O   . HOH D 4 .   ? 17.846  2.979   1.085   1.00 62.58 ? 273 HOH A O   1 
HETATM 1000 O  O   . HOH D 4 .   ? -5.751  1.692   -16.296 1.00 41.88 ? 274 HOH A O   1 
HETATM 1001 O  O   . HOH D 4 .   ? -3.590  4.263   15.302  1.00 31.03 ? 275 HOH A O   1 
HETATM 1002 O  O   . HOH D 4 .   ? -5.326  9.299   4.013   1.00 24.93 ? 276 HOH A O   1 
HETATM 1003 O  O   . HOH D 4 .   ? -14.208 -5.839  -2.062  1.00 47.40 ? 277 HOH A O   1 
HETATM 1004 O  O   . HOH D 4 .   ? 18.817  -7.586  0.662   1.00 28.19 ? 278 HOH A O   1 
HETATM 1005 O  O   . HOH D 4 .   ? -3.745  -0.652  -16.158 1.00 46.09 ? 279 HOH A O   1 
HETATM 1006 O  O   . HOH D 4 .   ? 0.266   5.739   1.225   1.00 23.25 ? 280 HOH A O   1 
HETATM 1007 O  O   . HOH D 4 .   ? 1.307   3.053   -13.908 1.00 54.71 ? 281 HOH A O   1 
HETATM 1008 O  O   . HOH D 4 .   ? 7.741   -15.697 0.052   1.00 62.05 ? 282 HOH A O   1 
HETATM 1009 O  O   . HOH D 4 .   ? -9.148  1.104   -18.824 1.00 30.65 ? 283 HOH A O   1 
HETATM 1010 O  O   . HOH D 4 .   ? -1.589  -3.416  11.628  1.00 48.21 ? 284 HOH A O   1 
HETATM 1011 O  O   . HOH D 4 .   ? -6.121  12.639  14.793  1.00 84.36 ? 285 HOH A O   1 
HETATM 1012 O  O   . HOH D 4 .   ? -12.008 -10.211 4.164   1.00 60.35 ? 286 HOH A O   1 
HETATM 1013 O  O   . HOH D 4 .   ? 9.760   0.745   14.185  1.00 68.79 ? 287 HOH A O   1 
HETATM 1014 O  O   . HOH D 4 .   ? 2.565   10.006  0.024   1.00 66.58 ? 288 HOH A O   1 
HETATM 1015 O  O   . HOH D 4 .   ? 11.096  -13.236 7.707   1.00 45.07 ? 289 HOH A O   1 
HETATM 1016 O  O   . HOH D 4 .   ? -21.028 6.598   1.947   1.00 71.38 ? 290 HOH A O   1 
HETATM 1017 O  O   . HOH D 4 .   ? 15.396  -12.400 -1.847  1.00 51.87 ? 291 HOH A O   1 
HETATM 1018 O  O   . HOH D 4 .   ? 6.241   -17.361 -2.892  1.00 69.53 ? 292 HOH A O   1 
HETATM 1019 O  O   . HOH D 4 .   ? 13.755  -16.219 9.794   1.00 67.66 ? 293 HOH A O   1 
HETATM 1020 O  O   . HOH D 4 .   ? 9.894   7.166   -4.554  1.00 60.41 ? 294 HOH A O   1 
HETATM 1021 O  O   . HOH D 4 .   ? -4.397  13.273  -1.418  1.00 44.50 ? 295 HOH A O   1 
HETATM 1022 O  O   . HOH D 4 .   ? -7.357  -10.382 -1.481  1.00 56.61 ? 296 HOH A O   1 
HETATM 1023 O  O   . HOH D 4 .   ? -7.014  11.794  4.818   1.00 57.94 ? 297 HOH A O   1 
HETATM 1024 O  O   . HOH D 4 .   ? 4.041   -0.501  10.339  1.00 46.93 ? 298 HOH A O   1 
HETATM 1025 O  O   . HOH D 4 .   ? 7.709   3.216   11.475  1.00 50.16 ? 299 HOH A O   1 
HETATM 1026 O  O   . HOH D 4 .   ? -10.909 -7.404  3.327   1.00 47.72 ? 300 HOH A O   1 
HETATM 1027 O  O   . HOH D 4 .   ? 8.115   -2.669  -10.664 1.00 33.39 ? 301 HOH A O   1 
HETATM 1028 O  O   . HOH D 4 .   ? 17.266  -11.508 16.591  1.00 59.67 ? 302 HOH A O   1 
HETATM 1029 O  O   . HOH D 4 .   ? 8.362   -1.039  -8.173  1.00 30.22 ? 303 HOH A O   1 
HETATM 1030 O  O   . HOH D 4 .   ? 12.178  -13.148 10.508  1.00 51.23 ? 304 HOH A O   1 
HETATM 1031 O  O   . HOH D 4 .   ? 10.868  -14.051 13.856  1.00 54.84 ? 305 HOH A O   1 
HETATM 1032 O  O   . HOH D 4 .   ? -14.592 -1.783  -5.758  1.00 24.57 ? 306 HOH A O   1 
# 
